data_2DMQ
#
_entry.id   2DMQ
#
_entity_poly.entity_id   1
_entity_poly.type   'polypeptide(L)'
_entity_poly.pdbx_seq_one_letter_code
;GSSGSSGKRMRTSFKHHQLRTMKSYFAINHNPDAKDLKQLAQKTGLTKRVLQVWFQNARAKFRRNLLRQENGGVSGPSSG
;
_entity_poly.pdbx_strand_id   A
#
# COMPACT_ATOMS: atom_id res chain seq x y z
N GLY A 1 -8.99 8.63 21.29
CA GLY A 1 -7.64 8.41 20.79
C GLY A 1 -7.40 6.98 20.37
N SER A 2 -8.32 6.43 19.57
CA SER A 2 -8.19 5.06 19.12
C SER A 2 -8.80 4.89 17.72
N SER A 3 -7.96 4.54 16.76
CA SER A 3 -8.40 4.37 15.38
C SER A 3 -8.90 2.93 15.15
N GLY A 4 -9.64 2.41 16.13
CA GLY A 4 -10.16 1.07 16.01
C GLY A 4 -9.07 0.03 15.85
N SER A 5 -8.66 -0.57 16.96
CA SER A 5 -7.61 -1.59 16.93
C SER A 5 -8.18 -2.97 17.18
N SER A 6 -8.21 -3.79 16.14
CA SER A 6 -8.73 -5.15 16.23
C SER A 6 -7.80 -6.14 15.57
N GLY A 7 -7.94 -7.42 15.94
CA GLY A 7 -7.10 -8.46 15.36
C GLY A 7 -7.67 -9.01 14.07
N LYS A 8 -7.49 -8.27 12.98
CA LYS A 8 -7.99 -8.70 11.68
C LYS A 8 -6.94 -8.47 10.59
N ARG A 9 -6.46 -9.56 10.00
CA ARG A 9 -5.46 -9.48 8.95
C ARG A 9 -5.59 -10.65 7.98
N MET A 10 -5.24 -10.41 6.72
CA MET A 10 -5.33 -11.45 5.69
C MET A 10 -4.53 -11.05 4.46
N ARG A 11 -4.12 -12.04 3.67
CA ARG A 11 -3.35 -11.80 2.46
C ARG A 11 -4.11 -12.25 1.23
N THR A 12 -3.94 -11.53 0.13
CA THR A 12 -4.61 -11.86 -1.12
C THR A 12 -3.81 -11.41 -2.33
N SER A 13 -4.14 -11.93 -3.50
CA SER A 13 -3.43 -11.57 -4.72
C SER A 13 -4.07 -10.35 -5.38
N PHE A 14 -3.29 -9.64 -6.20
CA PHE A 14 -3.78 -8.45 -6.87
C PHE A 14 -3.26 -8.40 -8.31
N LYS A 15 -3.89 -7.56 -9.13
CA LYS A 15 -3.49 -7.41 -10.52
C LYS A 15 -2.38 -6.36 -10.66
N HIS A 16 -1.88 -6.22 -11.88
CA HIS A 16 -0.82 -5.25 -12.16
C HIS A 16 -1.40 -3.91 -12.57
N HIS A 17 -2.68 -3.90 -12.92
CA HIS A 17 -3.36 -2.69 -13.33
C HIS A 17 -3.76 -1.85 -12.13
N GLN A 18 -4.68 -2.38 -11.32
CA GLN A 18 -5.13 -1.67 -10.13
C GLN A 18 -3.97 -1.23 -9.26
N LEU A 19 -3.07 -2.17 -8.96
CA LEU A 19 -1.91 -1.88 -8.14
C LEU A 19 -1.15 -0.66 -8.67
N ARG A 20 -0.91 -0.64 -9.97
CA ARG A 20 -0.20 0.47 -10.60
C ARG A 20 -0.67 1.81 -10.03
N THR A 21 -1.99 1.95 -9.87
CA THR A 21 -2.57 3.17 -9.34
C THR A 21 -2.27 3.32 -7.86
N MET A 22 -2.40 2.22 -7.12
CA MET A 22 -2.15 2.24 -5.67
C MET A 22 -0.66 2.48 -5.40
N LYS A 23 0.18 1.53 -5.79
CA LYS A 23 1.61 1.63 -5.59
C LYS A 23 2.11 3.04 -5.93
N SER A 24 1.72 3.53 -7.09
CA SER A 24 2.11 4.86 -7.54
C SER A 24 1.72 5.92 -6.52
N TYR A 25 0.51 5.78 -5.98
CA TYR A 25 0.01 6.73 -4.99
C TYR A 25 0.84 6.67 -3.71
N PHE A 26 1.15 5.45 -3.27
CA PHE A 26 1.94 5.25 -2.06
C PHE A 26 3.10 6.24 -1.99
N ALA A 27 3.67 6.54 -3.16
CA ALA A 27 4.79 7.48 -3.24
C ALA A 27 4.32 8.92 -3.10
N ILE A 28 3.14 9.22 -3.66
CA ILE A 28 2.59 10.56 -3.61
C ILE A 28 2.15 10.91 -2.19
N ASN A 29 1.38 10.01 -1.57
CA ASN A 29 0.89 10.23 -0.22
C ASN A 29 0.78 8.91 0.53
N HIS A 30 1.54 8.77 1.61
CA HIS A 30 1.53 7.56 2.42
C HIS A 30 0.24 7.46 3.22
N ASN A 31 -0.24 8.60 3.72
CA ASN A 31 -1.46 8.63 4.51
C ASN A 31 -2.60 9.28 3.72
N PRO A 32 -3.23 8.49 2.83
CA PRO A 32 -4.34 8.96 2.00
C PRO A 32 -5.61 9.23 2.81
N ASP A 33 -6.24 10.35 2.52
CA ASP A 33 -7.47 10.72 3.23
C ASP A 33 -8.68 10.03 2.62
N ALA A 34 -9.80 10.06 3.34
CA ALA A 34 -11.03 9.43 2.87
C ALA A 34 -11.23 9.69 1.37
N LYS A 35 -11.29 10.96 1.01
CA LYS A 35 -11.49 11.35 -0.39
C LYS A 35 -10.63 10.50 -1.31
N ASP A 36 -9.33 10.45 -1.04
CA ASP A 36 -8.40 9.67 -1.85
C ASP A 36 -8.78 8.18 -1.82
N LEU A 37 -9.17 7.69 -0.64
CA LEU A 37 -9.55 6.30 -0.49
C LEU A 37 -10.73 5.96 -1.38
N LYS A 38 -11.81 6.73 -1.24
CA LYS A 38 -13.01 6.51 -2.04
C LYS A 38 -12.72 6.65 -3.52
N GLN A 39 -11.79 7.54 -3.86
CA GLN A 39 -11.41 7.76 -5.25
C GLN A 39 -10.63 6.58 -5.80
N LEU A 40 -9.79 5.99 -4.96
CA LEU A 40 -8.98 4.83 -5.36
C LEU A 40 -9.85 3.59 -5.52
N ALA A 41 -10.79 3.40 -4.61
CA ALA A 41 -11.69 2.25 -4.65
C ALA A 41 -12.28 2.08 -6.04
N GLN A 42 -12.28 3.16 -6.82
CA GLN A 42 -12.82 3.13 -8.18
C GLN A 42 -11.71 2.89 -9.20
N LYS A 43 -10.65 3.68 -9.12
CA LYS A 43 -9.53 3.55 -10.04
C LYS A 43 -9.00 2.12 -10.06
N THR A 44 -9.23 1.40 -8.97
CA THR A 44 -8.77 0.02 -8.85
C THR A 44 -9.94 -0.95 -8.84
N GLY A 45 -11.04 -0.54 -8.19
CA GLY A 45 -12.21 -1.39 -8.12
C GLY A 45 -12.40 -2.01 -6.75
N LEU A 46 -11.32 -2.08 -5.98
CA LEU A 46 -11.37 -2.65 -4.64
C LEU A 46 -12.28 -1.84 -3.73
N THR A 47 -12.35 -2.24 -2.46
CA THR A 47 -13.18 -1.55 -1.49
C THR A 47 -12.33 -0.75 -0.50
N LYS A 48 -12.90 0.31 0.04
CA LYS A 48 -12.21 1.15 1.01
C LYS A 48 -11.37 0.30 1.97
N ARG A 49 -12.02 -0.65 2.62
CA ARG A 49 -11.34 -1.53 3.56
C ARG A 49 -10.09 -2.14 2.94
N VAL A 50 -10.29 -2.90 1.86
CA VAL A 50 -9.17 -3.54 1.17
C VAL A 50 -8.02 -2.56 0.95
N LEU A 51 -8.37 -1.34 0.52
CA LEU A 51 -7.37 -0.31 0.26
C LEU A 51 -6.65 0.08 1.55
N GLN A 52 -7.41 0.53 2.55
CA GLN A 52 -6.85 0.92 3.83
C GLN A 52 -5.82 -0.09 4.31
N VAL A 53 -6.20 -1.36 4.31
CA VAL A 53 -5.31 -2.43 4.75
C VAL A 53 -4.08 -2.51 3.86
N TRP A 54 -4.28 -2.85 2.59
CA TRP A 54 -3.17 -2.96 1.65
C TRP A 54 -2.15 -1.87 1.88
N PHE A 55 -2.61 -0.62 1.91
CA PHE A 55 -1.73 0.52 2.13
C PHE A 55 -0.95 0.37 3.44
N GLN A 56 -1.66 0.02 4.51
CA GLN A 56 -1.03 -0.16 5.82
C GLN A 56 0.05 -1.23 5.76
N ASN A 57 -0.22 -2.29 5.00
CA ASN A 57 0.73 -3.39 4.87
C ASN A 57 2.02 -2.92 4.21
N ALA A 58 1.89 -2.06 3.21
CA ALA A 58 3.06 -1.53 2.50
C ALA A 58 4.05 -0.90 3.48
N ARG A 59 3.61 0.13 4.19
CA ARG A 59 4.46 0.81 5.15
C ARG A 59 5.28 -0.19 5.95
N ALA A 60 4.67 -1.31 6.31
CA ALA A 60 5.35 -2.35 7.07
C ALA A 60 6.38 -3.08 6.22
N LYS A 61 6.00 -3.41 4.99
CA LYS A 61 6.90 -4.11 4.08
C LYS A 61 8.10 -3.24 3.72
N PHE A 62 7.83 -2.04 3.22
CA PHE A 62 8.89 -1.11 2.84
C PHE A 62 9.93 -1.00 3.95
N ARG A 63 9.47 -0.76 5.18
CA ARG A 63 10.37 -0.63 6.31
C ARG A 63 11.48 -1.68 6.25
N ARG A 64 11.20 -2.78 5.56
CA ARG A 64 12.18 -3.86 5.43
C ARG A 64 13.21 -3.54 4.35
N ASN A 65 12.71 -3.31 3.13
CA ASN A 65 13.58 -2.99 2.01
C ASN A 65 14.21 -1.61 2.18
N LEU A 66 13.69 -0.83 3.13
CA LEU A 66 14.20 0.51 3.39
C LEU A 66 15.56 0.45 4.07
N LEU A 67 15.69 -0.45 5.05
CA LEU A 67 16.94 -0.61 5.78
C LEU A 67 17.92 -1.47 4.99
N ARG A 68 17.38 -2.41 4.22
CA ARG A 68 18.21 -3.29 3.42
C ARG A 68 19.08 -2.51 2.44
N GLN A 69 20.19 -3.10 2.02
CA GLN A 69 21.10 -2.45 1.09
C GLN A 69 20.34 -1.69 0.01
N GLU A 70 19.47 -2.42 -0.71
CA GLU A 70 18.68 -1.81 -1.77
C GLU A 70 18.19 -0.42 -1.37
N ASN A 71 18.38 0.55 -2.25
CA ASN A 71 17.96 1.92 -1.99
C ASN A 71 18.12 2.78 -3.23
N GLY A 72 17.31 3.83 -3.32
CA GLY A 72 17.37 4.73 -4.46
C GLY A 72 18.04 6.05 -4.13
N GLY A 73 18.10 6.94 -5.11
CA GLY A 73 18.73 8.23 -4.91
C GLY A 73 20.21 8.12 -4.58
N VAL A 74 20.91 9.24 -4.63
CA VAL A 74 22.34 9.26 -4.34
C VAL A 74 22.60 9.37 -2.84
N SER A 75 23.25 8.36 -2.28
CA SER A 75 23.56 8.33 -0.86
C SER A 75 24.88 7.62 -0.60
N GLY A 76 25.48 7.88 0.56
CA GLY A 76 26.74 7.26 0.91
C GLY A 76 27.13 7.50 2.35
N PRO A 77 28.41 7.29 2.67
CA PRO A 77 28.94 7.48 4.02
C PRO A 77 28.98 8.95 4.42
N SER A 78 29.17 9.82 3.44
CA SER A 78 29.24 11.26 3.68
C SER A 78 28.27 11.66 4.78
N SER A 79 28.80 12.27 5.84
CA SER A 79 27.99 12.70 6.96
C SER A 79 26.67 13.28 6.48
N GLY A 80 25.57 12.58 6.80
CA GLY A 80 24.26 13.04 6.39
C GLY A 80 23.17 12.62 7.36
N GLY A 1 -17.91 2.72 15.53
CA GLY A 1 -16.98 2.27 14.50
C GLY A 1 -16.47 0.87 14.78
N SER A 2 -15.69 0.34 13.83
CA SER A 2 -15.14 -1.00 13.96
C SER A 2 -13.62 -0.98 13.81
N SER A 3 -12.93 -1.49 14.82
CA SER A 3 -11.47 -1.52 14.80
C SER A 3 -10.96 -2.89 14.36
N GLY A 4 -11.51 -3.94 14.96
CA GLY A 4 -11.10 -5.29 14.61
C GLY A 4 -11.29 -5.59 13.13
N SER A 5 -10.19 -5.76 12.42
CA SER A 5 -10.23 -6.05 10.99
C SER A 5 -11.34 -7.04 10.68
N SER A 6 -11.33 -8.18 11.38
CA SER A 6 -12.32 -9.22 11.16
C SER A 6 -12.51 -9.52 9.67
N GLY A 7 -11.39 -9.54 8.95
CA GLY A 7 -11.44 -9.81 7.52
C GLY A 7 -11.56 -11.29 7.22
N LYS A 8 -12.24 -11.61 6.12
CA LYS A 8 -12.43 -13.01 5.72
C LYS A 8 -11.26 -13.48 4.86
N ARG A 9 -10.91 -12.68 3.87
CA ARG A 9 -9.80 -13.02 2.97
C ARG A 9 -8.49 -12.43 3.46
N MET A 10 -7.68 -13.27 4.11
CA MET A 10 -6.39 -12.82 4.63
C MET A 10 -5.51 -12.27 3.52
N ARG A 11 -5.31 -13.06 2.48
CA ARG A 11 -4.48 -12.64 1.35
C ARG A 11 -5.30 -12.61 0.06
N THR A 12 -5.24 -11.49 -0.63
CA THR A 12 -5.97 -11.33 -1.89
C THR A 12 -5.03 -11.12 -3.06
N SER A 13 -5.38 -11.70 -4.21
CA SER A 13 -4.55 -11.57 -5.41
C SER A 13 -4.90 -10.29 -6.18
N PHE A 14 -3.98 -9.34 -6.17
CA PHE A 14 -4.20 -8.07 -6.86
C PHE A 14 -3.63 -8.12 -8.28
N LYS A 15 -4.16 -7.28 -9.16
CA LYS A 15 -3.71 -7.24 -10.55
C LYS A 15 -2.59 -6.21 -10.71
N HIS A 16 -2.01 -6.17 -11.90
CA HIS A 16 -0.93 -5.23 -12.21
C HIS A 16 -1.49 -3.89 -12.66
N HIS A 17 -2.78 -3.86 -12.96
CA HIS A 17 -3.44 -2.64 -13.41
C HIS A 17 -3.90 -1.80 -12.22
N GLN A 18 -4.82 -2.37 -11.44
CA GLN A 18 -5.35 -1.68 -10.27
C GLN A 18 -4.22 -1.16 -9.38
N LEU A 19 -3.28 -2.04 -9.06
CA LEU A 19 -2.16 -1.68 -8.21
C LEU A 19 -1.37 -0.51 -8.83
N ARG A 20 -1.10 -0.60 -10.12
CA ARG A 20 -0.37 0.45 -10.82
C ARG A 20 -0.86 1.83 -10.41
N THR A 21 -2.12 1.90 -10.02
CA THR A 21 -2.72 3.17 -9.59
C THR A 21 -2.56 3.38 -8.10
N MET A 22 -2.57 2.28 -7.35
CA MET A 22 -2.43 2.35 -5.90
C MET A 22 -0.98 2.58 -5.50
N LYS A 23 -0.09 1.69 -5.94
CA LYS A 23 1.32 1.80 -5.64
C LYS A 23 1.85 3.19 -6.00
N SER A 24 1.55 3.62 -7.22
CA SER A 24 2.00 4.93 -7.69
C SER A 24 1.62 6.02 -6.70
N TYR A 25 0.55 5.80 -5.96
CA TYR A 25 0.09 6.76 -4.97
C TYR A 25 0.89 6.65 -3.67
N PHE A 26 1.12 5.42 -3.24
CA PHE A 26 1.87 5.17 -2.02
C PHE A 26 3.12 6.05 -1.95
N ALA A 27 3.66 6.39 -3.12
CA ALA A 27 4.85 7.23 -3.20
C ALA A 27 4.50 8.69 -3.02
N ILE A 28 3.31 9.07 -3.48
CA ILE A 28 2.84 10.46 -3.38
C ILE A 28 2.42 10.78 -1.95
N ASN A 29 1.56 9.93 -1.39
CA ASN A 29 1.06 10.12 -0.03
C ASN A 29 0.93 8.79 0.69
N HIS A 30 1.70 8.63 1.78
CA HIS A 30 1.67 7.40 2.55
C HIS A 30 0.36 7.29 3.33
N ASN A 31 -0.09 8.40 3.89
CA ASN A 31 -1.33 8.42 4.66
C ASN A 31 -2.45 9.14 3.90
N PRO A 32 -3.07 8.42 2.96
CA PRO A 32 -4.16 8.96 2.13
C PRO A 32 -5.43 9.21 2.94
N ASP A 33 -6.15 10.26 2.58
CA ASP A 33 -7.39 10.61 3.28
C ASP A 33 -8.59 9.98 2.59
N ALA A 34 -9.71 9.96 3.29
CA ALA A 34 -10.94 9.37 2.75
C ALA A 34 -11.09 9.68 1.27
N LYS A 35 -11.05 10.96 0.93
CA LYS A 35 -11.18 11.39 -0.46
C LYS A 35 -10.35 10.51 -1.38
N ASP A 36 -9.07 10.33 -1.04
CA ASP A 36 -8.17 9.50 -1.84
C ASP A 36 -8.61 8.03 -1.79
N LEU A 37 -9.01 7.57 -0.61
CA LEU A 37 -9.45 6.20 -0.43
C LEU A 37 -10.59 5.86 -1.39
N LYS A 38 -11.64 6.66 -1.34
CA LYS A 38 -12.81 6.45 -2.21
C LYS A 38 -12.40 6.52 -3.68
N GLN A 39 -11.45 7.40 -3.99
CA GLN A 39 -10.98 7.56 -5.35
C GLN A 39 -10.33 6.29 -5.87
N LEU A 40 -9.44 5.71 -5.06
CA LEU A 40 -8.75 4.48 -5.43
C LEU A 40 -9.73 3.32 -5.55
N ALA A 41 -10.70 3.27 -4.64
CA ALA A 41 -11.70 2.21 -4.64
C ALA A 41 -12.26 2.00 -6.03
N GLN A 42 -12.62 3.09 -6.71
CA GLN A 42 -13.17 3.03 -8.05
C GLN A 42 -12.07 2.94 -9.09
N LYS A 43 -11.04 3.77 -8.93
CA LYS A 43 -9.92 3.79 -9.87
C LYS A 43 -9.27 2.41 -9.97
N THR A 44 -9.54 1.56 -8.97
CA THR A 44 -8.99 0.21 -8.94
C THR A 44 -10.09 -0.84 -8.89
N GLY A 45 -11.26 -0.44 -8.39
CA GLY A 45 -12.38 -1.35 -8.30
C GLY A 45 -12.47 -2.03 -6.94
N LEU A 46 -11.35 -2.07 -6.24
CA LEU A 46 -11.30 -2.70 -4.91
C LEU A 46 -12.15 -1.92 -3.91
N THR A 47 -12.44 -2.54 -2.78
CA THR A 47 -13.24 -1.90 -1.74
C THR A 47 -12.37 -1.03 -0.83
N LYS A 48 -13.02 -0.22 -0.01
CA LYS A 48 -12.30 0.66 0.91
C LYS A 48 -11.36 -0.14 1.81
N ARG A 49 -11.93 -1.08 2.56
CA ARG A 49 -11.13 -1.91 3.45
C ARG A 49 -9.84 -2.35 2.79
N VAL A 50 -9.96 -3.00 1.64
CA VAL A 50 -8.80 -3.48 0.89
C VAL A 50 -7.72 -2.41 0.82
N LEU A 51 -8.11 -1.21 0.42
CA LEU A 51 -7.17 -0.10 0.30
C LEU A 51 -6.58 0.25 1.66
N GLN A 52 -7.45 0.51 2.63
CA GLN A 52 -7.01 0.85 3.98
C GLN A 52 -5.93 -0.11 4.47
N VAL A 53 -6.24 -1.41 4.44
CA VAL A 53 -5.30 -2.42 4.87
C VAL A 53 -4.03 -2.42 4.01
N TRP A 54 -4.21 -2.71 2.73
CA TRP A 54 -3.09 -2.74 1.79
C TRP A 54 -2.12 -1.60 2.08
N PHE A 55 -2.63 -0.37 2.07
CA PHE A 55 -1.80 0.80 2.33
C PHE A 55 -1.12 0.70 3.69
N GLN A 56 -1.94 0.72 4.74
CA GLN A 56 -1.43 0.63 6.10
C GLN A 56 -0.32 -0.41 6.20
N ASN A 57 -0.48 -1.51 5.47
CA ASN A 57 0.51 -2.59 5.47
C ASN A 57 1.80 -2.15 4.76
N ALA A 58 1.63 -1.36 3.70
CA ALA A 58 2.78 -0.88 2.94
C ALA A 58 3.86 -0.32 3.86
N ARG A 59 3.51 0.71 4.62
CA ARG A 59 4.44 1.34 5.54
C ARG A 59 5.33 0.29 6.21
N ALA A 60 4.71 -0.75 6.73
CA ALA A 60 5.44 -1.83 7.39
C ALA A 60 6.36 -2.56 6.42
N LYS A 61 5.84 -2.81 5.21
CA LYS A 61 6.62 -3.50 4.19
C LYS A 61 7.78 -2.64 3.70
N PHE A 62 7.45 -1.54 3.03
CA PHE A 62 8.47 -0.64 2.51
C PHE A 62 9.65 -0.54 3.47
N ARG A 63 9.36 -0.26 4.73
CA ARG A 63 10.40 -0.14 5.75
C ARG A 63 11.37 -1.31 5.67
N ARG A 64 10.84 -2.52 5.63
CA ARG A 64 11.66 -3.72 5.55
C ARG A 64 12.55 -3.70 4.31
N ASN A 65 11.94 -3.45 3.16
CA ASN A 65 12.66 -3.39 1.90
C ASN A 65 13.92 -2.55 2.03
N LEU A 66 13.77 -1.38 2.65
CA LEU A 66 14.90 -0.47 2.85
C LEU A 66 16.09 -1.20 3.47
N LEU A 67 15.81 -2.04 4.45
CA LEU A 67 16.86 -2.80 5.13
C LEU A 67 17.61 -3.68 4.14
N ARG A 68 16.88 -4.26 3.20
CA ARG A 68 17.48 -5.12 2.19
C ARG A 68 17.71 -4.36 0.89
N GLN A 69 18.95 -3.92 0.68
CA GLN A 69 19.31 -3.17 -0.52
C GLN A 69 19.68 -4.13 -1.65
N GLU A 70 19.79 -3.58 -2.86
CA GLU A 70 20.14 -4.38 -4.02
C GLU A 70 21.62 -4.75 -4.02
N ASN A 71 21.93 -5.96 -4.43
CA ASN A 71 23.31 -6.43 -4.48
C ASN A 71 23.99 -6.03 -5.79
N GLY A 72 24.89 -5.05 -5.70
CA GLY A 72 25.59 -4.58 -6.89
C GLY A 72 26.92 -5.27 -7.06
N GLY A 73 27.10 -5.95 -8.19
CA GLY A 73 28.33 -6.65 -8.46
C GLY A 73 28.30 -7.41 -9.77
N VAL A 74 28.26 -8.74 -9.68
CA VAL A 74 28.22 -9.59 -10.86
C VAL A 74 27.06 -9.22 -11.78
N SER A 75 27.33 -9.10 -13.07
CA SER A 75 26.31 -8.74 -14.05
C SER A 75 25.12 -9.69 -13.95
N GLY A 76 25.42 -10.99 -13.86
CA GLY A 76 24.36 -11.98 -13.77
C GLY A 76 24.43 -13.00 -14.89
N PRO A 77 24.04 -14.25 -14.59
CA PRO A 77 24.05 -15.33 -15.57
C PRO A 77 22.97 -15.16 -16.63
N SER A 78 22.87 -16.14 -17.53
CA SER A 78 21.87 -16.09 -18.60
C SER A 78 21.75 -14.68 -19.16
N SER A 79 22.88 -14.10 -19.54
CA SER A 79 22.90 -12.75 -20.09
C SER A 79 23.25 -12.77 -21.57
N GLY A 80 22.68 -11.83 -22.33
CA GLY A 80 22.94 -11.76 -23.76
C GLY A 80 21.96 -10.85 -24.48
N GLY A 1 -15.35 2.71 13.60
CA GLY A 1 -15.20 1.71 14.64
C GLY A 1 -14.38 0.52 14.18
N SER A 2 -13.60 -0.05 15.10
CA SER A 2 -12.76 -1.20 14.78
C SER A 2 -12.88 -2.27 15.85
N SER A 3 -12.73 -3.53 15.45
CA SER A 3 -12.83 -4.65 16.37
C SER A 3 -11.45 -5.25 16.65
N GLY A 4 -10.80 -5.73 15.59
CA GLY A 4 -9.49 -6.32 15.74
C GLY A 4 -9.27 -7.50 14.82
N SER A 5 -8.02 -7.92 14.66
CA SER A 5 -7.68 -9.03 13.80
C SER A 5 -6.43 -9.75 14.29
N SER A 6 -6.06 -10.83 13.61
CA SER A 6 -4.88 -11.61 13.99
C SER A 6 -3.62 -10.99 13.41
N GLY A 7 -3.58 -10.87 12.08
CA GLY A 7 -2.43 -10.29 11.42
C GLY A 7 -2.73 -9.87 9.99
N LYS A 8 -2.13 -10.59 9.03
CA LYS A 8 -2.34 -10.29 7.62
C LYS A 8 -3.45 -11.15 7.03
N ARG A 9 -4.20 -10.59 6.09
CA ARG A 9 -5.30 -11.30 5.46
C ARG A 9 -5.09 -11.39 3.95
N MET A 10 -3.83 -11.60 3.55
CA MET A 10 -3.50 -11.70 2.13
C MET A 10 -3.67 -13.13 1.64
N ARG A 11 -4.74 -13.38 0.89
CA ARG A 11 -5.00 -14.71 0.35
C ARG A 11 -5.15 -14.67 -1.16
N THR A 12 -5.49 -13.49 -1.68
CA THR A 12 -5.67 -13.32 -3.12
C THR A 12 -4.71 -12.27 -3.67
N SER A 13 -3.85 -12.69 -4.61
CA SER A 13 -2.89 -11.80 -5.21
C SER A 13 -3.57 -10.71 -6.03
N PHE A 14 -3.07 -9.48 -5.92
CA PHE A 14 -3.64 -8.36 -6.64
C PHE A 14 -3.12 -8.31 -8.08
N LYS A 15 -3.83 -7.58 -8.94
CA LYS A 15 -3.43 -7.45 -10.33
C LYS A 15 -2.40 -6.36 -10.51
N HIS A 16 -1.69 -6.39 -11.64
CA HIS A 16 -0.67 -5.40 -11.93
C HIS A 16 -1.29 -4.10 -12.44
N HIS A 17 -2.59 -4.15 -12.71
CA HIS A 17 -3.31 -2.98 -13.20
C HIS A 17 -3.80 -2.11 -12.05
N GLN A 18 -4.70 -2.66 -11.23
CA GLN A 18 -5.25 -1.93 -10.09
C GLN A 18 -4.13 -1.40 -9.20
N LEU A 19 -3.17 -2.27 -8.89
CA LEU A 19 -2.05 -1.89 -8.04
C LEU A 19 -1.27 -0.72 -8.65
N ARG A 20 -1.01 -0.82 -9.95
CA ARG A 20 -0.28 0.23 -10.66
C ARG A 20 -0.78 1.61 -10.24
N THR A 21 -2.07 1.72 -9.98
CA THR A 21 -2.67 2.98 -9.57
C THR A 21 -2.36 3.30 -8.11
N MET A 22 -2.46 2.28 -7.26
CA MET A 22 -2.19 2.45 -5.84
C MET A 22 -0.70 2.68 -5.60
N LYS A 23 0.11 1.70 -5.96
CA LYS A 23 1.56 1.80 -5.79
C LYS A 23 2.04 3.22 -6.03
N SER A 24 1.72 3.76 -7.20
CA SER A 24 2.12 5.11 -7.57
C SER A 24 1.71 6.11 -6.48
N TYR A 25 0.48 5.98 -6.00
CA TYR A 25 -0.03 6.87 -4.97
C TYR A 25 0.76 6.71 -3.68
N PHE A 26 1.01 5.47 -3.29
CA PHE A 26 1.75 5.18 -2.07
C PHE A 26 2.96 6.10 -1.94
N ALA A 27 3.59 6.40 -3.07
CA ALA A 27 4.76 7.28 -3.09
C ALA A 27 4.35 8.75 -2.93
N ILE A 28 3.22 9.11 -3.52
CA ILE A 28 2.72 10.47 -3.45
C ILE A 28 2.28 10.82 -2.02
N ASN A 29 1.43 9.97 -1.44
CA ASN A 29 0.94 10.19 -0.09
C ASN A 29 0.82 8.87 0.67
N HIS A 30 1.70 8.67 1.65
CA HIS A 30 1.69 7.45 2.45
C HIS A 30 0.41 7.34 3.27
N ASN A 31 0.01 8.46 3.86
CA ASN A 31 -1.21 8.50 4.68
C ASN A 31 -2.31 9.28 3.98
N PRO A 32 -3.00 8.61 3.05
CA PRO A 32 -4.10 9.22 2.29
C PRO A 32 -5.33 9.48 3.15
N ASP A 33 -6.27 10.24 2.60
CA ASP A 33 -7.50 10.56 3.33
C ASP A 33 -8.69 9.82 2.74
N ALA A 34 -9.85 9.94 3.39
CA ALA A 34 -11.06 9.28 2.93
C ALA A 34 -11.34 9.61 1.47
N LYS A 35 -11.36 10.89 1.15
CA LYS A 35 -11.62 11.33 -0.21
C LYS A 35 -10.73 10.60 -1.21
N ASP A 36 -9.45 10.48 -0.88
CA ASP A 36 -8.49 9.79 -1.74
C ASP A 36 -8.82 8.30 -1.82
N LEU A 37 -9.25 7.73 -0.70
CA LEU A 37 -9.59 6.31 -0.66
C LEU A 37 -10.74 5.99 -1.60
N LYS A 38 -11.86 6.69 -1.40
CA LYS A 38 -13.04 6.49 -2.25
C LYS A 38 -12.69 6.63 -3.72
N GLN A 39 -11.79 7.56 -4.03
CA GLN A 39 -11.37 7.79 -5.41
C GLN A 39 -10.64 6.58 -5.96
N LEU A 40 -9.77 5.99 -5.14
CA LEU A 40 -9.00 4.82 -5.56
C LEU A 40 -9.91 3.60 -5.75
N ALA A 41 -10.81 3.39 -4.80
CA ALA A 41 -11.75 2.27 -4.86
C ALA A 41 -12.31 2.11 -6.27
N GLN A 42 -12.32 3.21 -7.02
CA GLN A 42 -12.83 3.19 -8.39
C GLN A 42 -11.72 2.90 -9.38
N LYS A 43 -10.58 3.57 -9.22
CA LYS A 43 -9.44 3.39 -10.10
C LYS A 43 -8.96 1.94 -10.07
N THR A 44 -9.15 1.29 -8.94
CA THR A 44 -8.73 -0.10 -8.78
C THR A 44 -9.93 -1.03 -8.76
N GLY A 45 -11.05 -0.55 -8.21
CA GLY A 45 -12.25 -1.35 -8.14
C GLY A 45 -12.45 -1.97 -6.77
N LEU A 46 -11.39 -2.01 -5.98
CA LEU A 46 -11.46 -2.58 -4.63
C LEU A 46 -12.25 -1.68 -3.70
N THR A 47 -12.58 -2.21 -2.52
CA THR A 47 -13.34 -1.45 -1.52
C THR A 47 -12.41 -0.66 -0.61
N LYS A 48 -12.99 0.32 0.09
CA LYS A 48 -12.22 1.15 1.01
C LYS A 48 -11.36 0.29 1.94
N ARG A 49 -12.00 -0.67 2.61
CA ARG A 49 -11.30 -1.55 3.53
C ARG A 49 -10.03 -2.10 2.89
N VAL A 50 -10.20 -2.98 1.91
CA VAL A 50 -9.06 -3.59 1.21
C VAL A 50 -7.96 -2.55 0.98
N LEU A 51 -8.35 -1.39 0.49
CA LEU A 51 -7.40 -0.31 0.21
C LEU A 51 -6.70 0.13 1.49
N GLN A 52 -7.48 0.31 2.56
CA GLN A 52 -6.92 0.73 3.84
C GLN A 52 -5.83 -0.22 4.30
N VAL A 53 -6.16 -1.51 4.36
CA VAL A 53 -5.20 -2.52 4.78
C VAL A 53 -3.94 -2.47 3.94
N TRP A 54 -4.08 -2.73 2.65
CA TRP A 54 -2.95 -2.72 1.72
C TRP A 54 -1.99 -1.59 2.07
N PHE A 55 -2.47 -0.35 1.93
CA PHE A 55 -1.66 0.82 2.22
C PHE A 55 -0.92 0.65 3.55
N GLN A 56 -1.63 0.15 4.55
CA GLN A 56 -1.06 -0.06 5.88
C GLN A 56 0.04 -1.11 5.84
N ASN A 57 -0.18 -2.15 5.03
CA ASN A 57 0.80 -3.23 4.91
C ASN A 57 2.09 -2.72 4.27
N ALA A 58 1.95 -1.81 3.30
CA ALA A 58 3.10 -1.25 2.61
C ALA A 58 4.09 -0.65 3.60
N ARG A 59 3.62 0.31 4.39
CA ARG A 59 4.47 0.96 5.38
C ARG A 59 5.35 -0.05 6.10
N ALA A 60 4.79 -1.19 6.45
CA ALA A 60 5.52 -2.25 7.13
C ALA A 60 6.57 -2.87 6.22
N LYS A 61 6.18 -3.13 4.97
CA LYS A 61 7.09 -3.72 4.00
C LYS A 61 8.28 -2.79 3.72
N PHE A 62 7.97 -1.58 3.26
CA PHE A 62 9.01 -0.60 2.96
C PHE A 62 10.06 -0.56 4.07
N ARG A 63 9.60 -0.37 5.31
CA ARG A 63 10.50 -0.30 6.45
C ARG A 63 11.30 -1.60 6.58
N ARG A 64 10.60 -2.73 6.53
CA ARG A 64 11.24 -4.03 6.65
C ARG A 64 12.48 -4.11 5.75
N ASN A 65 12.34 -3.66 4.52
CA ASN A 65 13.45 -3.68 3.57
C ASN A 65 14.66 -2.94 4.13
N LEU A 66 14.44 -1.68 4.55
CA LEU A 66 15.52 -0.87 5.11
C LEU A 66 16.27 -1.63 6.19
N LEU A 67 15.53 -2.22 7.13
CA LEU A 67 16.13 -2.99 8.21
C LEU A 67 16.92 -4.17 7.67
N ARG A 68 16.41 -4.79 6.61
CA ARG A 68 17.07 -5.93 6.01
C ARG A 68 18.28 -5.49 5.18
N GLN A 69 19.28 -6.36 5.09
CA GLN A 69 20.49 -6.07 4.33
C GLN A 69 20.88 -4.60 4.50
N GLU A 70 20.90 -4.13 5.75
CA GLU A 70 21.26 -2.75 6.04
C GLU A 70 22.43 -2.30 5.17
N ASN A 71 22.23 -1.20 4.45
CA ASN A 71 23.26 -0.67 3.57
C ASN A 71 24.27 0.16 4.36
N GLY A 72 25.47 0.30 3.82
CA GLY A 72 26.50 1.07 4.49
C GLY A 72 27.66 1.43 3.57
N GLY A 73 28.67 0.57 3.52
CA GLY A 73 29.81 0.82 2.67
C GLY A 73 29.43 1.48 1.36
N VAL A 74 28.66 0.77 0.54
CA VAL A 74 28.23 1.30 -0.75
C VAL A 74 27.37 2.55 -0.57
N SER A 75 27.84 3.66 -1.11
CA SER A 75 27.12 4.93 -1.00
C SER A 75 26.07 5.05 -2.11
N GLY A 76 25.29 6.12 -2.06
CA GLY A 76 24.26 6.33 -3.07
C GLY A 76 23.29 7.43 -2.67
N PRO A 77 22.75 8.12 -3.68
CA PRO A 77 21.80 9.22 -3.47
C PRO A 77 20.45 8.72 -2.95
N SER A 78 20.09 7.50 -3.31
CA SER A 78 18.83 6.91 -2.88
C SER A 78 19.07 5.78 -1.89
N SER A 79 19.14 6.12 -0.61
CA SER A 79 19.37 5.14 0.44
C SER A 79 18.51 3.90 0.22
N GLY A 80 19.09 2.73 0.49
CA GLY A 80 18.36 1.49 0.31
C GLY A 80 17.08 1.45 1.11
N GLY A 1 -2.02 11.86 20.05
CA GLY A 1 -1.50 10.61 19.51
C GLY A 1 -2.57 9.77 18.85
N SER A 2 -2.15 8.74 18.12
CA SER A 2 -3.09 7.87 17.43
C SER A 2 -2.52 6.45 17.31
N SER A 3 -3.40 5.49 17.06
CA SER A 3 -2.98 4.10 16.93
C SER A 3 -3.91 3.34 15.97
N GLY A 4 -3.55 2.10 15.67
CA GLY A 4 -4.36 1.29 14.77
C GLY A 4 -4.33 -0.18 15.12
N SER A 5 -4.24 -1.03 14.11
CA SER A 5 -4.19 -2.47 14.32
C SER A 5 -5.50 -2.96 14.93
N SER A 6 -6.62 -2.43 14.45
CA SER A 6 -7.93 -2.82 14.95
C SER A 6 -8.60 -3.83 14.02
N GLY A 7 -8.35 -5.12 14.29
CA GLY A 7 -8.93 -6.17 13.48
C GLY A 7 -8.17 -6.38 12.18
N LYS A 8 -8.44 -7.50 11.52
CA LYS A 8 -7.78 -7.83 10.27
C LYS A 8 -8.58 -8.85 9.47
N ARG A 9 -8.33 -8.91 8.17
CA ARG A 9 -9.03 -9.85 7.29
C ARG A 9 -8.07 -10.48 6.29
N MET A 10 -8.61 -11.37 5.45
CA MET A 10 -7.80 -12.04 4.44
C MET A 10 -7.67 -11.19 3.18
N ARG A 11 -6.57 -11.36 2.46
CA ARG A 11 -6.34 -10.61 1.23
C ARG A 11 -6.10 -11.55 0.05
N THR A 12 -6.61 -11.16 -1.11
CA THR A 12 -6.46 -11.96 -2.32
C THR A 12 -5.49 -11.31 -3.30
N SER A 13 -4.93 -12.13 -4.19
CA SER A 13 -3.97 -11.63 -5.17
C SER A 13 -4.46 -10.31 -5.79
N PHE A 14 -3.52 -9.54 -6.32
CA PHE A 14 -3.85 -8.26 -6.94
C PHE A 14 -3.26 -8.15 -8.34
N LYS A 15 -4.01 -7.55 -9.25
CA LYS A 15 -3.56 -7.39 -10.63
C LYS A 15 -2.59 -6.23 -10.75
N HIS A 16 -1.67 -6.33 -11.70
CA HIS A 16 -0.68 -5.28 -11.92
C HIS A 16 -1.36 -3.98 -12.37
N HIS A 17 -2.59 -4.10 -12.85
CA HIS A 17 -3.34 -2.93 -13.31
C HIS A 17 -3.74 -2.04 -12.13
N GLN A 18 -4.60 -2.56 -11.26
CA GLN A 18 -5.05 -1.82 -10.10
C GLN A 18 -3.87 -1.36 -9.24
N LEU A 19 -2.98 -2.29 -8.92
CA LEU A 19 -1.81 -1.98 -8.11
C LEU A 19 -1.04 -0.80 -8.71
N ARG A 20 -0.94 -0.78 -10.02
CA ARG A 20 -0.22 0.28 -10.72
C ARG A 20 -0.66 1.65 -10.22
N THR A 21 -1.96 1.81 -9.99
CA THR A 21 -2.51 3.06 -9.51
C THR A 21 -2.27 3.23 -8.01
N MET A 22 -2.34 2.13 -7.27
CA MET A 22 -2.13 2.16 -5.84
C MET A 22 -0.66 2.46 -5.51
N LYS A 23 0.23 1.54 -5.90
CA LYS A 23 1.65 1.70 -5.66
C LYS A 23 2.11 3.11 -6.02
N SER A 24 1.72 3.57 -7.20
CA SER A 24 2.10 4.90 -7.67
C SER A 24 1.67 5.96 -6.67
N TYR A 25 0.58 5.71 -5.97
CA TYR A 25 0.05 6.65 -4.97
C TYR A 25 0.87 6.58 -3.70
N PHE A 26 1.17 5.37 -3.24
CA PHE A 26 1.95 5.17 -2.03
C PHE A 26 3.17 6.09 -2.01
N ALA A 27 3.69 6.41 -3.19
CA ALA A 27 4.85 7.27 -3.32
C ALA A 27 4.47 8.74 -3.16
N ILE A 28 3.25 9.07 -3.58
CA ILE A 28 2.76 10.44 -3.48
C ILE A 28 2.27 10.75 -2.08
N ASN A 29 1.44 9.87 -1.53
CA ASN A 29 0.90 10.05 -0.19
C ASN A 29 0.87 8.72 0.56
N HIS A 30 1.33 8.76 1.81
CA HIS A 30 1.37 7.56 2.65
C HIS A 30 0.02 7.36 3.36
N ASN A 31 -0.47 8.42 3.97
CA ASN A 31 -1.73 8.36 4.70
C ASN A 31 -2.82 9.14 3.95
N PRO A 32 -3.41 8.49 2.93
CA PRO A 32 -4.46 9.10 2.11
C PRO A 32 -5.76 9.26 2.88
N ASP A 33 -6.40 10.42 2.72
CA ASP A 33 -7.67 10.70 3.40
C ASP A 33 -8.82 9.97 2.73
N ALA A 34 -10.00 10.07 3.33
CA ALA A 34 -11.19 9.41 2.79
C ALA A 34 -11.38 9.74 1.31
N LYS A 35 -11.53 11.03 1.01
CA LYS A 35 -11.71 11.47 -0.36
C LYS A 35 -10.79 10.72 -1.30
N ASP A 36 -9.52 10.61 -0.92
CA ASP A 36 -8.53 9.91 -1.74
C ASP A 36 -8.84 8.42 -1.80
N LEU A 37 -9.22 7.84 -0.66
CA LEU A 37 -9.53 6.42 -0.59
C LEU A 37 -10.69 6.08 -1.52
N LYS A 38 -11.82 6.76 -1.33
CA LYS A 38 -13.00 6.53 -2.16
C LYS A 38 -12.66 6.68 -3.64
N GLN A 39 -11.82 7.65 -3.95
CA GLN A 39 -11.41 7.89 -5.34
C GLN A 39 -10.68 6.68 -5.91
N LEU A 40 -9.80 6.09 -5.10
CA LEU A 40 -9.04 4.92 -5.53
C LEU A 40 -9.94 3.71 -5.71
N ALA A 41 -10.78 3.45 -4.72
CA ALA A 41 -11.71 2.33 -4.77
C ALA A 41 -12.26 2.14 -6.18
N GLN A 42 -12.37 3.23 -6.92
CA GLN A 42 -12.88 3.19 -8.28
C GLN A 42 -11.77 2.92 -9.29
N LYS A 43 -10.73 3.76 -9.25
CA LYS A 43 -9.60 3.61 -10.15
C LYS A 43 -9.05 2.19 -10.11
N THR A 44 -9.42 1.45 -9.06
CA THR A 44 -8.96 0.07 -8.91
C THR A 44 -10.15 -0.89 -8.77
N GLY A 45 -11.19 -0.44 -8.08
CA GLY A 45 -12.36 -1.26 -7.89
C GLY A 45 -12.45 -1.83 -6.49
N LEU A 46 -11.30 -1.95 -5.83
CA LEU A 46 -11.25 -2.48 -4.47
C LEU A 46 -12.16 -1.69 -3.54
N THR A 47 -12.31 -2.18 -2.32
CA THR A 47 -13.15 -1.51 -1.32
C THR A 47 -12.32 -0.71 -0.33
N LYS A 48 -12.91 0.34 0.22
CA LYS A 48 -12.21 1.20 1.18
C LYS A 48 -11.35 0.36 2.12
N ARG A 49 -11.92 -0.73 2.63
CA ARG A 49 -11.20 -1.61 3.54
C ARG A 49 -9.93 -2.15 2.89
N VAL A 50 -10.10 -2.98 1.86
CA VAL A 50 -8.97 -3.56 1.15
C VAL A 50 -7.86 -2.55 0.97
N LEU A 51 -8.19 -1.42 0.35
CA LEU A 51 -7.20 -0.36 0.12
C LEU A 51 -6.51 0.03 1.42
N GLN A 52 -7.30 0.40 2.42
CA GLN A 52 -6.76 0.80 3.72
C GLN A 52 -5.73 -0.20 4.21
N VAL A 53 -6.10 -1.47 4.22
CA VAL A 53 -5.19 -2.53 4.67
C VAL A 53 -3.93 -2.56 3.82
N TRP A 54 -4.09 -2.87 2.55
CA TRP A 54 -2.96 -2.94 1.62
C TRP A 54 -1.96 -1.83 1.90
N PHE A 55 -2.44 -0.59 1.90
CA PHE A 55 -1.59 0.57 2.16
C PHE A 55 -0.88 0.44 3.50
N GLN A 56 -1.65 0.10 4.53
CA GLN A 56 -1.11 -0.04 5.87
C GLN A 56 0.01 -1.09 5.89
N ASN A 57 -0.15 -2.13 5.09
CA ASN A 57 0.84 -3.20 5.01
C ASN A 57 2.12 -2.70 4.34
N ALA A 58 1.98 -1.73 3.45
CA ALA A 58 3.12 -1.16 2.75
C ALA A 58 4.04 -0.40 3.71
N ARG A 59 3.45 0.47 4.52
CA ARG A 59 4.22 1.25 5.49
C ARG A 59 5.14 0.34 6.31
N ALA A 60 4.83 -0.95 6.34
CA ALA A 60 5.63 -1.91 7.08
C ALA A 60 6.87 -2.30 6.30
N LYS A 61 6.69 -2.76 5.08
CA LYS A 61 7.80 -3.17 4.22
C LYS A 61 8.70 -1.98 3.92
N PHE A 62 8.11 -0.80 3.81
CA PHE A 62 8.87 0.42 3.51
C PHE A 62 10.04 0.57 4.48
N ARG A 63 9.73 0.55 5.78
CA ARG A 63 10.76 0.70 6.80
C ARG A 63 12.01 -0.09 6.44
N ARG A 64 11.83 -1.34 6.05
CA ARG A 64 12.95 -2.19 5.67
C ARG A 64 13.92 -1.45 4.75
N ASN A 65 13.39 -0.89 3.67
CA ASN A 65 14.20 -0.15 2.71
C ASN A 65 15.18 0.77 3.43
N LEU A 66 14.65 1.63 4.31
CA LEU A 66 15.47 2.57 5.07
C LEU A 66 16.67 1.85 5.68
N LEU A 67 16.43 0.68 6.25
CA LEU A 67 17.50 -0.11 6.87
C LEU A 67 18.58 -0.46 5.86
N ARG A 68 18.18 -0.66 4.61
CA ARG A 68 19.11 -1.00 3.55
C ARG A 68 19.89 -2.27 3.90
N GLN A 69 19.18 -3.26 4.41
CA GLN A 69 19.81 -4.53 4.79
C GLN A 69 19.77 -5.52 3.63
N GLU A 70 20.03 -5.03 2.43
CA GLU A 70 20.03 -5.87 1.24
C GLU A 70 21.39 -5.84 0.55
N ASN A 71 22.30 -6.68 1.02
CA ASN A 71 23.64 -6.77 0.45
C ASN A 71 23.59 -6.75 -1.07
N GLY A 72 24.51 -6.02 -1.69
CA GLY A 72 24.55 -5.95 -3.14
C GLY A 72 25.74 -5.14 -3.65
N GLY A 73 25.68 -4.74 -4.91
CA GLY A 73 26.77 -3.97 -5.49
C GLY A 73 26.52 -2.47 -5.42
N VAL A 74 26.25 -1.98 -4.21
CA VAL A 74 26.00 -0.56 -4.00
C VAL A 74 27.24 0.27 -4.32
N SER A 75 27.15 1.07 -5.39
CA SER A 75 28.27 1.91 -5.79
C SER A 75 27.76 3.20 -6.44
N GLY A 76 28.36 4.32 -6.04
CA GLY A 76 27.95 5.60 -6.59
C GLY A 76 28.86 6.73 -6.16
N PRO A 77 28.39 7.98 -6.30
CA PRO A 77 29.16 9.17 -5.93
C PRO A 77 29.34 9.30 -4.42
N SER A 78 30.57 9.60 -4.00
CA SER A 78 30.87 9.75 -2.58
C SER A 78 30.18 10.99 -2.01
N SER A 79 30.32 11.18 -0.70
CA SER A 79 29.71 12.32 -0.03
C SER A 79 30.76 13.11 0.76
N GLY A 80 31.20 14.22 0.19
CA GLY A 80 32.19 15.06 0.85
C GLY A 80 33.58 14.86 0.27
N GLY A 1 -29.54 2.78 7.29
CA GLY A 1 -28.27 3.17 6.73
C GLY A 1 -27.43 1.97 6.31
N SER A 2 -26.32 2.24 5.63
CA SER A 2 -25.43 1.17 5.17
C SER A 2 -25.19 0.16 6.28
N SER A 3 -25.42 -1.12 5.98
CA SER A 3 -25.22 -2.18 6.95
C SER A 3 -23.85 -2.82 6.79
N GLY A 4 -23.41 -3.54 7.82
CA GLY A 4 -22.11 -4.18 7.78
C GLY A 4 -22.20 -5.67 8.00
N SER A 5 -21.73 -6.45 7.02
CA SER A 5 -21.76 -7.91 7.11
C SER A 5 -20.38 -8.49 6.84
N SER A 6 -19.81 -9.15 7.85
CA SER A 6 -18.49 -9.76 7.73
C SER A 6 -18.44 -11.08 8.49
N GLY A 7 -17.31 -11.77 8.37
CA GLY A 7 -17.15 -13.04 9.06
C GLY A 7 -16.07 -13.91 8.42
N LYS A 8 -16.28 -14.30 7.16
CA LYS A 8 -15.33 -15.13 6.44
C LYS A 8 -14.26 -14.27 5.78
N ARG A 9 -13.17 -14.90 5.38
CA ARG A 9 -12.06 -14.20 4.73
C ARG A 9 -11.38 -15.10 3.70
N MET A 10 -10.72 -14.48 2.73
CA MET A 10 -10.02 -15.22 1.68
C MET A 10 -8.79 -14.46 1.21
N ARG A 11 -7.75 -15.18 0.84
CA ARG A 11 -6.52 -14.58 0.35
C ARG A 11 -6.80 -13.33 -0.45
N THR A 12 -5.98 -12.29 -0.26
CA THR A 12 -6.16 -11.03 -0.97
C THR A 12 -5.23 -10.95 -2.18
N SER A 13 -5.79 -11.16 -3.37
CA SER A 13 -5.01 -11.12 -4.60
C SER A 13 -5.22 -9.80 -5.33
N PHE A 14 -4.12 -9.23 -5.83
CA PHE A 14 -4.18 -7.95 -6.54
C PHE A 14 -3.60 -8.10 -7.95
N LYS A 15 -4.24 -7.44 -8.91
CA LYS A 15 -3.80 -7.49 -10.30
C LYS A 15 -2.64 -6.53 -10.53
N HIS A 16 -2.02 -6.63 -11.69
CA HIS A 16 -0.89 -5.76 -12.04
C HIS A 16 -1.39 -4.41 -12.55
N HIS A 17 -2.70 -4.32 -12.79
CA HIS A 17 -3.29 -3.08 -13.28
C HIS A 17 -3.73 -2.19 -12.12
N GLN A 18 -4.71 -2.65 -11.36
CA GLN A 18 -5.22 -1.90 -10.22
C GLN A 18 -4.07 -1.39 -9.35
N LEU A 19 -3.17 -2.29 -8.98
CA LEU A 19 -2.02 -1.94 -8.16
C LEU A 19 -1.26 -0.76 -8.75
N ARG A 20 -0.91 -0.88 -10.03
CA ARG A 20 -0.18 0.18 -10.72
C ARG A 20 -0.62 1.56 -10.23
N THR A 21 -1.93 1.75 -10.12
CA THR A 21 -2.49 3.02 -9.66
C THR A 21 -2.25 3.23 -8.17
N MET A 22 -2.38 2.14 -7.40
CA MET A 22 -2.16 2.22 -5.96
C MET A 22 -0.69 2.46 -5.64
N LYS A 23 0.16 1.50 -5.99
CA LYS A 23 1.59 1.61 -5.75
C LYS A 23 2.11 2.99 -6.13
N SER A 24 1.70 3.47 -7.31
CA SER A 24 2.11 4.78 -7.80
C SER A 24 1.72 5.88 -6.81
N TYR A 25 0.61 5.66 -6.10
CA TYR A 25 0.12 6.63 -5.13
C TYR A 25 0.92 6.55 -3.84
N PHE A 26 1.24 5.33 -3.42
CA PHE A 26 2.00 5.11 -2.19
C PHE A 26 3.18 6.07 -2.12
N ALA A 27 3.71 6.45 -3.28
CA ALA A 27 4.85 7.36 -3.34
C ALA A 27 4.41 8.80 -3.09
N ILE A 28 3.23 9.15 -3.60
CA ILE A 28 2.70 10.50 -3.44
C ILE A 28 2.24 10.73 -2.00
N ASN A 29 1.42 9.82 -1.50
CA ASN A 29 0.91 9.94 -0.13
C ASN A 29 0.82 8.57 0.52
N HIS A 30 1.19 8.50 1.80
CA HIS A 30 1.15 7.24 2.54
C HIS A 30 -0.20 7.07 3.22
N ASN A 31 -0.63 8.10 3.95
CA ASN A 31 -1.91 8.06 4.66
C ASN A 31 -2.94 8.94 3.97
N PRO A 32 -3.56 8.42 2.90
CA PRO A 32 -4.57 9.14 2.13
C PRO A 32 -5.87 9.32 2.91
N ASP A 33 -6.47 10.49 2.79
CA ASP A 33 -7.71 10.79 3.48
C ASP A 33 -8.88 10.01 2.87
N ALA A 34 -10.03 10.04 3.54
CA ALA A 34 -11.21 9.35 3.06
C ALA A 34 -11.44 9.60 1.57
N LYS A 35 -11.45 10.87 1.19
CA LYS A 35 -11.66 11.25 -0.20
C LYS A 35 -10.73 10.45 -1.13
N ASP A 36 -9.44 10.54 -0.87
CA ASP A 36 -8.45 9.83 -1.68
C ASP A 36 -8.76 8.33 -1.71
N LEU A 37 -9.09 7.78 -0.55
CA LEU A 37 -9.40 6.36 -0.44
C LEU A 37 -10.52 5.97 -1.39
N LYS A 38 -11.67 6.63 -1.25
CA LYS A 38 -12.82 6.35 -2.11
C LYS A 38 -12.47 6.58 -3.58
N GLN A 39 -11.60 7.55 -3.83
CA GLN A 39 -11.18 7.88 -5.19
C GLN A 39 -10.40 6.71 -5.81
N LEU A 40 -9.74 5.94 -4.96
CA LEU A 40 -8.95 4.80 -5.42
C LEU A 40 -9.84 3.58 -5.61
N ALA A 41 -10.79 3.39 -4.70
CA ALA A 41 -11.71 2.26 -4.78
C ALA A 41 -12.28 2.11 -6.19
N GLN A 42 -12.42 3.22 -6.89
CA GLN A 42 -12.95 3.21 -8.24
C GLN A 42 -11.84 2.96 -9.26
N LYS A 43 -10.78 3.75 -9.18
CA LYS A 43 -9.66 3.61 -10.10
C LYS A 43 -9.17 2.17 -10.15
N THR A 44 -9.10 1.52 -8.99
CA THR A 44 -8.66 0.14 -8.91
C THR A 44 -9.84 -0.82 -8.92
N GLY A 45 -10.89 -0.46 -8.20
CA GLY A 45 -12.08 -1.30 -8.13
C GLY A 45 -12.30 -1.89 -6.76
N LEU A 46 -11.24 -1.95 -5.97
CA LEU A 46 -11.31 -2.51 -4.62
C LEU A 46 -12.23 -1.67 -3.74
N THR A 47 -12.31 -2.04 -2.46
CA THR A 47 -13.16 -1.31 -1.51
C THR A 47 -12.30 -0.56 -0.50
N LYS A 48 -12.92 0.39 0.19
CA LYS A 48 -12.23 1.19 1.20
C LYS A 48 -11.36 0.30 2.09
N ARG A 49 -11.95 -0.76 2.61
CA ARG A 49 -11.23 -1.69 3.48
C ARG A 49 -9.93 -2.15 2.81
N VAL A 50 -10.06 -2.89 1.72
CA VAL A 50 -8.89 -3.39 1.00
C VAL A 50 -7.82 -2.32 0.86
N LEU A 51 -8.21 -1.16 0.34
CA LEU A 51 -7.28 -0.05 0.17
C LEU A 51 -6.58 0.28 1.48
N GLN A 52 -7.36 0.50 2.53
CA GLN A 52 -6.81 0.82 3.84
C GLN A 52 -5.74 -0.18 4.24
N VAL A 53 -6.17 -1.42 4.51
CA VAL A 53 -5.25 -2.48 4.90
C VAL A 53 -3.99 -2.46 4.04
N TRP A 54 -4.17 -2.64 2.74
CA TRP A 54 -3.04 -2.65 1.80
C TRP A 54 -2.05 -1.54 2.15
N PHE A 55 -2.47 -0.30 1.97
CA PHE A 55 -1.63 0.85 2.25
C PHE A 55 -0.91 0.68 3.58
N GLN A 56 -1.67 0.35 4.63
CA GLN A 56 -1.12 0.16 5.96
C GLN A 56 0.03 -0.85 5.93
N ASN A 57 -0.14 -1.91 5.14
CA ASN A 57 0.87 -2.94 5.02
C ASN A 57 2.03 -2.47 4.15
N ALA A 58 1.77 -1.47 3.32
CA ALA A 58 2.79 -0.92 2.44
C ALA A 58 3.89 -0.22 3.23
N ARG A 59 3.49 0.75 4.05
CA ARG A 59 4.44 1.50 4.87
C ARG A 59 5.37 0.56 5.62
N ALA A 60 4.84 -0.60 6.00
CA ALA A 60 5.63 -1.59 6.74
C ALA A 60 6.53 -2.38 5.81
N LYS A 61 6.02 -2.66 4.60
CA LYS A 61 6.78 -3.41 3.61
C LYS A 61 7.95 -2.60 3.09
N PHE A 62 7.65 -1.47 2.45
CA PHE A 62 8.69 -0.60 1.90
C PHE A 62 9.89 -0.54 2.83
N ARG A 63 9.65 -0.12 4.07
CA ARG A 63 10.72 -0.02 5.06
C ARG A 63 11.68 -1.19 4.95
N ARG A 64 11.13 -2.37 4.72
CA ARG A 64 11.95 -3.59 4.60
C ARG A 64 12.72 -3.58 3.29
N ASN A 65 12.09 -3.06 2.24
CA ASN A 65 12.72 -3.01 0.92
C ASN A 65 14.03 -2.23 0.98
N LEU A 66 14.17 -1.40 2.01
CA LEU A 66 15.38 -0.60 2.17
C LEU A 66 16.54 -1.46 2.65
N LEU A 67 16.29 -2.28 3.66
CA LEU A 67 17.32 -3.16 4.21
C LEU A 67 17.80 -4.15 3.15
N ARG A 68 16.89 -4.60 2.30
CA ARG A 68 17.22 -5.56 1.25
C ARG A 68 17.97 -4.87 0.12
N GLN A 69 18.44 -5.66 -0.85
CA GLN A 69 19.18 -5.12 -1.99
C GLN A 69 18.39 -4.02 -2.68
N GLU A 70 18.86 -2.78 -2.54
CA GLU A 70 18.20 -1.64 -3.16
C GLU A 70 18.20 -1.76 -4.67
N ASN A 71 17.03 -2.03 -5.24
CA ASN A 71 16.89 -2.17 -6.68
C ASN A 71 16.25 -0.93 -7.30
N GLY A 72 16.99 -0.28 -8.19
CA GLY A 72 16.48 0.92 -8.84
C GLY A 72 17.31 2.15 -8.53
N GLY A 73 16.79 3.32 -8.88
CA GLY A 73 17.51 4.55 -8.63
C GLY A 73 16.77 5.50 -7.72
N VAL A 74 16.89 5.28 -6.42
CA VAL A 74 16.21 6.12 -5.43
C VAL A 74 17.01 6.20 -4.14
N SER A 75 17.30 7.43 -3.71
CA SER A 75 18.06 7.65 -2.48
C SER A 75 18.11 9.13 -2.14
N GLY A 76 17.79 9.45 -0.88
CA GLY A 76 17.81 10.83 -0.45
C GLY A 76 16.80 11.11 0.65
N PRO A 77 17.11 10.64 1.87
CA PRO A 77 16.23 10.82 3.03
C PRO A 77 16.17 12.29 3.49
N SER A 78 15.21 12.58 4.35
CA SER A 78 15.03 13.95 4.86
C SER A 78 15.65 14.08 6.25
N SER A 79 16.14 15.28 6.56
CA SER A 79 16.76 15.54 7.85
C SER A 79 16.87 17.03 8.10
N GLY A 80 16.23 17.51 9.16
CA GLY A 80 16.26 18.92 9.50
C GLY A 80 15.86 19.80 8.33
N GLY A 1 -5.50 9.13 20.60
CA GLY A 1 -5.47 7.96 19.77
C GLY A 1 -6.32 8.10 18.51
N SER A 2 -5.67 8.05 17.35
CA SER A 2 -6.37 8.19 16.09
C SER A 2 -6.87 6.82 15.58
N SER A 3 -5.98 5.84 15.60
CA SER A 3 -6.32 4.50 15.14
C SER A 3 -7.42 3.90 16.01
N GLY A 4 -8.44 3.34 15.35
CA GLY A 4 -9.55 2.74 16.08
C GLY A 4 -9.76 1.29 15.71
N SER A 5 -10.63 1.06 14.72
CA SER A 5 -10.93 -0.30 14.27
C SER A 5 -9.89 -0.78 13.26
N SER A 6 -9.74 -2.09 13.15
CA SER A 6 -8.78 -2.68 12.23
C SER A 6 -9.41 -3.83 11.44
N GLY A 7 -8.86 -4.09 10.26
CA GLY A 7 -9.38 -5.16 9.43
C GLY A 7 -9.04 -6.54 9.97
N LYS A 8 -9.14 -7.55 9.10
CA LYS A 8 -8.84 -8.92 9.49
C LYS A 8 -7.70 -9.49 8.65
N ARG A 9 -7.09 -10.56 9.16
CA ARG A 9 -5.99 -11.21 8.45
C ARG A 9 -6.48 -11.91 7.19
N MET A 10 -5.89 -11.56 6.05
CA MET A 10 -6.27 -12.16 4.77
C MET A 10 -5.07 -12.27 3.85
N ARG A 11 -5.03 -13.34 3.06
CA ARG A 11 -3.94 -13.56 2.12
C ARG A 11 -4.46 -13.74 0.70
N THR A 12 -4.68 -12.63 0.01
CA THR A 12 -5.18 -12.67 -1.37
C THR A 12 -4.23 -11.94 -2.31
N SER A 13 -4.30 -12.30 -3.59
CA SER A 13 -3.45 -11.69 -4.60
C SER A 13 -4.15 -10.51 -5.26
N PHE A 14 -3.39 -9.71 -6.00
CA PHE A 14 -3.94 -8.55 -6.69
C PHE A 14 -3.47 -8.50 -8.15
N LYS A 15 -4.02 -7.56 -8.90
CA LYS A 15 -3.67 -7.40 -10.31
C LYS A 15 -2.58 -6.35 -10.48
N HIS A 16 -2.04 -6.26 -11.69
CA HIS A 16 -0.99 -5.29 -11.99
C HIS A 16 -1.60 -3.99 -12.50
N HIS A 17 -2.89 -4.01 -12.79
CA HIS A 17 -3.58 -2.82 -13.28
C HIS A 17 -4.06 -1.94 -12.13
N GLN A 18 -4.68 -2.56 -11.14
CA GLN A 18 -5.19 -1.85 -9.98
C GLN A 18 -4.04 -1.39 -9.09
N LEU A 19 -3.10 -2.28 -8.83
CA LEU A 19 -1.95 -1.97 -7.99
C LEU A 19 -1.15 -0.80 -8.57
N ARG A 20 -1.05 -0.77 -9.90
CA ARG A 20 -0.32 0.28 -10.58
C ARG A 20 -0.80 1.66 -10.12
N THR A 21 -2.09 1.78 -9.84
CA THR A 21 -2.66 3.03 -9.39
C THR A 21 -2.36 3.29 -7.92
N MET A 22 -2.36 2.22 -7.12
CA MET A 22 -2.09 2.33 -5.70
C MET A 22 -0.58 2.51 -5.45
N LYS A 23 0.19 1.50 -5.81
CA LYS A 23 1.64 1.54 -5.63
C LYS A 23 2.19 2.92 -5.99
N SER A 24 1.78 3.43 -7.14
CA SER A 24 2.22 4.74 -7.60
C SER A 24 1.84 5.82 -6.60
N TYR A 25 0.68 5.67 -5.98
CA TYR A 25 0.20 6.64 -5.00
C TYR A 25 1.04 6.60 -3.74
N PHE A 26 1.36 5.39 -3.28
CA PHE A 26 2.15 5.21 -2.08
C PHE A 26 3.34 6.17 -2.05
N ALA A 27 3.82 6.53 -3.24
CA ALA A 27 4.95 7.45 -3.36
C ALA A 27 4.49 8.89 -3.21
N ILE A 28 3.28 9.18 -3.66
CA ILE A 28 2.73 10.53 -3.58
C ILE A 28 2.27 10.84 -2.16
N ASN A 29 1.47 9.95 -1.58
CA ASN A 29 0.97 10.14 -0.23
C ASN A 29 0.85 8.80 0.50
N HIS A 30 1.36 8.76 1.72
CA HIS A 30 1.32 7.54 2.52
C HIS A 30 -0.01 7.44 3.28
N ASN A 31 -0.44 8.54 3.86
CA ASN A 31 -1.69 8.57 4.62
C ASN A 31 -2.75 9.35 3.86
N PRO A 32 -3.40 8.68 2.88
CA PRO A 32 -4.45 9.29 2.06
C PRO A 32 -5.73 9.55 2.85
N ASP A 33 -6.37 10.67 2.58
CA ASP A 33 -7.60 11.03 3.26
C ASP A 33 -8.80 10.31 2.66
N ALA A 34 -9.85 10.13 3.46
CA ALA A 34 -11.06 9.45 3.00
C ALA A 34 -11.35 9.79 1.54
N LYS A 35 -11.45 11.07 1.24
CA LYS A 35 -11.73 11.53 -0.11
C LYS A 35 -10.88 10.77 -1.13
N ASP A 36 -9.59 10.65 -0.85
CA ASP A 36 -8.67 9.94 -1.74
C ASP A 36 -9.00 8.46 -1.79
N LEU A 37 -9.24 7.87 -0.62
CA LEU A 37 -9.56 6.45 -0.54
C LEU A 37 -10.72 6.10 -1.46
N LYS A 38 -11.85 6.80 -1.28
CA LYS A 38 -13.03 6.57 -2.09
C LYS A 38 -12.70 6.69 -3.58
N GLN A 39 -11.82 7.64 -3.91
CA GLN A 39 -11.42 7.86 -5.29
C GLN A 39 -10.72 6.63 -5.86
N LEU A 40 -9.80 6.07 -5.08
CA LEU A 40 -9.05 4.90 -5.50
C LEU A 40 -9.97 3.69 -5.66
N ALA A 41 -10.85 3.49 -4.69
CA ALA A 41 -11.79 2.37 -4.72
C ALA A 41 -12.35 2.18 -6.13
N GLN A 42 -12.38 3.26 -6.90
CA GLN A 42 -12.90 3.20 -8.26
C GLN A 42 -11.79 2.89 -9.26
N LYS A 43 -10.72 3.68 -9.21
CA LYS A 43 -9.58 3.49 -10.10
C LYS A 43 -9.10 2.03 -10.07
N THR A 44 -9.25 1.40 -8.92
CA THR A 44 -8.84 0.00 -8.76
C THR A 44 -10.05 -0.93 -8.74
N GLY A 45 -11.17 -0.42 -8.24
CA GLY A 45 -12.38 -1.23 -8.17
C GLY A 45 -12.51 -1.95 -6.85
N LEU A 46 -11.46 -1.91 -6.04
CA LEU A 46 -11.47 -2.58 -4.74
C LEU A 46 -12.34 -1.82 -3.74
N THR A 47 -12.35 -2.29 -2.50
CA THR A 47 -13.15 -1.66 -1.45
C THR A 47 -12.27 -0.88 -0.49
N LYS A 48 -12.83 0.17 0.10
CA LYS A 48 -12.09 1.01 1.05
C LYS A 48 -11.25 0.15 1.99
N ARG A 49 -11.86 -0.90 2.54
CA ARG A 49 -11.17 -1.80 3.45
C ARG A 49 -9.90 -2.37 2.79
N VAL A 50 -10.08 -3.02 1.65
CA VAL A 50 -8.96 -3.61 0.93
C VAL A 50 -7.83 -2.60 0.74
N LEU A 51 -8.19 -1.41 0.27
CA LEU A 51 -7.21 -0.34 0.05
C LEU A 51 -6.49 0.02 1.35
N GLN A 52 -7.27 0.45 2.34
CA GLN A 52 -6.71 0.82 3.63
C GLN A 52 -5.71 -0.22 4.13
N VAL A 53 -6.15 -1.47 4.19
CA VAL A 53 -5.31 -2.57 4.64
C VAL A 53 -4.02 -2.64 3.82
N TRP A 54 -4.15 -2.91 2.52
CA TRP A 54 -3.00 -2.99 1.64
C TRP A 54 -1.97 -1.91 1.97
N PHE A 55 -2.42 -0.66 1.94
CA PHE A 55 -1.54 0.46 2.23
C PHE A 55 -0.83 0.27 3.57
N GLN A 56 -1.62 0.12 4.63
CA GLN A 56 -1.07 -0.07 5.97
C GLN A 56 0.02 -1.13 5.96
N ASN A 57 -0.20 -2.20 5.20
CA ASN A 57 0.78 -3.29 5.11
C ASN A 57 2.09 -2.78 4.52
N ALA A 58 1.99 -1.92 3.51
CA ALA A 58 3.17 -1.37 2.86
C ALA A 58 4.10 -0.71 3.87
N ARG A 59 3.58 0.27 4.60
CA ARG A 59 4.37 0.97 5.61
C ARG A 59 5.24 0.00 6.39
N ALA A 60 4.70 -1.17 6.71
CA ALA A 60 5.43 -2.18 7.45
C ALA A 60 6.67 -2.63 6.70
N LYS A 61 6.54 -2.78 5.38
CA LYS A 61 7.65 -3.19 4.54
C LYS A 61 8.70 -2.09 4.43
N PHE A 62 8.28 -0.93 3.92
CA PHE A 62 9.19 0.20 3.77
C PHE A 62 9.95 0.47 5.06
N ARG A 63 9.38 0.05 6.18
CA ARG A 63 10.01 0.24 7.48
C ARG A 63 11.09 -0.80 7.73
N ARG A 64 10.92 -1.98 7.12
CA ARG A 64 11.89 -3.06 7.29
C ARG A 64 13.02 -2.93 6.27
N ASN A 65 12.70 -2.39 5.10
CA ASN A 65 13.70 -2.20 4.04
C ASN A 65 14.66 -1.08 4.40
N LEU A 66 14.16 -0.08 5.12
CA LEU A 66 14.98 1.05 5.53
C LEU A 66 16.19 0.60 6.33
N LEU A 67 16.06 -0.57 6.96
CA LEU A 67 17.14 -1.12 7.77
C LEU A 67 17.92 -2.18 6.98
N ARG A 68 17.68 -2.23 5.68
CA ARG A 68 18.35 -3.19 4.82
C ARG A 68 18.31 -4.59 5.43
N GLN A 69 17.15 -4.94 5.99
CA GLN A 69 16.98 -6.25 6.60
C GLN A 69 16.26 -7.21 5.66
N GLU A 70 16.59 -7.12 4.37
CA GLU A 70 15.99 -7.97 3.36
C GLU A 70 16.96 -8.23 2.21
N ASN A 71 17.07 -9.49 1.80
CA ASN A 71 17.96 -9.88 0.72
C ASN A 71 17.76 -8.96 -0.50
N GLY A 72 18.85 -8.46 -1.05
CA GLY A 72 18.78 -7.59 -2.21
C GLY A 72 19.47 -6.27 -1.98
N GLY A 73 19.22 -5.32 -2.87
CA GLY A 73 19.83 -4.00 -2.75
C GLY A 73 20.41 -3.51 -4.06
N VAL A 74 19.64 -2.71 -4.79
CA VAL A 74 20.07 -2.17 -6.06
C VAL A 74 20.35 -0.68 -5.96
N SER A 75 21.06 -0.13 -6.96
CA SER A 75 21.39 1.28 -6.98
C SER A 75 20.26 2.11 -6.38
N GLY A 76 20.62 3.24 -5.77
CA GLY A 76 19.63 4.11 -5.15
C GLY A 76 20.17 5.50 -4.88
N PRO A 77 20.14 6.36 -5.91
CA PRO A 77 20.63 7.74 -5.79
C PRO A 77 19.73 8.60 -4.91
N SER A 78 20.33 9.54 -4.19
CA SER A 78 19.58 10.42 -3.32
C SER A 78 20.32 11.75 -3.12
N SER A 79 19.78 12.60 -2.26
CA SER A 79 20.38 13.90 -1.98
C SER A 79 21.88 13.76 -1.73
N GLY A 80 22.67 14.20 -2.70
CA GLY A 80 24.12 14.11 -2.56
C GLY A 80 24.73 13.12 -3.53
N GLY A 1 -24.36 -2.64 1.78
CA GLY A 1 -23.56 -3.82 2.07
C GLY A 1 -24.41 -4.98 2.55
N SER A 2 -23.98 -6.20 2.23
CA SER A 2 -24.70 -7.40 2.62
C SER A 2 -24.42 -7.74 4.08
N SER A 3 -25.39 -8.34 4.75
CA SER A 3 -25.26 -8.72 6.14
C SER A 3 -24.90 -10.20 6.27
N GLY A 4 -23.60 -10.48 6.35
CA GLY A 4 -23.15 -11.86 6.48
C GLY A 4 -21.79 -12.07 5.83
N SER A 5 -20.77 -11.44 6.38
CA SER A 5 -19.41 -11.57 5.85
C SER A 5 -18.45 -12.03 6.93
N SER A 6 -17.73 -13.11 6.65
CA SER A 6 -16.76 -13.66 7.60
C SER A 6 -15.56 -14.24 6.89
N GLY A 7 -14.41 -14.26 7.56
CA GLY A 7 -13.21 -14.79 6.97
C GLY A 7 -12.08 -13.77 6.92
N LYS A 8 -10.90 -14.16 7.40
CA LYS A 8 -9.75 -13.27 7.42
C LYS A 8 -8.53 -13.97 6.83
N ARG A 9 -8.26 -15.18 7.28
CA ARG A 9 -7.12 -15.96 6.80
C ARG A 9 -7.00 -15.84 5.28
N MET A 10 -8.08 -16.17 4.57
CA MET A 10 -8.08 -16.10 3.12
C MET A 10 -7.82 -14.68 2.64
N ARG A 11 -6.82 -14.52 1.78
CA ARG A 11 -6.46 -13.21 1.24
C ARG A 11 -6.88 -13.09 -0.22
N THR A 12 -6.88 -11.86 -0.72
CA THR A 12 -7.26 -11.61 -2.11
C THR A 12 -6.03 -11.40 -2.99
N SER A 13 -6.11 -11.84 -4.23
CA SER A 13 -5.00 -11.71 -5.17
C SER A 13 -5.15 -10.44 -6.01
N PHE A 14 -4.38 -9.41 -5.65
CA PHE A 14 -4.42 -8.15 -6.37
C PHE A 14 -3.78 -8.27 -7.74
N LYS A 15 -4.31 -7.53 -8.71
CA LYS A 15 -3.79 -7.56 -10.07
C LYS A 15 -2.63 -6.60 -10.22
N HIS A 16 -2.06 -6.53 -11.43
CA HIS A 16 -0.95 -5.64 -11.71
C HIS A 16 -1.44 -4.28 -12.20
N HIS A 17 -2.70 -4.23 -12.63
CA HIS A 17 -3.29 -2.99 -13.11
C HIS A 17 -3.78 -2.13 -11.95
N GLN A 18 -4.68 -2.69 -11.14
CA GLN A 18 -5.22 -1.96 -10.00
C GLN A 18 -4.12 -1.52 -9.06
N LEU A 19 -3.23 -2.44 -8.72
CA LEU A 19 -2.12 -2.13 -7.81
C LEU A 19 -1.29 -0.97 -8.35
N ARG A 20 -1.01 -0.99 -9.64
CA ARG A 20 -0.23 0.06 -10.27
C ARG A 20 -0.75 1.44 -9.88
N THR A 21 -2.07 1.58 -9.85
CA THR A 21 -2.70 2.84 -9.48
C THR A 21 -2.45 3.18 -8.01
N MET A 22 -2.45 2.16 -7.17
CA MET A 22 -2.22 2.35 -5.74
C MET A 22 -0.74 2.62 -5.46
N LYS A 23 0.11 1.64 -5.75
CA LYS A 23 1.54 1.77 -5.53
C LYS A 23 2.01 3.18 -5.89
N SER A 24 1.76 3.58 -7.13
CA SER A 24 2.16 4.91 -7.59
C SER A 24 1.76 5.98 -6.58
N TYR A 25 0.55 5.88 -6.06
CA TYR A 25 0.04 6.85 -5.10
C TYR A 25 0.90 6.83 -3.83
N PHE A 26 1.29 5.64 -3.40
CA PHE A 26 2.10 5.48 -2.19
C PHE A 26 3.23 6.51 -2.17
N ALA A 27 3.77 6.81 -3.34
CA ALA A 27 4.85 7.79 -3.45
C ALA A 27 4.33 9.21 -3.26
N ILE A 28 3.15 9.47 -3.80
CA ILE A 28 2.54 10.80 -3.69
C ILE A 28 2.15 11.10 -2.25
N ASN A 29 1.41 10.19 -1.63
CA ASN A 29 0.97 10.38 -0.25
C ASN A 29 0.99 9.04 0.50
N HIS A 30 1.60 9.04 1.67
CA HIS A 30 1.68 7.83 2.50
C HIS A 30 0.40 7.63 3.29
N ASN A 31 -0.10 8.71 3.89
CA ASN A 31 -1.32 8.65 4.69
C ASN A 31 -2.47 9.33 3.96
N PRO A 32 -3.09 8.60 3.02
CA PRO A 32 -4.21 9.12 2.23
C PRO A 32 -5.47 9.29 3.07
N ASP A 33 -6.27 10.31 2.75
CA ASP A 33 -7.49 10.57 3.48
C ASP A 33 -8.68 9.86 2.82
N ALA A 34 -9.78 9.76 3.55
CA ALA A 34 -10.98 9.11 3.04
C ALA A 34 -11.29 9.56 1.61
N LYS A 35 -11.09 10.85 1.35
CA LYS A 35 -11.34 11.41 0.03
C LYS A 35 -10.53 10.69 -1.03
N ASP A 36 -9.28 10.38 -0.70
CA ASP A 36 -8.38 9.69 -1.63
C ASP A 36 -8.65 8.19 -1.62
N LEU A 37 -9.24 7.70 -0.54
CA LEU A 37 -9.56 6.29 -0.40
C LEU A 37 -10.75 5.90 -1.28
N LYS A 38 -11.68 6.83 -1.44
CA LYS A 38 -12.87 6.60 -2.25
C LYS A 38 -12.55 6.73 -3.74
N GLN A 39 -11.58 7.58 -4.06
CA GLN A 39 -11.18 7.79 -5.44
C GLN A 39 -10.46 6.57 -5.99
N LEU A 40 -9.62 5.96 -5.16
CA LEU A 40 -8.87 4.78 -5.56
C LEU A 40 -9.79 3.56 -5.67
N ALA A 41 -10.70 3.43 -4.72
CA ALA A 41 -11.64 2.32 -4.71
C ALA A 41 -12.25 2.10 -6.10
N GLN A 42 -12.27 3.16 -6.90
CA GLN A 42 -12.83 3.09 -8.24
C GLN A 42 -11.73 2.85 -9.27
N LYS A 43 -10.69 3.67 -9.22
CA LYS A 43 -9.57 3.56 -10.15
C LYS A 43 -9.03 2.13 -10.17
N THR A 44 -9.34 1.37 -9.12
CA THR A 44 -8.89 -0.01 -9.02
C THR A 44 -10.06 -0.98 -9.00
N GLY A 45 -11.14 -0.58 -8.34
CA GLY A 45 -12.32 -1.43 -8.26
C GLY A 45 -12.51 -2.03 -6.88
N LEU A 46 -11.43 -2.08 -6.11
CA LEU A 46 -11.48 -2.64 -4.76
C LEU A 46 -12.27 -1.73 -3.83
N THR A 47 -12.56 -2.24 -2.62
CA THR A 47 -13.31 -1.47 -1.64
C THR A 47 -12.37 -0.69 -0.72
N LYS A 48 -12.95 0.16 0.12
CA LYS A 48 -12.17 0.97 1.05
C LYS A 48 -11.43 0.08 2.05
N ARG A 49 -12.14 -0.90 2.60
CA ARG A 49 -11.55 -1.81 3.58
C ARG A 49 -10.26 -2.45 3.02
N VAL A 50 -10.27 -2.75 1.73
CA VAL A 50 -9.11 -3.35 1.09
C VAL A 50 -8.01 -2.32 0.88
N LEU A 51 -8.35 -1.19 0.30
CA LEU A 51 -7.38 -0.12 0.04
C LEU A 51 -6.70 0.31 1.34
N GLN A 52 -7.47 0.31 2.43
CA GLN A 52 -6.94 0.71 3.73
C GLN A 52 -5.90 -0.29 4.22
N VAL A 53 -6.26 -1.58 4.20
CA VAL A 53 -5.36 -2.63 4.64
C VAL A 53 -4.08 -2.64 3.82
N TRP A 54 -4.21 -2.88 2.52
CA TRP A 54 -3.06 -2.91 1.62
C TRP A 54 -2.07 -1.81 1.98
N PHE A 55 -2.50 -0.55 1.84
CA PHE A 55 -1.64 0.58 2.13
C PHE A 55 -0.96 0.41 3.49
N GLN A 56 -1.75 0.13 4.51
CA GLN A 56 -1.22 -0.07 5.86
C GLN A 56 -0.13 -1.13 5.87
N ASN A 57 -0.35 -2.21 5.12
CA ASN A 57 0.62 -3.29 5.04
C ASN A 57 1.88 -2.85 4.31
N ALA A 58 1.73 -1.87 3.43
CA ALA A 58 2.86 -1.35 2.67
C ALA A 58 3.79 -0.52 3.55
N ARG A 59 3.22 0.13 4.57
CA ARG A 59 4.00 0.94 5.48
C ARG A 59 4.85 0.08 6.40
N ALA A 60 4.36 -1.14 6.69
CA ALA A 60 5.08 -2.06 7.55
C ALA A 60 6.34 -2.60 6.86
N LYS A 61 6.27 -2.73 5.55
CA LYS A 61 7.40 -3.23 4.77
C LYS A 61 8.36 -2.10 4.43
N PHE A 62 7.83 -0.90 4.27
CA PHE A 62 8.64 0.27 3.94
C PHE A 62 9.76 0.46 4.96
N ARG A 63 9.39 0.47 6.24
CA ARG A 63 10.36 0.64 7.31
C ARG A 63 11.64 -0.14 7.02
N ARG A 64 11.48 -1.37 6.56
CA ARG A 64 12.62 -2.22 6.24
C ARG A 64 13.63 -1.48 5.37
N ASN A 65 13.14 -0.90 4.28
CA ASN A 65 14.01 -0.16 3.36
C ASN A 65 14.47 1.16 3.99
N LEU A 66 13.84 1.53 5.10
CA LEU A 66 14.19 2.76 5.80
C LEU A 66 15.22 2.49 6.89
N LEU A 67 15.56 1.22 7.07
CA LEU A 67 16.55 0.84 8.07
C LEU A 67 17.88 0.46 7.42
N ARG A 68 17.94 0.59 6.10
CA ARG A 68 19.15 0.27 5.35
C ARG A 68 20.15 1.42 5.42
N GLN A 69 21.41 1.08 5.68
CA GLN A 69 22.46 2.09 5.78
C GLN A 69 22.32 3.13 4.66
N GLU A 70 21.94 4.34 5.04
CA GLU A 70 21.76 5.42 4.08
C GLU A 70 22.95 6.37 4.11
N ASN A 71 23.11 7.15 3.05
CA ASN A 71 24.21 8.11 2.95
C ASN A 71 24.08 9.21 3.99
N GLY A 72 25.21 9.71 4.48
CA GLY A 72 25.19 10.76 5.48
C GLY A 72 24.78 12.11 4.90
N GLY A 73 23.52 12.48 5.09
CA GLY A 73 23.04 13.75 4.57
C GLY A 73 22.01 14.39 5.49
N VAL A 74 21.64 15.63 5.17
CA VAL A 74 20.67 16.36 5.98
C VAL A 74 19.26 15.81 5.75
N SER A 75 18.87 15.69 4.49
CA SER A 75 17.55 15.18 4.14
C SER A 75 17.18 13.98 5.01
N GLY A 76 16.19 14.16 5.87
CA GLY A 76 15.76 13.09 6.75
C GLY A 76 16.77 12.79 7.84
N PRO A 77 16.27 12.33 9.00
CA PRO A 77 17.11 12.00 10.15
C PRO A 77 17.96 10.75 9.90
N SER A 78 18.97 10.55 10.75
CA SER A 78 19.85 9.40 10.63
C SER A 78 19.97 8.66 11.95
N SER A 79 20.17 9.42 13.03
CA SER A 79 20.30 8.83 14.36
C SER A 79 19.04 8.08 14.76
N GLY A 80 19.20 7.04 15.57
CA GLY A 80 18.06 6.26 16.01
C GLY A 80 18.32 5.52 17.30
N GLY A 1 11.88 -13.60 -8.22
CA GLY A 1 11.07 -13.12 -9.32
C GLY A 1 11.85 -12.23 -10.27
N SER A 2 11.23 -11.86 -11.39
CA SER A 2 11.87 -11.02 -12.40
C SER A 2 11.56 -9.56 -12.14
N SER A 3 12.60 -8.76 -11.92
CA SER A 3 12.44 -7.33 -11.66
C SER A 3 11.38 -7.09 -10.58
N GLY A 4 11.40 -7.94 -9.56
CA GLY A 4 10.44 -7.80 -8.47
C GLY A 4 11.06 -8.04 -7.11
N SER A 5 11.07 -7.01 -6.28
CA SER A 5 11.64 -7.11 -4.94
C SER A 5 11.10 -8.34 -4.21
N SER A 6 11.73 -8.67 -3.09
CA SER A 6 11.32 -9.82 -2.30
C SER A 6 9.80 -9.98 -2.30
N GLY A 7 9.32 -11.15 -2.72
CA GLY A 7 7.89 -11.39 -2.76
C GLY A 7 7.31 -11.72 -1.41
N LYS A 8 6.08 -11.27 -1.16
CA LYS A 8 5.42 -11.52 0.11
C LYS A 8 4.44 -12.68 -0.01
N ARG A 9 4.05 -13.25 1.13
CA ARG A 9 3.12 -14.37 1.15
C ARG A 9 1.73 -13.90 1.58
N MET A 10 0.92 -13.48 0.60
CA MET A 10 -0.43 -13.01 0.87
C MET A 10 -1.46 -13.80 0.07
N ARG A 11 -2.66 -13.94 0.62
CA ARG A 11 -3.72 -14.68 -0.06
C ARG A 11 -4.49 -13.77 -1.01
N THR A 12 -4.47 -12.47 -0.72
CA THR A 12 -5.16 -11.49 -1.55
C THR A 12 -4.37 -11.16 -2.80
N SER A 13 -4.50 -12.00 -3.83
CA SER A 13 -3.78 -11.79 -5.08
C SER A 13 -4.33 -10.57 -5.82
N PHE A 14 -3.49 -9.55 -5.95
CA PHE A 14 -3.88 -8.32 -6.64
C PHE A 14 -3.39 -8.33 -8.08
N LYS A 15 -4.04 -7.53 -8.92
CA LYS A 15 -3.68 -7.44 -10.34
C LYS A 15 -2.68 -6.31 -10.57
N HIS A 16 -1.71 -6.56 -11.45
CA HIS A 16 -0.70 -5.57 -11.77
C HIS A 16 -1.33 -4.28 -12.30
N HIS A 17 -2.61 -4.36 -12.63
CA HIS A 17 -3.35 -3.20 -13.14
C HIS A 17 -3.78 -2.29 -12.00
N GLN A 18 -4.69 -2.78 -11.16
CA GLN A 18 -5.18 -2.01 -10.04
C GLN A 18 -4.04 -1.52 -9.15
N LEU A 19 -3.14 -2.44 -8.81
CA LEU A 19 -1.99 -2.10 -7.97
C LEU A 19 -1.20 -0.94 -8.56
N ARG A 20 -0.99 -0.98 -9.87
CA ARG A 20 -0.24 0.07 -10.55
C ARG A 20 -0.70 1.45 -10.09
N THR A 21 -2.01 1.59 -9.90
CA THR A 21 -2.58 2.85 -9.46
C THR A 21 -2.24 3.13 -7.99
N MET A 22 -2.29 2.10 -7.17
CA MET A 22 -1.99 2.23 -5.75
C MET A 22 -0.50 2.48 -5.54
N LYS A 23 0.32 1.50 -5.91
CA LYS A 23 1.76 1.62 -5.76
C LYS A 23 2.24 3.01 -6.13
N SER A 24 1.74 3.52 -7.25
CA SER A 24 2.11 4.85 -7.71
C SER A 24 1.76 5.91 -6.68
N TYR A 25 0.53 5.86 -6.19
CA TYR A 25 0.06 6.82 -5.20
C TYR A 25 0.86 6.71 -3.91
N PHE A 26 1.16 5.48 -3.51
CA PHE A 26 1.92 5.24 -2.29
C PHE A 26 3.10 6.20 -2.18
N ALA A 27 3.74 6.46 -3.31
CA ALA A 27 4.88 7.38 -3.35
C ALA A 27 4.44 8.81 -3.12
N ILE A 28 3.31 9.19 -3.71
CA ILE A 28 2.78 10.54 -3.56
C ILE A 28 2.34 10.81 -2.12
N ASN A 29 1.52 9.91 -1.58
CA ASN A 29 1.03 10.05 -0.21
C ASN A 29 0.93 8.69 0.46
N HIS A 30 1.38 8.62 1.71
CA HIS A 30 1.34 7.38 2.47
C HIS A 30 0.00 7.22 3.17
N ASN A 31 -0.44 8.27 3.86
CA ASN A 31 -1.70 8.25 4.57
C ASN A 31 -2.75 9.09 3.85
N PRO A 32 -3.38 8.51 2.82
CA PRO A 32 -4.41 9.19 2.03
C PRO A 32 -5.70 9.39 2.82
N ASP A 33 -6.24 10.60 2.74
CA ASP A 33 -7.49 10.93 3.44
C ASP A 33 -8.63 10.06 2.95
N ALA A 34 -9.73 10.06 3.70
CA ALA A 34 -10.90 9.28 3.33
C ALA A 34 -11.28 9.49 1.87
N LYS A 35 -11.31 10.75 1.45
CA LYS A 35 -11.66 11.10 0.07
C LYS A 35 -10.74 10.37 -0.92
N ASP A 36 -9.44 10.39 -0.64
CA ASP A 36 -8.47 9.74 -1.50
C ASP A 36 -8.70 8.23 -1.53
N LEU A 37 -9.09 7.67 -0.39
CA LEU A 37 -9.35 6.24 -0.28
C LEU A 37 -10.50 5.82 -1.19
N LYS A 38 -11.64 6.48 -1.02
CA LYS A 38 -12.82 6.18 -1.83
C LYS A 38 -12.54 6.40 -3.31
N GLN A 39 -11.78 7.45 -3.62
CA GLN A 39 -11.44 7.76 -4.99
C GLN A 39 -10.72 6.60 -5.66
N LEU A 40 -9.76 6.02 -4.94
CA LEU A 40 -8.99 4.90 -5.46
C LEU A 40 -9.88 3.67 -5.65
N ALA A 41 -10.69 3.37 -4.64
CA ALA A 41 -11.59 2.22 -4.70
C ALA A 41 -12.19 2.07 -6.09
N GLN A 42 -12.34 3.18 -6.80
CA GLN A 42 -12.90 3.16 -8.14
C GLN A 42 -11.80 2.95 -9.18
N LYS A 43 -10.77 3.77 -9.11
CA LYS A 43 -9.65 3.68 -10.05
C LYS A 43 -9.13 2.25 -10.13
N THR A 44 -9.21 1.53 -9.02
CA THR A 44 -8.74 0.15 -8.97
C THR A 44 -9.92 -0.83 -8.95
N GLY A 45 -11.02 -0.38 -8.36
CA GLY A 45 -12.21 -1.23 -8.29
C GLY A 45 -12.38 -1.86 -6.92
N LEU A 46 -11.28 -2.13 -6.25
CA LEU A 46 -11.32 -2.73 -4.91
C LEU A 46 -12.17 -1.90 -3.96
N THR A 47 -12.48 -2.47 -2.80
CA THR A 47 -13.28 -1.78 -1.81
C THR A 47 -12.43 -0.83 -0.97
N LYS A 48 -13.09 0.07 -0.26
CA LYS A 48 -12.39 1.03 0.59
C LYS A 48 -11.49 0.32 1.60
N ARG A 49 -12.06 -0.61 2.35
CA ARG A 49 -11.31 -1.37 3.34
C ARG A 49 -10.06 -1.99 2.72
N VAL A 50 -10.26 -2.71 1.62
CA VAL A 50 -9.14 -3.37 0.93
C VAL A 50 -7.98 -2.40 0.73
N LEU A 51 -8.30 -1.16 0.39
CA LEU A 51 -7.29 -0.13 0.17
C LEU A 51 -6.60 0.24 1.49
N GLN A 52 -7.40 0.57 2.49
CA GLN A 52 -6.88 0.95 3.80
C GLN A 52 -5.82 -0.05 4.27
N VAL A 53 -6.21 -1.31 4.38
CA VAL A 53 -5.29 -2.36 4.81
C VAL A 53 -4.04 -2.38 3.96
N TRP A 54 -4.23 -2.53 2.65
CA TRP A 54 -3.11 -2.56 1.71
C TRP A 54 -2.11 -1.44 2.01
N PHE A 55 -2.58 -0.21 1.94
CA PHE A 55 -1.72 0.94 2.20
C PHE A 55 -1.02 0.82 3.55
N GLN A 56 -1.79 0.41 4.56
CA GLN A 56 -1.23 0.25 5.91
C GLN A 56 -0.11 -0.78 5.91
N ASN A 57 -0.27 -1.83 5.10
CA ASN A 57 0.73 -2.89 5.02
C ASN A 57 1.95 -2.42 4.24
N ALA A 58 1.81 -1.29 3.53
CA ALA A 58 2.90 -0.74 2.75
C ALA A 58 3.92 -0.05 3.64
N ARG A 59 3.47 0.95 4.40
CA ARG A 59 4.34 1.68 5.30
C ARG A 59 5.29 0.73 6.04
N ALA A 60 4.86 -0.52 6.18
CA ALA A 60 5.67 -1.52 6.86
C ALA A 60 6.86 -1.95 6.00
N LYS A 61 6.57 -2.35 4.76
CA LYS A 61 7.61 -2.79 3.85
C LYS A 61 8.59 -1.65 3.55
N PHE A 62 8.09 -0.42 3.60
CA PHE A 62 8.93 0.74 3.34
C PHE A 62 10.09 0.81 4.32
N ARG A 63 9.78 0.74 5.61
CA ARG A 63 10.80 0.78 6.65
C ARG A 63 11.96 -0.14 6.32
N ARG A 64 11.69 -1.17 5.53
CA ARG A 64 12.71 -2.13 5.13
C ARG A 64 13.57 -1.58 4.00
N ASN A 65 12.92 -1.04 2.98
CA ASN A 65 13.62 -0.47 1.83
C ASN A 65 14.77 0.43 2.28
N LEU A 66 14.56 1.14 3.39
CA LEU A 66 15.58 2.03 3.93
C LEU A 66 16.68 1.23 4.63
N LEU A 67 16.28 0.18 5.33
CA LEU A 67 17.23 -0.66 6.05
C LEU A 67 18.09 -1.47 5.07
N ARG A 68 17.56 -1.69 3.87
CA ARG A 68 18.27 -2.44 2.85
C ARG A 68 19.45 -1.63 2.29
N GLN A 69 20.37 -2.32 1.64
CA GLN A 69 21.55 -1.66 1.06
C GLN A 69 21.27 -1.24 -0.37
N GLU A 70 20.05 -0.73 -0.61
CA GLU A 70 19.65 -0.28 -1.94
C GLU A 70 20.24 1.09 -2.24
N ASN A 71 21.16 1.15 -3.19
CA ASN A 71 21.80 2.41 -3.58
C ASN A 71 21.03 3.07 -4.72
N GLY A 72 20.43 4.22 -4.43
CA GLY A 72 19.68 4.94 -5.44
C GLY A 72 20.58 5.74 -6.37
N GLY A 73 20.22 7.01 -6.59
CA GLY A 73 21.01 7.86 -7.47
C GLY A 73 20.79 9.33 -7.18
N VAL A 74 19.67 9.87 -7.64
CA VAL A 74 19.35 11.28 -7.42
C VAL A 74 18.81 11.52 -6.02
N SER A 75 18.26 10.47 -5.42
CA SER A 75 17.70 10.57 -4.08
C SER A 75 18.46 9.66 -3.11
N GLY A 76 18.07 9.70 -1.84
CA GLY A 76 18.72 8.88 -0.83
C GLY A 76 19.11 9.66 0.40
N PRO A 77 19.99 10.66 0.22
CA PRO A 77 20.45 11.52 1.33
C PRO A 77 19.36 12.45 1.83
N SER A 78 18.20 12.42 1.18
CA SER A 78 17.08 13.27 1.56
C SER A 78 16.74 13.08 3.04
N SER A 79 16.47 11.83 3.42
CA SER A 79 16.12 11.52 4.80
C SER A 79 17.00 10.38 5.33
N GLY A 80 17.53 10.57 6.54
CA GLY A 80 18.37 9.56 7.14
C GLY A 80 18.74 9.89 8.57
N GLY A 1 -14.16 7.46 16.96
CA GLY A 1 -15.11 6.79 16.10
C GLY A 1 -14.95 5.28 16.12
N SER A 2 -15.44 4.61 15.08
CA SER A 2 -15.35 3.16 14.98
C SER A 2 -14.61 2.75 13.72
N SER A 3 -13.98 1.58 13.77
CA SER A 3 -13.22 1.07 12.63
C SER A 3 -13.12 -0.45 12.69
N GLY A 4 -12.56 -1.04 11.63
CA GLY A 4 -12.41 -2.49 11.58
C GLY A 4 -11.08 -2.91 10.99
N SER A 5 -10.30 -3.65 11.76
CA SER A 5 -8.99 -4.11 11.32
C SER A 5 -9.01 -5.61 11.05
N SER A 6 -9.15 -5.97 9.77
CA SER A 6 -9.20 -7.38 9.38
C SER A 6 -8.23 -8.20 10.22
N GLY A 7 -6.97 -7.78 10.25
CA GLY A 7 -5.96 -8.50 11.01
C GLY A 7 -4.57 -8.00 10.74
N LYS A 8 -3.62 -8.92 10.60
CA LYS A 8 -2.22 -8.56 10.34
C LYS A 8 -1.66 -9.38 9.19
N ARG A 9 -1.92 -10.69 9.21
CA ARG A 9 -1.45 -11.58 8.17
C ARG A 9 -2.61 -12.27 7.47
N MET A 10 -2.65 -12.14 6.14
CA MET A 10 -3.72 -12.75 5.35
C MET A 10 -3.28 -12.92 3.90
N ARG A 11 -4.08 -13.65 3.13
CA ARG A 11 -3.78 -13.88 1.72
C ARG A 11 -3.75 -12.57 0.94
N THR A 12 -2.68 -12.37 0.17
CA THR A 12 -2.52 -11.16 -0.62
C THR A 12 -2.71 -11.44 -2.11
N SER A 13 -3.64 -10.74 -2.73
CA SER A 13 -3.93 -10.92 -4.15
C SER A 13 -4.34 -9.60 -4.79
N PHE A 14 -3.58 -9.17 -5.80
CA PHE A 14 -3.86 -7.93 -6.49
C PHE A 14 -3.30 -7.96 -7.91
N LYS A 15 -4.01 -7.32 -8.83
CA LYS A 15 -3.59 -7.27 -10.23
C LYS A 15 -2.57 -6.16 -10.45
N HIS A 16 -1.72 -6.33 -11.46
CA HIS A 16 -0.70 -5.34 -11.78
C HIS A 16 -1.34 -4.06 -12.33
N HIS A 17 -2.61 -4.16 -12.72
CA HIS A 17 -3.32 -3.01 -13.27
C HIS A 17 -3.82 -2.10 -12.16
N GLN A 18 -4.69 -2.63 -11.30
CA GLN A 18 -5.24 -1.86 -10.19
C GLN A 18 -4.13 -1.36 -9.28
N LEU A 19 -3.16 -2.22 -9.00
CA LEU A 19 -2.03 -1.86 -8.14
C LEU A 19 -1.25 -0.70 -8.73
N ARG A 20 -0.91 -0.81 -10.01
CA ARG A 20 -0.15 0.23 -10.70
C ARG A 20 -0.66 1.62 -10.33
N THR A 21 -1.96 1.70 -10.00
CA THR A 21 -2.57 2.96 -9.62
C THR A 21 -2.33 3.27 -8.15
N MET A 22 -2.29 2.23 -7.32
CA MET A 22 -2.06 2.40 -5.89
C MET A 22 -0.58 2.58 -5.60
N LYS A 23 0.23 1.63 -6.04
CA LYS A 23 1.67 1.68 -5.83
C LYS A 23 2.21 3.08 -6.13
N SER A 24 1.83 3.61 -7.28
CA SER A 24 2.28 4.95 -7.69
C SER A 24 1.87 6.00 -6.66
N TYR A 25 0.71 5.79 -6.04
CA TYR A 25 0.21 6.72 -5.03
C TYR A 25 1.00 6.61 -3.74
N PHE A 26 1.34 5.38 -3.36
CA PHE A 26 2.10 5.13 -2.13
C PHE A 26 3.29 6.07 -2.05
N ALA A 27 3.82 6.46 -3.21
CA ALA A 27 4.97 7.35 -3.26
C ALA A 27 4.54 8.81 -3.11
N ILE A 28 3.34 9.11 -3.58
CA ILE A 28 2.81 10.47 -3.50
C ILE A 28 2.34 10.80 -2.09
N ASN A 29 1.54 9.91 -1.51
CA ASN A 29 1.02 10.11 -0.17
C ASN A 29 0.94 8.79 0.58
N HIS A 30 1.54 8.74 1.77
CA HIS A 30 1.53 7.53 2.59
C HIS A 30 0.23 7.41 3.37
N ASN A 31 -0.20 8.52 3.96
CA ASN A 31 -1.44 8.55 4.74
C ASN A 31 -2.53 9.30 4.00
N PRO A 32 -3.19 8.59 3.06
CA PRO A 32 -4.27 9.17 2.26
C PRO A 32 -5.53 9.42 3.08
N ASP A 33 -6.35 10.37 2.64
CA ASP A 33 -7.58 10.70 3.33
C ASP A 33 -8.78 10.01 2.69
N ALA A 34 -9.86 9.87 3.45
CA ALA A 34 -11.07 9.23 2.95
C ALA A 34 -11.34 9.63 1.50
N LYS A 35 -11.22 10.91 1.21
CA LYS A 35 -11.46 11.43 -0.14
C LYS A 35 -10.65 10.64 -1.16
N ASP A 36 -9.36 10.46 -0.88
CA ASP A 36 -8.48 9.72 -1.77
C ASP A 36 -8.89 8.26 -1.87
N LEU A 37 -9.24 7.67 -0.72
CA LEU A 37 -9.65 6.28 -0.68
C LEU A 37 -10.82 6.02 -1.63
N LYS A 38 -11.91 6.73 -1.41
CA LYS A 38 -13.09 6.59 -2.25
C LYS A 38 -12.74 6.73 -3.72
N GLN A 39 -11.75 7.57 -4.01
CA GLN A 39 -11.31 7.79 -5.39
C GLN A 39 -10.55 6.58 -5.91
N LEU A 40 -9.73 5.98 -5.06
CA LEU A 40 -8.94 4.82 -5.43
C LEU A 40 -9.82 3.57 -5.52
N ALA A 41 -10.87 3.53 -4.71
CA ALA A 41 -11.79 2.40 -4.70
C ALA A 41 -12.43 2.20 -6.08
N GLN A 42 -12.47 3.27 -6.86
CA GLN A 42 -13.05 3.22 -8.20
C GLN A 42 -11.98 2.98 -9.25
N LYS A 43 -10.91 3.77 -9.20
CA LYS A 43 -9.81 3.64 -10.15
C LYS A 43 -9.28 2.21 -10.18
N THR A 44 -9.47 1.49 -9.08
CA THR A 44 -9.02 0.10 -8.99
C THR A 44 -10.19 -0.86 -8.93
N GLY A 45 -11.22 -0.49 -8.18
CA GLY A 45 -12.40 -1.34 -8.07
C GLY A 45 -12.50 -1.99 -6.71
N LEU A 46 -11.41 -2.00 -5.96
CA LEU A 46 -11.37 -2.61 -4.64
C LEU A 46 -12.28 -1.85 -3.68
N THR A 47 -12.38 -2.34 -2.45
CA THR A 47 -13.22 -1.72 -1.43
C THR A 47 -12.39 -0.86 -0.47
N LYS A 48 -13.04 0.04 0.23
CA LYS A 48 -12.36 0.92 1.18
C LYS A 48 -11.42 0.13 2.06
N ARG A 49 -11.90 -0.99 2.59
CA ARG A 49 -11.09 -1.84 3.46
C ARG A 49 -9.83 -2.31 2.73
N VAL A 50 -10.02 -3.18 1.75
CA VAL A 50 -8.90 -3.72 0.97
C VAL A 50 -7.87 -2.62 0.68
N LEU A 51 -8.36 -1.42 0.39
CA LEU A 51 -7.48 -0.30 0.09
C LEU A 51 -6.75 0.18 1.34
N GLN A 52 -7.47 0.23 2.46
CA GLN A 52 -6.89 0.67 3.72
C GLN A 52 -5.81 -0.30 4.18
N VAL A 53 -6.17 -1.57 4.31
CA VAL A 53 -5.24 -2.60 4.75
C VAL A 53 -3.94 -2.54 3.94
N TRP A 54 -4.07 -2.65 2.62
CA TRP A 54 -2.91 -2.60 1.73
C TRP A 54 -1.96 -1.48 2.15
N PHE A 55 -2.41 -0.24 2.02
CA PHE A 55 -1.60 0.92 2.37
C PHE A 55 -1.01 0.75 3.78
N GLN A 56 -1.84 0.30 4.72
CA GLN A 56 -1.40 0.11 6.09
C GLN A 56 -0.28 -0.92 6.16
N ASN A 57 -0.36 -1.93 5.31
CA ASN A 57 0.65 -2.98 5.29
C ASN A 57 1.95 -2.46 4.69
N ALA A 58 1.84 -1.60 3.68
CA ALA A 58 3.00 -1.04 3.01
C ALA A 58 3.90 -0.30 4.01
N ARG A 59 3.32 0.68 4.70
CA ARG A 59 4.06 1.46 5.68
C ARG A 59 4.83 0.54 6.64
N ALA A 60 4.21 -0.58 7.00
CA ALA A 60 4.84 -1.53 7.91
C ALA A 60 6.06 -2.18 7.26
N LYS A 61 5.92 -2.56 5.99
CA LYS A 61 7.02 -3.18 5.27
C LYS A 61 8.19 -2.22 5.10
N PHE A 62 7.88 -0.98 4.74
CA PHE A 62 8.91 0.04 4.56
C PHE A 62 9.84 0.10 5.77
N ARG A 63 9.25 0.23 6.95
CA ARG A 63 10.02 0.31 8.19
C ARG A 63 11.02 -0.85 8.27
N ARG A 64 10.60 -2.03 7.82
CA ARG A 64 11.45 -3.21 7.85
C ARG A 64 12.71 -2.99 7.02
N ASN A 65 12.56 -2.34 5.88
CA ASN A 65 13.69 -2.06 4.99
C ASN A 65 14.73 -1.21 5.70
N LEU A 66 14.28 -0.42 6.66
CA LEU A 66 15.18 0.45 7.42
C LEU A 66 16.07 -0.36 8.35
N LEU A 67 15.78 -1.66 8.46
CA LEU A 67 16.55 -2.55 9.32
C LEU A 67 17.30 -3.59 8.49
N ARG A 68 17.43 -3.32 7.19
CA ARG A 68 18.14 -4.23 6.30
C ARG A 68 17.92 -5.68 6.72
N GLN A 69 16.68 -6.01 7.08
CA GLN A 69 16.34 -7.36 7.49
C GLN A 69 16.50 -8.34 6.34
N GLU A 70 16.98 -9.54 6.66
CA GLU A 70 17.19 -10.58 5.65
C GLU A 70 15.85 -11.06 5.10
N ASN A 71 15.30 -10.30 4.14
CA ASN A 71 14.02 -10.66 3.54
C ASN A 71 14.21 -10.97 2.05
N GLY A 72 13.15 -11.49 1.43
CA GLY A 72 13.21 -11.82 0.01
C GLY A 72 12.16 -11.09 -0.80
N GLY A 73 11.75 -11.69 -1.91
CA GLY A 73 10.75 -11.08 -2.76
C GLY A 73 11.25 -10.85 -4.17
N VAL A 74 10.32 -10.79 -5.12
CA VAL A 74 10.67 -10.58 -6.52
C VAL A 74 9.88 -9.42 -7.12
N SER A 75 8.64 -9.26 -6.66
CA SER A 75 7.78 -8.19 -7.15
C SER A 75 8.23 -6.84 -6.60
N GLY A 76 8.51 -5.90 -7.50
CA GLY A 76 8.93 -4.58 -7.09
C GLY A 76 9.20 -3.66 -8.27
N PRO A 77 8.95 -2.36 -8.07
CA PRO A 77 9.14 -1.35 -9.12
C PRO A 77 10.62 -1.11 -9.41
N SER A 78 11.47 -1.39 -8.43
CA SER A 78 12.91 -1.20 -8.57
C SER A 78 13.68 -1.99 -7.52
N SER A 79 14.95 -2.26 -7.79
CA SER A 79 15.79 -3.01 -6.88
C SER A 79 16.83 -2.11 -6.22
N GLY A 80 16.92 -2.19 -4.90
CA GLY A 80 17.87 -1.37 -4.16
C GLY A 80 18.98 -2.19 -3.55
N GLY A 1 -24.45 -4.42 11.95
CA GLY A 1 -24.00 -5.80 11.94
C GLY A 1 -22.59 -5.95 12.48
N SER A 2 -22.01 -7.12 12.31
CA SER A 2 -20.66 -7.40 12.80
C SER A 2 -19.67 -7.44 11.65
N SER A 3 -18.43 -7.06 11.93
CA SER A 3 -17.37 -7.06 10.92
C SER A 3 -16.63 -8.39 10.90
N GLY A 4 -16.08 -8.73 9.74
CA GLY A 4 -15.35 -9.98 9.60
C GLY A 4 -13.87 -9.75 9.40
N SER A 5 -13.37 -10.13 8.23
CA SER A 5 -11.95 -9.97 7.92
C SER A 5 -11.09 -10.83 8.84
N SER A 6 -11.51 -12.07 9.05
CA SER A 6 -10.79 -12.99 9.93
C SER A 6 -9.80 -13.83 9.12
N GLY A 7 -9.00 -13.16 8.30
CA GLY A 7 -8.02 -13.86 7.49
C GLY A 7 -7.03 -12.92 6.82
N LYS A 8 -6.04 -12.47 7.59
CA LYS A 8 -5.02 -11.55 7.07
C LYS A 8 -4.13 -12.26 6.05
N ARG A 9 -4.24 -13.57 5.99
CA ARG A 9 -3.44 -14.36 5.06
C ARG A 9 -4.34 -15.17 4.11
N MET A 10 -4.56 -14.62 2.92
CA MET A 10 -5.40 -15.28 1.92
C MET A 10 -4.70 -15.30 0.56
N ARG A 11 -5.38 -15.87 -0.43
CA ARG A 11 -4.83 -15.95 -1.78
C ARG A 11 -5.32 -14.80 -2.64
N THR A 12 -5.71 -13.70 -2.00
CA THR A 12 -6.20 -12.53 -2.71
C THR A 12 -5.09 -11.89 -3.54
N SER A 13 -4.73 -12.55 -4.63
CA SER A 13 -3.68 -12.04 -5.51
C SER A 13 -4.18 -10.86 -6.33
N PHE A 14 -3.76 -9.66 -5.95
CA PHE A 14 -4.17 -8.44 -6.65
C PHE A 14 -3.60 -8.41 -8.07
N LYS A 15 -4.27 -7.67 -8.95
CA LYS A 15 -3.84 -7.56 -10.33
C LYS A 15 -2.71 -6.55 -10.47
N HIS A 16 -2.00 -6.61 -11.59
CA HIS A 16 -0.90 -5.69 -11.85
C HIS A 16 -1.41 -4.33 -12.32
N HIS A 17 -2.64 -4.32 -12.82
CA HIS A 17 -3.25 -3.08 -13.31
C HIS A 17 -3.66 -2.18 -12.13
N GLN A 18 -4.64 -2.62 -11.37
CA GLN A 18 -5.12 -1.86 -10.23
C GLN A 18 -3.96 -1.45 -9.32
N LEU A 19 -3.13 -2.42 -8.95
CA LEU A 19 -1.98 -2.16 -8.08
C LEU A 19 -1.17 -0.98 -8.62
N ARG A 20 -0.85 -1.01 -9.91
CA ARG A 20 -0.08 0.06 -10.53
C ARG A 20 -0.57 1.42 -10.06
N THR A 21 -1.89 1.56 -9.91
CA THR A 21 -2.48 2.81 -9.48
C THR A 21 -2.22 3.06 -8.00
N MET A 22 -2.36 2.02 -7.19
CA MET A 22 -2.14 2.13 -5.75
C MET A 22 -0.67 2.41 -5.46
N LYS A 23 0.20 1.54 -5.92
CA LYS A 23 1.64 1.69 -5.69
C LYS A 23 2.10 3.09 -6.07
N SER A 24 1.72 3.53 -7.28
CA SER A 24 2.10 4.86 -7.76
C SER A 24 1.68 5.93 -6.77
N TYR A 25 0.53 5.74 -6.13
CA TYR A 25 0.02 6.69 -5.16
C TYR A 25 0.90 6.72 -3.91
N PHE A 26 1.31 5.54 -3.46
CA PHE A 26 2.14 5.42 -2.27
C PHE A 26 3.28 6.45 -2.31
N ALA A 27 3.80 6.70 -3.50
CA ALA A 27 4.88 7.66 -3.68
C ALA A 27 4.39 9.08 -3.50
N ILE A 28 3.19 9.36 -4.02
CA ILE A 28 2.61 10.69 -3.92
C ILE A 28 2.22 11.01 -2.49
N ASN A 29 1.45 10.11 -1.87
CA ASN A 29 1.01 10.31 -0.50
C ASN A 29 1.10 8.99 0.28
N HIS A 30 1.42 9.10 1.57
CA HIS A 30 1.54 7.94 2.44
C HIS A 30 0.26 7.74 3.27
N ASN A 31 -0.19 8.83 3.87
CA ASN A 31 -1.40 8.78 4.70
C ASN A 31 -2.57 9.47 4.00
N PRO A 32 -3.21 8.75 3.08
CA PRO A 32 -4.36 9.26 2.32
C PRO A 32 -5.59 9.44 3.19
N ASP A 33 -6.47 10.36 2.79
CA ASP A 33 -7.69 10.63 3.54
C ASP A 33 -8.87 9.90 2.92
N ALA A 34 -9.93 9.74 3.69
CA ALA A 34 -11.13 9.05 3.22
C ALA A 34 -11.40 9.37 1.75
N LYS A 35 -11.31 10.65 1.41
CA LYS A 35 -11.55 11.09 0.03
C LYS A 35 -10.61 10.36 -0.93
N ASP A 36 -9.33 10.34 -0.60
CA ASP A 36 -8.33 9.67 -1.44
C ASP A 36 -8.62 8.17 -1.53
N LEU A 37 -9.09 7.60 -0.43
CA LEU A 37 -9.39 6.16 -0.38
C LEU A 37 -10.53 5.83 -1.35
N LYS A 38 -11.64 6.53 -1.23
CA LYS A 38 -12.79 6.30 -2.09
C LYS A 38 -12.42 6.49 -3.56
N GLN A 39 -11.57 7.49 -3.81
CA GLN A 39 -11.14 7.78 -5.18
C GLN A 39 -10.35 6.61 -5.76
N LEU A 40 -9.61 5.92 -4.91
CA LEU A 40 -8.80 4.78 -5.34
C LEU A 40 -9.67 3.53 -5.46
N ALA A 41 -10.74 3.47 -4.69
CA ALA A 41 -11.66 2.33 -4.72
C ALA A 41 -12.27 2.16 -6.10
N GLN A 42 -12.32 3.24 -6.87
CA GLN A 42 -12.88 3.20 -8.21
C GLN A 42 -11.78 3.00 -9.25
N LYS A 43 -10.71 3.77 -9.14
CA LYS A 43 -9.59 3.67 -10.07
C LYS A 43 -9.06 2.24 -10.13
N THR A 44 -9.19 1.52 -9.02
CA THR A 44 -8.71 0.13 -8.95
C THR A 44 -9.89 -0.85 -8.96
N GLY A 45 -11.00 -0.43 -8.36
CA GLY A 45 -12.17 -1.29 -8.32
C GLY A 45 -12.39 -1.91 -6.95
N LEU A 46 -11.36 -1.85 -6.10
CA LEU A 46 -11.44 -2.41 -4.77
C LEU A 46 -12.31 -1.55 -3.86
N THR A 47 -12.48 -1.98 -2.61
CA THR A 47 -13.28 -1.23 -1.65
C THR A 47 -12.41 -0.49 -0.65
N LYS A 48 -13.04 0.36 0.16
CA LYS A 48 -12.31 1.14 1.16
C LYS A 48 -11.40 0.24 1.98
N ARG A 49 -11.99 -0.76 2.64
CA ARG A 49 -11.23 -1.69 3.47
C ARG A 49 -10.00 -2.20 2.72
N VAL A 50 -10.24 -2.93 1.63
CA VAL A 50 -9.15 -3.48 0.83
C VAL A 50 -8.05 -2.46 0.63
N LEU A 51 -8.43 -1.21 0.34
CA LEU A 51 -7.48 -0.15 0.12
C LEU A 51 -6.82 0.28 1.44
N GLN A 52 -7.58 0.17 2.53
CA GLN A 52 -7.07 0.54 3.84
C GLN A 52 -5.99 -0.43 4.30
N VAL A 53 -6.33 -1.72 4.34
CA VAL A 53 -5.39 -2.75 4.76
C VAL A 53 -4.12 -2.71 3.93
N TRP A 54 -4.26 -2.95 2.63
CA TRP A 54 -3.12 -2.94 1.72
C TRP A 54 -2.16 -1.82 2.07
N PHE A 55 -2.64 -0.58 2.01
CA PHE A 55 -1.82 0.59 2.31
C PHE A 55 -1.17 0.45 3.68
N GLN A 56 -2.00 0.19 4.70
CA GLN A 56 -1.50 0.04 6.06
C GLN A 56 -0.35 -0.95 6.11
N ASN A 57 -0.43 -2.00 5.29
CA ASN A 57 0.61 -3.02 5.25
C ASN A 57 1.85 -2.50 4.53
N ALA A 58 1.64 -1.57 3.59
CA ALA A 58 2.74 -0.99 2.84
C ALA A 58 3.68 -0.20 3.75
N ARG A 59 3.09 0.65 4.60
CA ARG A 59 3.87 1.46 5.51
C ARG A 59 4.78 0.59 6.38
N ALA A 60 4.27 -0.56 6.79
CA ALA A 60 5.03 -1.48 7.62
C ALA A 60 6.26 -2.00 6.88
N LYS A 61 6.08 -2.35 5.61
CA LYS A 61 7.18 -2.85 4.80
C LYS A 61 8.26 -1.79 4.62
N PHE A 62 7.87 -0.63 4.09
CA PHE A 62 8.80 0.47 3.87
C PHE A 62 9.64 0.72 5.11
N ARG A 63 8.99 0.79 6.26
CA ARG A 63 9.68 1.02 7.52
C ARG A 63 10.83 0.03 7.71
N ARG A 64 10.54 -1.24 7.51
CA ARG A 64 11.54 -2.29 7.65
C ARG A 64 12.86 -1.87 7.01
N ASN A 65 12.80 -1.50 5.74
CA ASN A 65 14.00 -1.08 5.00
C ASN A 65 14.89 -0.20 5.89
N LEU A 66 14.31 0.86 6.44
CA LEU A 66 15.06 1.76 7.30
C LEU A 66 15.68 1.01 8.48
N LEU A 67 14.93 0.09 9.06
CA LEU A 67 15.40 -0.70 10.19
C LEU A 67 16.44 -1.73 9.73
N ARG A 68 16.48 -1.99 8.43
CA ARG A 68 17.41 -2.94 7.87
C ARG A 68 17.48 -4.20 8.72
N GLN A 69 16.32 -4.73 9.09
CA GLN A 69 16.25 -5.94 9.91
C GLN A 69 16.52 -7.18 9.08
N GLU A 70 15.76 -7.35 8.00
CA GLU A 70 15.92 -8.50 7.12
C GLU A 70 16.74 -8.14 5.89
N ASN A 71 17.01 -9.12 5.04
CA ASN A 71 17.79 -8.90 3.83
C ASN A 71 16.92 -9.10 2.59
N GLY A 72 17.45 -8.71 1.44
CA GLY A 72 16.73 -8.84 0.20
C GLY A 72 17.20 -7.87 -0.88
N GLY A 73 16.89 -6.59 -0.70
CA GLY A 73 17.31 -5.59 -1.66
C GLY A 73 18.16 -4.51 -1.04
N VAL A 74 19.41 -4.40 -1.50
CA VAL A 74 20.33 -3.40 -0.98
C VAL A 74 20.67 -2.36 -2.04
N SER A 75 19.83 -1.33 -2.13
CA SER A 75 20.04 -0.27 -3.11
C SER A 75 19.70 1.09 -2.51
N GLY A 76 19.92 2.15 -3.30
CA GLY A 76 19.62 3.49 -2.83
C GLY A 76 20.89 4.29 -2.53
N PRO A 77 20.71 5.54 -2.10
CA PRO A 77 21.83 6.43 -1.77
C PRO A 77 22.57 6.00 -0.52
N SER A 78 23.90 5.99 -0.60
CA SER A 78 24.72 5.59 0.53
C SER A 78 24.81 6.70 1.57
N SER A 79 25.30 6.37 2.75
CA SER A 79 25.43 7.34 3.84
C SER A 79 26.36 8.49 3.43
N GLY A 80 27.57 8.13 3.01
CA GLY A 80 28.54 9.13 2.60
C GLY A 80 28.80 10.16 3.68
N GLY A 1 -18.85 -20.12 11.21
CA GLY A 1 -17.45 -20.20 11.60
C GLY A 1 -16.89 -21.60 11.44
N SER A 2 -16.47 -22.19 12.56
CA SER A 2 -15.89 -23.53 12.55
C SER A 2 -14.77 -23.64 11.52
N SER A 3 -13.93 -22.62 11.48
CA SER A 3 -12.80 -22.59 10.54
C SER A 3 -11.53 -23.09 11.21
N GLY A 4 -10.93 -24.12 10.62
CA GLY A 4 -9.70 -24.68 11.17
C GLY A 4 -8.50 -23.81 10.89
N SER A 5 -8.32 -22.77 11.69
CA SER A 5 -7.19 -21.85 11.53
C SER A 5 -7.16 -20.82 12.65
N SER A 6 -6.02 -20.72 13.32
CA SER A 6 -5.86 -19.77 14.41
C SER A 6 -5.58 -18.36 13.89
N GLY A 7 -4.61 -18.26 12.98
CA GLY A 7 -4.26 -16.98 12.41
C GLY A 7 -4.82 -16.79 11.01
N LYS A 8 -4.82 -15.55 10.53
CA LYS A 8 -5.32 -15.24 9.20
C LYS A 8 -4.18 -14.94 8.24
N ARG A 9 -4.38 -15.26 6.97
CA ARG A 9 -3.36 -15.03 5.95
C ARG A 9 -3.98 -14.45 4.68
N MET A 10 -3.51 -13.28 4.27
CA MET A 10 -4.02 -12.63 3.07
C MET A 10 -3.85 -13.51 1.85
N ARG A 11 -2.60 -13.83 1.53
CA ARG A 11 -2.30 -14.68 0.38
C ARG A 11 -3.17 -14.31 -0.81
N THR A 12 -3.28 -13.01 -1.08
CA THR A 12 -4.09 -12.53 -2.19
C THR A 12 -3.22 -12.19 -3.40
N SER A 13 -3.82 -12.23 -4.59
CA SER A 13 -3.10 -11.93 -5.82
C SER A 13 -3.72 -10.74 -6.54
N PHE A 14 -3.18 -9.56 -6.26
CA PHE A 14 -3.68 -8.33 -6.88
C PHE A 14 -3.22 -8.23 -8.33
N LYS A 15 -3.96 -7.46 -9.13
CA LYS A 15 -3.64 -7.28 -10.54
C LYS A 15 -2.68 -6.11 -10.73
N HIS A 16 -1.74 -6.27 -11.65
CA HIS A 16 -0.76 -5.23 -11.94
C HIS A 16 -1.45 -3.93 -12.37
N HIS A 17 -2.71 -4.05 -12.78
CA HIS A 17 -3.48 -2.89 -13.22
C HIS A 17 -3.91 -2.04 -12.02
N GLN A 18 -4.77 -2.59 -11.17
CA GLN A 18 -5.25 -1.88 -10.00
C GLN A 18 -4.09 -1.42 -9.14
N LEU A 19 -3.15 -2.32 -8.86
CA LEU A 19 -1.99 -2.00 -8.04
C LEU A 19 -1.23 -0.82 -8.62
N ARG A 20 -1.04 -0.81 -9.93
CA ARG A 20 -0.33 0.26 -10.61
C ARG A 20 -0.81 1.62 -10.11
N THR A 21 -2.11 1.73 -9.84
CA THR A 21 -2.69 2.98 -9.37
C THR A 21 -2.32 3.23 -7.90
N MET A 22 -2.40 2.18 -7.09
CA MET A 22 -2.08 2.29 -5.68
C MET A 22 -0.58 2.53 -5.48
N LYS A 23 0.23 1.56 -5.86
CA LYS A 23 1.68 1.67 -5.72
C LYS A 23 2.14 3.09 -6.05
N SER A 24 1.72 3.60 -7.19
CA SER A 24 2.10 4.95 -7.62
C SER A 24 1.73 5.98 -6.56
N TYR A 25 0.49 5.91 -6.08
CA TYR A 25 0.02 6.84 -5.07
C TYR A 25 0.90 6.78 -3.83
N PHE A 26 1.25 5.57 -3.40
CA PHE A 26 2.09 5.39 -2.23
C PHE A 26 3.25 6.39 -2.23
N ALA A 27 3.83 6.60 -3.40
CA ALA A 27 4.95 7.54 -3.53
C ALA A 27 4.49 8.98 -3.33
N ILE A 28 3.32 9.31 -3.88
CA ILE A 28 2.78 10.64 -3.76
C ILE A 28 2.40 10.96 -2.31
N ASN A 29 1.62 10.07 -1.70
CA ASN A 29 1.20 10.26 -0.31
C ASN A 29 1.21 8.93 0.43
N HIS A 30 1.62 8.98 1.70
CA HIS A 30 1.67 7.78 2.53
C HIS A 30 0.39 7.63 3.35
N ASN A 31 -0.09 8.74 3.89
CA ASN A 31 -1.31 8.74 4.70
C ASN A 31 -2.47 9.36 3.94
N PRO A 32 -3.10 8.57 3.06
CA PRO A 32 -4.24 9.03 2.24
C PRO A 32 -5.49 9.25 3.09
N ASP A 33 -6.29 10.23 2.69
CA ASP A 33 -7.53 10.53 3.42
C ASP A 33 -8.71 9.85 2.76
N ALA A 34 -9.82 9.73 3.51
CA ALA A 34 -11.02 9.10 3.00
C ALA A 34 -11.23 9.42 1.52
N LYS A 35 -11.15 10.70 1.19
CA LYS A 35 -11.33 11.14 -0.20
C LYS A 35 -10.50 10.28 -1.15
N ASP A 36 -9.20 10.21 -0.90
CA ASP A 36 -8.29 9.42 -1.74
C ASP A 36 -8.69 7.94 -1.71
N LEU A 37 -9.13 7.48 -0.55
CA LEU A 37 -9.53 6.08 -0.39
C LEU A 37 -10.70 5.75 -1.30
N LYS A 38 -11.78 6.53 -1.20
CA LYS A 38 -12.96 6.32 -2.03
C LYS A 38 -12.64 6.51 -3.50
N GLN A 39 -11.74 7.45 -3.79
CA GLN A 39 -11.34 7.73 -5.16
C GLN A 39 -10.57 6.56 -5.77
N LEU A 40 -9.77 5.91 -4.94
CA LEU A 40 -8.97 4.77 -5.39
C LEU A 40 -9.85 3.55 -5.60
N ALA A 41 -10.84 3.37 -4.73
CA ALA A 41 -11.75 2.24 -4.82
C ALA A 41 -12.33 2.11 -6.22
N GLN A 42 -12.39 3.24 -6.93
CA GLN A 42 -12.93 3.25 -8.28
C GLN A 42 -11.83 3.00 -9.30
N LYS A 43 -10.75 3.76 -9.22
CA LYS A 43 -9.63 3.61 -10.13
C LYS A 43 -9.13 2.17 -10.16
N THR A 44 -9.22 1.49 -9.02
CA THR A 44 -8.80 0.10 -8.93
C THR A 44 -9.99 -0.84 -8.92
N GLY A 45 -11.07 -0.43 -8.27
CA GLY A 45 -12.26 -1.24 -8.19
C GLY A 45 -12.46 -1.86 -6.82
N LEU A 46 -11.38 -1.97 -6.06
CA LEU A 46 -11.44 -2.53 -4.72
C LEU A 46 -12.31 -1.68 -3.80
N THR A 47 -12.44 -2.11 -2.55
CA THR A 47 -13.25 -1.38 -1.58
C THR A 47 -12.37 -0.64 -0.58
N LYS A 48 -12.95 0.32 0.13
CA LYS A 48 -12.23 1.11 1.11
C LYS A 48 -11.42 0.20 2.04
N ARG A 49 -12.03 -0.89 2.47
CA ARG A 49 -11.37 -1.83 3.37
C ARG A 49 -10.08 -2.35 2.74
N VAL A 50 -10.18 -2.93 1.56
CA VAL A 50 -9.02 -3.47 0.85
C VAL A 50 -7.90 -2.44 0.78
N LEU A 51 -8.22 -1.28 0.19
CA LEU A 51 -7.24 -0.20 0.06
C LEU A 51 -6.65 0.18 1.42
N GLN A 52 -7.52 0.30 2.41
CA GLN A 52 -7.10 0.66 3.75
C GLN A 52 -6.02 -0.31 4.26
N VAL A 53 -6.33 -1.59 4.24
CA VAL A 53 -5.39 -2.61 4.69
C VAL A 53 -4.11 -2.59 3.87
N TRP A 54 -4.23 -2.82 2.56
CA TRP A 54 -3.09 -2.82 1.67
C TRP A 54 -2.14 -1.68 2.01
N PHE A 55 -2.64 -0.45 1.98
CA PHE A 55 -1.84 0.71 2.29
C PHE A 55 -1.17 0.58 3.67
N GLN A 56 -1.99 0.35 4.69
CA GLN A 56 -1.49 0.19 6.04
C GLN A 56 -0.33 -0.81 6.09
N ASN A 57 -0.49 -1.91 5.38
CA ASN A 57 0.54 -2.95 5.34
C ASN A 57 1.80 -2.43 4.65
N ALA A 58 1.62 -1.51 3.71
CA ALA A 58 2.74 -0.93 2.97
C ALA A 58 3.75 -0.31 3.92
N ARG A 59 3.32 0.73 4.64
CA ARG A 59 4.19 1.42 5.58
C ARG A 59 4.96 0.42 6.44
N ALA A 60 4.29 -0.66 6.83
CA ALA A 60 4.92 -1.68 7.65
C ALA A 60 5.95 -2.48 6.85
N LYS A 61 5.66 -2.69 5.58
CA LYS A 61 6.57 -3.43 4.71
C LYS A 61 7.90 -2.71 4.56
N PHE A 62 7.83 -1.39 4.36
CA PHE A 62 9.03 -0.57 4.20
C PHE A 62 9.85 -0.57 5.49
N ARG A 63 9.17 -0.54 6.62
CA ARG A 63 9.83 -0.52 7.92
C ARG A 63 10.95 -1.57 7.97
N ARG A 64 10.78 -2.64 7.20
CA ARG A 64 11.76 -3.72 7.16
C ARG A 64 13.03 -3.26 6.44
N ASN A 65 12.85 -2.56 5.32
CA ASN A 65 13.98 -2.08 4.53
C ASN A 65 14.91 -1.22 5.39
N LEU A 66 14.33 -0.54 6.39
CA LEU A 66 15.11 0.32 7.28
C LEU A 66 16.08 -0.51 8.11
N LEU A 67 15.94 -1.84 8.03
CA LEU A 67 16.81 -2.73 8.77
C LEU A 67 17.76 -3.48 7.84
N ARG A 68 17.87 -3.00 6.61
CA ARG A 68 18.74 -3.61 5.62
C ARG A 68 18.43 -5.10 5.47
N GLN A 69 17.15 -5.44 5.47
CA GLN A 69 16.71 -6.82 5.34
C GLN A 69 16.87 -7.30 3.90
N GLU A 70 16.42 -6.48 2.95
CA GLU A 70 16.51 -6.82 1.54
C GLU A 70 16.49 -5.56 0.67
N ASN A 71 17.31 -5.56 -0.37
CA ASN A 71 17.39 -4.42 -1.28
C ASN A 71 17.52 -4.88 -2.73
N GLY A 72 16.88 -4.16 -3.63
CA GLY A 72 16.93 -4.51 -5.04
C GLY A 72 15.61 -4.28 -5.75
N GLY A 73 15.63 -3.39 -6.74
CA GLY A 73 14.41 -3.09 -7.48
C GLY A 73 14.42 -1.69 -8.07
N VAL A 74 13.92 -0.73 -7.30
CA VAL A 74 13.87 0.66 -7.76
C VAL A 74 13.43 1.58 -6.62
N SER A 75 14.03 2.77 -6.58
CA SER A 75 13.70 3.75 -5.54
C SER A 75 13.05 4.99 -6.16
N GLY A 76 12.44 5.81 -5.31
CA GLY A 76 11.79 7.01 -5.79
C GLY A 76 12.78 8.09 -6.18
N PRO A 77 12.26 9.29 -6.50
CA PRO A 77 13.09 10.43 -6.90
C PRO A 77 13.91 10.98 -5.75
N SER A 78 13.29 11.08 -4.57
CA SER A 78 13.97 11.59 -3.39
C SER A 78 15.04 10.60 -2.90
N SER A 79 15.95 11.10 -2.08
CA SER A 79 17.02 10.27 -1.54
C SER A 79 17.42 10.73 -0.14
N GLY A 80 17.18 9.87 0.84
CA GLY A 80 17.52 10.21 2.22
C GLY A 80 18.46 9.20 2.84
N GLY A 1 -12.86 5.15 26.49
CA GLY A 1 -11.94 4.26 25.81
C GLY A 1 -12.44 3.85 24.44
N SER A 2 -11.51 3.48 23.56
CA SER A 2 -11.87 3.07 22.20
C SER A 2 -11.64 1.58 22.01
N SER A 3 -12.71 0.86 21.67
CA SER A 3 -12.62 -0.58 21.45
C SER A 3 -11.55 -0.91 20.42
N GLY A 4 -10.45 -1.48 20.89
CA GLY A 4 -9.36 -1.84 20.00
C GLY A 4 -9.56 -3.21 19.38
N SER A 5 -8.86 -3.47 18.28
CA SER A 5 -8.96 -4.74 17.59
C SER A 5 -7.91 -4.84 16.48
N SER A 6 -7.36 -6.04 16.30
CA SER A 6 -6.36 -6.27 15.28
C SER A 6 -7.00 -6.72 13.97
N GLY A 7 -6.31 -6.47 12.86
CA GLY A 7 -6.82 -6.85 11.56
C GLY A 7 -6.12 -8.06 10.99
N LYS A 8 -6.76 -9.23 11.12
CA LYS A 8 -6.19 -10.48 10.62
C LYS A 8 -5.46 -10.24 9.31
N ARG A 9 -4.38 -10.99 9.09
CA ARG A 9 -3.59 -10.87 7.87
C ARG A 9 -3.78 -12.08 6.97
N MET A 10 -3.75 -11.86 5.66
CA MET A 10 -3.93 -12.94 4.69
C MET A 10 -3.12 -12.66 3.43
N ARG A 11 -2.55 -13.72 2.85
CA ARG A 11 -1.76 -13.60 1.64
C ARG A 11 -2.65 -13.53 0.40
N THR A 12 -3.01 -12.32 0.00
CA THR A 12 -3.86 -12.13 -1.17
C THR A 12 -3.05 -11.68 -2.38
N SER A 13 -3.53 -12.02 -3.57
CA SER A 13 -2.84 -11.65 -4.80
C SER A 13 -3.66 -10.63 -5.59
N PHE A 14 -3.04 -9.49 -5.87
CA PHE A 14 -3.71 -8.43 -6.61
C PHE A 14 -3.26 -8.43 -8.07
N LYS A 15 -3.84 -7.53 -8.86
CA LYS A 15 -3.51 -7.42 -10.28
C LYS A 15 -2.43 -6.37 -10.51
N HIS A 16 -1.89 -6.34 -11.72
CA HIS A 16 -0.85 -5.38 -12.07
C HIS A 16 -1.46 -4.05 -12.53
N HIS A 17 -2.69 -4.12 -13.01
CA HIS A 17 -3.39 -2.93 -13.48
C HIS A 17 -3.79 -2.02 -12.31
N GLN A 18 -4.67 -2.53 -11.46
CA GLN A 18 -5.13 -1.77 -10.31
C GLN A 18 -3.95 -1.29 -9.47
N LEU A 19 -3.05 -2.20 -9.15
CA LEU A 19 -1.87 -1.87 -8.34
C LEU A 19 -1.10 -0.71 -8.96
N ARG A 20 -0.85 -0.79 -10.27
CA ARG A 20 -0.13 0.25 -10.98
C ARG A 20 -0.54 1.63 -10.48
N THR A 21 -1.84 1.82 -10.26
CA THR A 21 -2.36 3.09 -9.78
C THR A 21 -2.11 3.26 -8.29
N MET A 22 -2.24 2.17 -7.54
CA MET A 22 -2.02 2.20 -6.11
C MET A 22 -0.55 2.46 -5.77
N LYS A 23 0.31 1.54 -6.21
CA LYS A 23 1.74 1.66 -5.97
C LYS A 23 2.23 3.09 -6.25
N SER A 24 1.83 3.62 -7.40
CA SER A 24 2.22 4.97 -7.79
C SER A 24 1.83 5.98 -6.72
N TYR A 25 0.72 5.71 -6.04
CA TYR A 25 0.24 6.60 -4.98
C TYR A 25 1.05 6.42 -3.70
N PHE A 26 1.26 5.17 -3.31
CA PHE A 26 2.02 4.86 -2.11
C PHE A 26 3.27 5.74 -2.02
N ALA A 27 3.82 6.10 -3.17
CA ALA A 27 5.01 6.94 -3.21
C ALA A 27 4.67 8.40 -2.89
N ILE A 28 3.55 8.87 -3.43
CA ILE A 28 3.12 10.24 -3.19
C ILE A 28 2.60 10.42 -1.77
N ASN A 29 1.73 9.52 -1.34
CA ASN A 29 1.17 9.57 0.01
C ASN A 29 0.86 8.18 0.53
N HIS A 30 1.01 8.00 1.84
CA HIS A 30 0.75 6.70 2.46
C HIS A 30 -0.48 6.77 3.38
N ASN A 31 -0.83 7.99 3.78
CA ASN A 31 -1.97 8.21 4.66
C ASN A 31 -3.03 9.07 3.98
N PRO A 32 -3.70 8.49 2.97
CA PRO A 32 -4.75 9.19 2.21
C PRO A 32 -6.01 9.43 3.04
N ASP A 33 -6.79 10.43 2.65
CA ASP A 33 -8.02 10.76 3.35
C ASP A 33 -9.22 10.07 2.72
N ALA A 34 -10.32 10.01 3.46
CA ALA A 34 -11.53 9.38 2.96
C ALA A 34 -11.79 9.72 1.50
N LYS A 35 -11.65 11.00 1.17
CA LYS A 35 -11.86 11.48 -0.20
C LYS A 35 -10.95 10.73 -1.17
N ASP A 36 -9.68 10.60 -0.81
CA ASP A 36 -8.71 9.90 -1.65
C ASP A 36 -9.00 8.41 -1.69
N LEU A 37 -9.38 7.86 -0.54
CA LEU A 37 -9.69 6.43 -0.44
C LEU A 37 -10.80 6.04 -1.40
N LYS A 38 -11.93 6.74 -1.32
CA LYS A 38 -13.06 6.47 -2.19
C LYS A 38 -12.68 6.64 -3.65
N GLN A 39 -11.75 7.56 -3.91
CA GLN A 39 -11.29 7.82 -5.27
C GLN A 39 -10.59 6.60 -5.86
N LEU A 40 -9.74 5.97 -5.05
CA LEU A 40 -9.01 4.79 -5.49
C LEU A 40 -9.94 3.60 -5.66
N ALA A 41 -10.81 3.38 -4.68
CA ALA A 41 -11.76 2.28 -4.73
C ALA A 41 -12.36 2.13 -6.12
N GLN A 42 -12.44 3.24 -6.84
CA GLN A 42 -13.00 3.23 -8.19
C GLN A 42 -11.90 2.98 -9.23
N LYS A 43 -10.84 3.78 -9.16
CA LYS A 43 -9.73 3.65 -10.10
C LYS A 43 -9.23 2.21 -10.16
N THR A 44 -9.32 1.51 -9.02
CA THR A 44 -8.88 0.13 -8.94
C THR A 44 -10.06 -0.82 -8.89
N GLY A 45 -11.07 -0.45 -8.09
CA GLY A 45 -12.25 -1.29 -7.97
C GLY A 45 -12.36 -1.94 -6.60
N LEU A 46 -11.23 -2.02 -5.91
CA LEU A 46 -11.20 -2.62 -4.56
C LEU A 46 -12.09 -1.85 -3.60
N THR A 47 -12.31 -2.42 -2.41
CA THR A 47 -13.13 -1.79 -1.40
C THR A 47 -12.33 -0.82 -0.55
N LYS A 48 -13.02 0.05 0.18
CA LYS A 48 -12.36 1.03 1.03
C LYS A 48 -11.37 0.35 1.97
N ARG A 49 -11.87 -0.56 2.80
CA ARG A 49 -11.02 -1.27 3.75
C ARG A 49 -9.81 -1.87 3.05
N VAL A 50 -10.05 -2.60 1.96
CA VAL A 50 -8.98 -3.22 1.20
C VAL A 50 -7.82 -2.26 0.99
N LEU A 51 -8.13 -1.08 0.46
CA LEU A 51 -7.11 -0.06 0.22
C LEU A 51 -6.42 0.35 1.51
N GLN A 52 -7.22 0.77 2.48
CA GLN A 52 -6.69 1.19 3.78
C GLN A 52 -5.65 0.20 4.29
N VAL A 53 -6.06 -1.06 4.45
CA VAL A 53 -5.17 -2.11 4.93
C VAL A 53 -3.92 -2.20 4.07
N TRP A 54 -4.12 -2.39 2.77
CA TRP A 54 -3.00 -2.50 1.83
C TRP A 54 -1.95 -1.43 2.11
N PHE A 55 -2.37 -0.17 2.08
CA PHE A 55 -1.45 0.94 2.33
C PHE A 55 -0.64 0.70 3.59
N GLN A 56 -1.33 0.38 4.68
CA GLN A 56 -0.67 0.13 5.96
C GLN A 56 0.35 -1.00 5.82
N ASN A 57 0.02 -2.00 5.03
CA ASN A 57 0.90 -3.14 4.82
C ASN A 57 2.19 -2.71 4.11
N ALA A 58 2.05 -1.79 3.16
CA ALA A 58 3.19 -1.28 2.41
C ALA A 58 4.27 -0.75 3.35
N ARG A 59 3.92 0.28 4.12
CA ARG A 59 4.87 0.88 5.06
C ARG A 59 5.67 -0.19 5.79
N ALA A 60 4.99 -1.24 6.24
CA ALA A 60 5.64 -2.33 6.95
C ALA A 60 6.73 -2.97 6.08
N LYS A 61 6.38 -3.28 4.84
CA LYS A 61 7.32 -3.89 3.91
C LYS A 61 8.49 -2.96 3.62
N PHE A 62 8.19 -1.73 3.19
CA PHE A 62 9.21 -0.75 2.88
C PHE A 62 10.37 -0.83 3.88
N ARG A 63 10.02 -0.89 5.17
CA ARG A 63 11.03 -0.97 6.22
C ARG A 63 12.10 -2.02 5.88
N ARG A 64 11.65 -3.18 5.43
CA ARG A 64 12.56 -4.26 5.07
C ARG A 64 13.55 -3.80 3.99
N ASN A 65 13.03 -3.21 2.93
CA ASN A 65 13.86 -2.73 1.84
C ASN A 65 15.08 -1.98 2.37
N LEU A 66 14.84 -1.03 3.27
CA LEU A 66 15.91 -0.24 3.85
C LEU A 66 17.12 -1.12 4.17
N LEU A 67 16.85 -2.37 4.55
CA LEU A 67 17.92 -3.31 4.88
C LEU A 67 18.67 -3.75 3.63
N ARG A 68 17.93 -3.94 2.54
CA ARG A 68 18.53 -4.36 1.28
C ARG A 68 19.33 -5.65 1.46
N GLN A 69 18.77 -6.59 2.20
CA GLN A 69 19.43 -7.87 2.44
C GLN A 69 19.05 -8.90 1.38
N GLU A 70 17.75 -9.05 1.15
CA GLU A 70 17.24 -10.00 0.17
C GLU A 70 16.65 -9.27 -1.03
N ASN A 71 16.88 -9.82 -2.23
CA ASN A 71 16.36 -9.22 -3.45
C ASN A 71 14.84 -9.13 -3.41
N GLY A 72 14.27 -8.36 -4.34
CA GLY A 72 12.84 -8.22 -4.39
C GLY A 72 12.41 -6.77 -4.58
N GLY A 73 11.10 -6.55 -4.72
CA GLY A 73 10.59 -5.21 -4.91
C GLY A 73 10.86 -4.67 -6.29
N VAL A 74 10.83 -3.36 -6.43
CA VAL A 74 11.07 -2.72 -7.73
C VAL A 74 12.32 -1.85 -7.69
N SER A 75 13.40 -2.34 -8.30
CA SER A 75 14.66 -1.61 -8.33
C SER A 75 14.72 -0.69 -9.54
N GLY A 76 14.06 0.46 -9.44
CA GLY A 76 14.05 1.41 -10.54
C GLY A 76 14.73 2.72 -10.17
N PRO A 77 14.54 3.74 -11.02
CA PRO A 77 15.13 5.07 -10.80
C PRO A 77 14.48 5.80 -9.62
N SER A 78 15.32 6.37 -8.76
CA SER A 78 14.83 7.09 -7.59
C SER A 78 15.29 8.54 -7.62
N SER A 79 16.61 8.74 -7.66
CA SER A 79 17.19 10.08 -7.69
C SER A 79 17.91 10.33 -9.01
N GLY A 80 18.07 11.60 -9.35
CA GLY A 80 18.74 11.96 -10.58
C GLY A 80 17.78 12.15 -11.73
N GLY A 1 -31.97 -8.95 -2.02
CA GLY A 1 -31.10 -8.86 -0.85
C GLY A 1 -30.84 -10.20 -0.21
N SER A 2 -29.61 -10.70 -0.37
CA SER A 2 -29.24 -12.00 0.20
C SER A 2 -27.72 -12.08 0.39
N SER A 3 -27.31 -12.51 1.57
CA SER A 3 -25.89 -12.64 1.89
C SER A 3 -25.55 -14.08 2.28
N GLY A 4 -24.27 -14.40 2.23
CA GLY A 4 -23.82 -15.74 2.60
C GLY A 4 -23.32 -15.82 4.02
N SER A 5 -22.70 -16.95 4.36
CA SER A 5 -22.18 -17.16 5.71
C SER A 5 -20.67 -17.38 5.67
N SER A 6 -20.22 -18.22 4.74
CA SER A 6 -18.81 -18.51 4.60
C SER A 6 -18.22 -17.83 3.37
N GLY A 7 -17.23 -16.96 3.60
CA GLY A 7 -16.60 -16.25 2.50
C GLY A 7 -16.56 -14.76 2.74
N LYS A 8 -15.92 -14.34 3.83
CA LYS A 8 -15.81 -12.93 4.18
C LYS A 8 -14.72 -12.26 3.35
N ARG A 9 -13.55 -12.87 3.32
CA ARG A 9 -12.41 -12.33 2.57
C ARG A 9 -11.73 -13.42 1.75
N MET A 10 -11.71 -13.25 0.43
CA MET A 10 -11.09 -14.21 -0.46
C MET A 10 -9.57 -14.22 -0.29
N ARG A 11 -8.90 -15.10 -1.01
CA ARG A 11 -7.45 -15.21 -0.93
C ARG A 11 -6.78 -13.91 -1.36
N THR A 12 -5.76 -13.50 -0.62
CA THR A 12 -5.04 -12.27 -0.91
C THR A 12 -4.42 -12.31 -2.31
N SER A 13 -4.88 -11.43 -3.18
CA SER A 13 -4.38 -11.38 -4.55
C SER A 13 -4.76 -10.06 -5.21
N PHE A 14 -3.87 -9.56 -6.07
CA PHE A 14 -4.13 -8.31 -6.78
C PHE A 14 -3.54 -8.36 -8.19
N LYS A 15 -3.98 -7.43 -9.03
CA LYS A 15 -3.50 -7.36 -10.41
C LYS A 15 -2.48 -6.23 -10.58
N HIS A 16 -1.61 -6.37 -11.58
CA HIS A 16 -0.58 -5.37 -11.84
C HIS A 16 -1.20 -4.08 -12.35
N HIS A 17 -2.48 -4.15 -12.73
CA HIS A 17 -3.19 -2.99 -13.24
C HIS A 17 -3.70 -2.11 -12.10
N GLN A 18 -4.66 -2.63 -11.34
CA GLN A 18 -5.22 -1.90 -10.21
C GLN A 18 -4.13 -1.39 -9.29
N LEU A 19 -3.20 -2.27 -8.92
CA LEU A 19 -2.10 -1.91 -8.04
C LEU A 19 -1.32 -0.72 -8.60
N ARG A 20 -0.97 -0.80 -9.89
CA ARG A 20 -0.23 0.26 -10.54
C ARG A 20 -0.74 1.63 -10.10
N THR A 21 -2.04 1.73 -9.84
CA THR A 21 -2.64 2.98 -9.40
C THR A 21 -2.34 3.26 -7.94
N MET A 22 -2.33 2.20 -7.13
CA MET A 22 -2.05 2.33 -5.71
C MET A 22 -0.56 2.58 -5.47
N LYS A 23 0.27 1.66 -5.92
CA LYS A 23 1.72 1.79 -5.75
C LYS A 23 2.18 3.19 -6.13
N SER A 24 1.81 3.63 -7.32
CA SER A 24 2.19 4.95 -7.81
C SER A 24 1.82 6.03 -6.80
N TYR A 25 0.67 5.85 -6.15
CA TYR A 25 0.19 6.81 -5.16
C TYR A 25 0.98 6.69 -3.85
N PHE A 26 1.28 5.46 -3.46
CA PHE A 26 2.03 5.21 -2.24
C PHE A 26 3.20 6.19 -2.12
N ALA A 27 3.79 6.55 -3.25
CA ALA A 27 4.91 7.47 -3.27
C ALA A 27 4.45 8.90 -3.06
N ILE A 28 3.26 9.21 -3.54
CA ILE A 28 2.70 10.56 -3.40
C ILE A 28 2.28 10.82 -1.97
N ASN A 29 1.47 9.92 -1.42
CA ASN A 29 0.99 10.06 -0.05
C ASN A 29 0.91 8.70 0.64
N HIS A 30 1.37 8.64 1.88
CA HIS A 30 1.35 7.40 2.66
C HIS A 30 -0.01 7.18 3.29
N ASN A 31 -0.51 8.20 3.99
CA ASN A 31 -1.81 8.11 4.64
C ASN A 31 -2.85 8.94 3.90
N PRO A 32 -3.41 8.38 2.82
CA PRO A 32 -4.42 9.06 2.01
C PRO A 32 -5.75 9.20 2.74
N ASP A 33 -6.26 10.43 2.80
CA ASP A 33 -7.53 10.70 3.46
C ASP A 33 -8.67 9.95 2.80
N ALA A 34 -9.79 9.82 3.50
CA ALA A 34 -10.96 9.13 2.97
C ALA A 34 -11.27 9.59 1.56
N LYS A 35 -11.16 10.90 1.32
CA LYS A 35 -11.44 11.46 0.01
C LYS A 35 -10.65 10.73 -1.07
N ASP A 36 -9.38 10.45 -0.80
CA ASP A 36 -8.53 9.76 -1.75
C ASP A 36 -8.84 8.26 -1.77
N LEU A 37 -9.26 7.73 -0.62
CA LEU A 37 -9.60 6.32 -0.49
C LEU A 37 -10.78 5.96 -1.38
N LYS A 38 -11.86 6.74 -1.27
CA LYS A 38 -13.05 6.51 -2.06
C LYS A 38 -12.75 6.64 -3.55
N GLN A 39 -11.84 7.54 -3.89
CA GLN A 39 -11.47 7.76 -5.29
C GLN A 39 -10.72 6.56 -5.85
N LEU A 40 -9.73 6.08 -5.10
CA LEU A 40 -8.93 4.94 -5.52
C LEU A 40 -9.81 3.69 -5.65
N ALA A 41 -10.66 3.46 -4.66
CA ALA A 41 -11.55 2.31 -4.66
C ALA A 41 -12.12 2.05 -6.06
N GLN A 42 -12.26 3.13 -6.83
CA GLN A 42 -12.79 3.01 -8.19
C GLN A 42 -11.68 2.70 -9.18
N LYS A 43 -10.60 3.47 -9.11
CA LYS A 43 -9.46 3.27 -10.01
C LYS A 43 -8.97 1.83 -9.95
N THR A 44 -9.24 1.15 -8.85
CA THR A 44 -8.83 -0.23 -8.66
C THR A 44 -10.03 -1.16 -8.57
N GLY A 45 -11.19 -0.57 -8.29
CA GLY A 45 -12.41 -1.36 -8.17
C GLY A 45 -12.59 -1.96 -6.79
N LEU A 46 -11.48 -2.07 -6.06
CA LEU A 46 -11.52 -2.64 -4.71
C LEU A 46 -12.32 -1.75 -3.77
N THR A 47 -12.60 -2.27 -2.58
CA THR A 47 -13.37 -1.53 -1.58
C THR A 47 -12.47 -0.62 -0.77
N LYS A 48 -13.09 0.30 -0.01
CA LYS A 48 -12.34 1.23 0.82
C LYS A 48 -11.47 0.48 1.82
N ARG A 49 -12.03 -0.54 2.45
CA ARG A 49 -11.31 -1.33 3.44
C ARG A 49 -10.05 -1.93 2.82
N VAL A 50 -10.22 -2.71 1.77
CA VAL A 50 -9.09 -3.34 1.09
C VAL A 50 -7.95 -2.35 0.90
N LEU A 51 -8.27 -1.19 0.34
CA LEU A 51 -7.27 -0.15 0.10
C LEU A 51 -6.52 0.19 1.39
N GLN A 52 -7.28 0.52 2.43
CA GLN A 52 -6.69 0.87 3.72
C GLN A 52 -5.66 -0.16 4.15
N VAL A 53 -6.10 -1.39 4.35
CA VAL A 53 -5.21 -2.47 4.75
C VAL A 53 -3.96 -2.51 3.89
N TRP A 54 -4.15 -2.67 2.58
CA TRP A 54 -3.04 -2.73 1.64
C TRP A 54 -2.01 -1.64 1.95
N PHE A 55 -2.45 -0.38 1.86
CA PHE A 55 -1.57 0.75 2.12
C PHE A 55 -0.88 0.60 3.48
N GLN A 56 -1.66 0.28 4.50
CA GLN A 56 -1.13 0.11 5.85
C GLN A 56 -0.03 -0.96 5.87
N ASN A 57 -0.21 -1.99 5.05
CA ASN A 57 0.77 -3.08 4.97
C ASN A 57 2.06 -2.61 4.31
N ALA A 58 1.93 -1.71 3.34
CA ALA A 58 3.08 -1.17 2.63
C ALA A 58 4.06 -0.52 3.60
N ARG A 59 3.57 0.47 4.34
CA ARG A 59 4.40 1.18 5.31
C ARG A 59 5.21 0.21 6.15
N ALA A 60 4.59 -0.89 6.54
CA ALA A 60 5.25 -1.90 7.34
C ALA A 60 6.39 -2.57 6.57
N LYS A 61 6.11 -2.95 5.33
CA LYS A 61 7.11 -3.59 4.48
C LYS A 61 8.28 -2.67 4.23
N PHE A 62 8.02 -1.53 3.58
CA PHE A 62 9.06 -0.56 3.28
C PHE A 62 10.10 -0.52 4.39
N ARG A 63 9.67 -0.13 5.58
CA ARG A 63 10.56 -0.03 6.74
C ARG A 63 11.61 -1.14 6.70
N ARG A 64 11.15 -2.38 6.52
CA ARG A 64 12.05 -3.52 6.48
C ARG A 64 13.10 -3.34 5.39
N ASN A 65 12.65 -3.00 4.18
CA ASN A 65 13.56 -2.79 3.06
C ASN A 65 14.50 -1.63 3.33
N LEU A 66 14.02 -0.67 4.12
CA LEU A 66 14.82 0.51 4.45
C LEU A 66 15.98 0.14 5.37
N LEU A 67 15.67 -0.60 6.43
CA LEU A 67 16.69 -1.03 7.39
C LEU A 67 17.59 -2.10 6.78
N ARG A 68 17.01 -2.95 5.95
CA ARG A 68 17.76 -4.02 5.31
C ARG A 68 17.94 -3.75 3.82
N GLN A 69 19.11 -3.22 3.46
CA GLN A 69 19.41 -2.90 2.07
C GLN A 69 19.47 -4.18 1.22
N GLU A 70 18.37 -4.47 0.54
CA GLU A 70 18.28 -5.65 -0.31
C GLU A 70 17.27 -5.45 -1.43
N ASN A 71 17.53 -6.07 -2.58
CA ASN A 71 16.64 -5.96 -3.73
C ASN A 71 16.06 -4.55 -3.84
N GLY A 72 16.94 -3.55 -3.77
CA GLY A 72 16.51 -2.17 -3.87
C GLY A 72 17.36 -1.35 -4.82
N GLY A 73 17.12 -0.05 -4.86
CA GLY A 73 17.88 0.81 -5.74
C GLY A 73 17.07 1.99 -6.24
N VAL A 74 17.51 3.21 -5.91
CA VAL A 74 16.81 4.41 -6.33
C VAL A 74 16.52 4.38 -7.82
N SER A 75 15.36 4.94 -8.20
CA SER A 75 14.97 4.97 -9.60
C SER A 75 15.69 6.09 -10.35
N GLY A 76 15.46 6.16 -11.66
CA GLY A 76 16.11 7.18 -12.47
C GLY A 76 15.57 7.22 -13.89
N PRO A 77 14.42 7.89 -14.06
CA PRO A 77 13.77 8.01 -15.38
C PRO A 77 14.56 8.91 -16.32
N SER A 78 14.19 8.89 -17.60
CA SER A 78 14.86 9.70 -18.61
C SER A 78 13.84 10.39 -19.51
N SER A 79 14.34 11.13 -20.50
CA SER A 79 13.48 11.85 -21.43
C SER A 79 13.61 11.27 -22.83
N GLY A 80 12.90 11.89 -23.79
CA GLY A 80 12.94 11.42 -25.16
C GLY A 80 12.42 12.46 -26.14
N GLY A 1 -13.53 11.15 7.66
CA GLY A 1 -12.34 10.35 7.90
C GLY A 1 -12.42 9.55 9.19
N SER A 2 -12.23 8.23 9.08
CA SER A 2 -12.29 7.36 10.26
C SER A 2 -11.10 6.40 10.27
N SER A 3 -10.98 5.64 11.36
CA SER A 3 -9.88 4.70 11.51
C SER A 3 -10.36 3.27 11.22
N GLY A 4 -9.41 2.35 11.11
CA GLY A 4 -9.75 0.97 10.84
C GLY A 4 -9.02 0.00 11.75
N SER A 5 -9.12 -1.29 11.45
CA SER A 5 -8.46 -2.32 12.25
C SER A 5 -7.32 -2.96 11.46
N SER A 6 -6.33 -3.48 12.18
CA SER A 6 -5.17 -4.12 11.56
C SER A 6 -5.20 -5.62 11.81
N GLY A 7 -4.78 -6.37 10.80
CA GLY A 7 -4.76 -7.83 10.91
C GLY A 7 -4.92 -8.52 9.59
N LYS A 8 -4.47 -9.77 9.51
CA LYS A 8 -4.58 -10.55 8.28
C LYS A 8 -5.53 -11.73 8.47
N ARG A 9 -6.71 -11.62 7.88
CA ARG A 9 -7.71 -12.68 7.98
C ARG A 9 -7.50 -13.73 6.90
N MET A 10 -7.56 -13.31 5.64
CA MET A 10 -7.37 -14.21 4.51
C MET A 10 -6.27 -13.70 3.58
N ARG A 11 -5.72 -14.61 2.78
CA ARG A 11 -4.65 -14.26 1.85
C ARG A 11 -5.17 -14.24 0.41
N THR A 12 -4.94 -13.12 -0.28
CA THR A 12 -5.38 -12.98 -1.66
C THR A 12 -4.39 -12.14 -2.47
N SER A 13 -4.19 -12.52 -3.72
CA SER A 13 -3.26 -11.82 -4.59
C SER A 13 -3.98 -10.72 -5.37
N PHE A 14 -3.27 -9.64 -5.67
CA PHE A 14 -3.84 -8.52 -6.41
C PHE A 14 -3.36 -8.51 -7.85
N LYS A 15 -3.94 -7.64 -8.67
CA LYS A 15 -3.57 -7.53 -10.07
C LYS A 15 -2.48 -6.48 -10.26
N HIS A 16 -2.07 -6.28 -11.52
CA HIS A 16 -1.03 -5.31 -11.84
C HIS A 16 -1.65 -3.95 -12.15
N HIS A 17 -2.71 -3.96 -12.97
CA HIS A 17 -3.38 -2.74 -13.36
C HIS A 17 -3.81 -1.93 -12.12
N GLN A 18 -4.71 -2.51 -11.33
CA GLN A 18 -5.19 -1.84 -10.13
C GLN A 18 -4.03 -1.42 -9.24
N LEU A 19 -3.13 -2.36 -8.96
CA LEU A 19 -1.97 -2.08 -8.12
C LEU A 19 -1.19 -0.89 -8.65
N ARG A 20 -1.03 -0.83 -9.97
CA ARG A 20 -0.30 0.26 -10.60
C ARG A 20 -0.77 1.62 -10.07
N THR A 21 -2.07 1.73 -9.84
CA THR A 21 -2.65 2.97 -9.33
C THR A 21 -2.34 3.15 -7.84
N MET A 22 -2.44 2.05 -7.09
CA MET A 22 -2.17 2.08 -5.66
C MET A 22 -0.70 2.42 -5.39
N LYS A 23 0.19 1.53 -5.82
CA LYS A 23 1.62 1.72 -5.62
C LYS A 23 2.03 3.16 -5.94
N SER A 24 1.84 3.55 -7.19
CA SER A 24 2.19 4.89 -7.64
C SER A 24 1.77 5.93 -6.60
N TYR A 25 0.53 5.81 -6.11
CA TYR A 25 0.00 6.74 -5.12
C TYR A 25 0.82 6.68 -3.84
N PHE A 26 1.20 5.47 -3.43
CA PHE A 26 1.98 5.27 -2.22
C PHE A 26 3.10 6.30 -2.12
N ALA A 27 3.70 6.62 -3.26
CA ALA A 27 4.79 7.60 -3.32
C ALA A 27 4.26 9.01 -3.10
N ILE A 28 3.07 9.29 -3.62
CA ILE A 28 2.46 10.61 -3.48
C ILE A 28 2.01 10.85 -2.05
N ASN A 29 1.24 9.91 -1.51
CA ASN A 29 0.74 10.03 -0.14
C ASN A 29 0.66 8.66 0.53
N HIS A 30 1.35 8.51 1.66
CA HIS A 30 1.36 7.26 2.39
C HIS A 30 0.05 7.06 3.14
N ASN A 31 -0.35 8.08 3.89
CA ASN A 31 -1.60 8.02 4.66
C ASN A 31 -2.67 8.90 4.04
N PRO A 32 -3.33 8.38 2.99
CA PRO A 32 -4.39 9.09 2.29
C PRO A 32 -5.66 9.25 3.13
N ASP A 33 -6.51 10.19 2.75
CA ASP A 33 -7.75 10.44 3.47
C ASP A 33 -8.94 9.88 2.71
N ALA A 34 -10.07 9.75 3.40
CA ALA A 34 -11.28 9.22 2.79
C ALA A 34 -11.42 9.68 1.34
N LYS A 35 -11.23 10.98 1.13
CA LYS A 35 -11.33 11.55 -0.21
C LYS A 35 -10.45 10.79 -1.19
N ASP A 36 -9.22 10.51 -0.78
CA ASP A 36 -8.28 9.80 -1.62
C ASP A 36 -8.64 8.31 -1.72
N LEU A 37 -9.23 7.79 -0.65
CA LEU A 37 -9.64 6.39 -0.60
C LEU A 37 -10.75 6.12 -1.62
N LYS A 38 -11.85 6.85 -1.50
CA LYS A 38 -12.98 6.69 -2.41
C LYS A 38 -12.53 6.77 -3.87
N GLN A 39 -11.46 7.53 -4.10
CA GLN A 39 -10.93 7.69 -5.45
C GLN A 39 -10.24 6.42 -5.92
N LEU A 40 -9.34 5.91 -5.08
CA LEU A 40 -8.60 4.69 -5.40
C LEU A 40 -9.55 3.50 -5.52
N ALA A 41 -10.55 3.45 -4.66
CA ALA A 41 -11.52 2.37 -4.66
C ALA A 41 -12.12 2.18 -6.05
N GLN A 42 -12.38 3.28 -6.73
CA GLN A 42 -12.95 3.24 -8.08
C GLN A 42 -11.87 2.98 -9.12
N LYS A 43 -10.81 3.78 -9.08
CA LYS A 43 -9.70 3.63 -10.02
C LYS A 43 -9.23 2.19 -10.09
N THR A 44 -9.32 1.48 -8.97
CA THR A 44 -8.90 0.09 -8.90
C THR A 44 -10.10 -0.84 -8.81
N GLY A 45 -11.16 -0.37 -8.17
CA GLY A 45 -12.35 -1.18 -8.02
C GLY A 45 -12.48 -1.80 -6.64
N LEU A 46 -11.34 -2.03 -6.00
CA LEU A 46 -11.32 -2.62 -4.66
C LEU A 46 -12.21 -1.83 -3.70
N THR A 47 -12.44 -2.39 -2.52
CA THR A 47 -13.26 -1.73 -1.51
C THR A 47 -12.44 -0.77 -0.67
N LYS A 48 -13.12 0.03 0.15
CA LYS A 48 -12.44 0.99 1.02
C LYS A 48 -11.45 0.29 1.94
N ARG A 49 -11.95 -0.69 2.69
CA ARG A 49 -11.10 -1.45 3.61
C ARG A 49 -9.89 -2.03 2.90
N VAL A 50 -10.14 -2.82 1.86
CA VAL A 50 -9.07 -3.43 1.09
C VAL A 50 -7.92 -2.46 0.87
N LEU A 51 -8.23 -1.28 0.38
CA LEU A 51 -7.22 -0.25 0.13
C LEU A 51 -6.52 0.16 1.42
N GLN A 52 -7.31 0.54 2.43
CA GLN A 52 -6.76 0.95 3.71
C GLN A 52 -5.71 -0.05 4.20
N VAL A 53 -6.11 -1.32 4.29
CA VAL A 53 -5.20 -2.37 4.74
C VAL A 53 -3.97 -2.45 3.86
N TRP A 54 -4.19 -2.69 2.57
CA TRP A 54 -3.09 -2.79 1.61
C TRP A 54 -2.04 -1.71 1.87
N PHE A 55 -2.49 -0.46 1.87
CA PHE A 55 -1.59 0.68 2.11
C PHE A 55 -0.84 0.50 3.42
N GLN A 56 -1.58 0.41 4.52
CA GLN A 56 -0.99 0.25 5.83
C GLN A 56 0.09 -0.84 5.82
N ASN A 57 -0.22 -1.95 5.15
CA ASN A 57 0.73 -3.06 5.06
C ASN A 57 2.04 -2.62 4.42
N ALA A 58 1.93 -1.80 3.38
CA ALA A 58 3.11 -1.30 2.67
C ALA A 58 4.10 -0.68 3.65
N ARG A 59 3.67 0.37 4.34
CA ARG A 59 4.52 1.06 5.30
C ARG A 59 5.34 0.06 6.12
N ALA A 60 4.70 -1.02 6.53
CA ALA A 60 5.37 -2.05 7.32
C ALA A 60 6.41 -2.78 6.48
N LYS A 61 6.02 -3.17 5.28
CA LYS A 61 6.93 -3.89 4.38
C LYS A 61 8.16 -3.05 4.07
N PHE A 62 7.94 -1.79 3.72
CA PHE A 62 9.03 -0.88 3.40
C PHE A 62 10.09 -0.89 4.49
N ARG A 63 9.66 -0.71 5.73
CA ARG A 63 10.57 -0.71 6.87
C ARG A 63 11.71 -1.70 6.66
N ARG A 64 11.35 -2.96 6.44
CA ARG A 64 12.34 -4.01 6.24
C ARG A 64 13.36 -3.59 5.17
N ASN A 65 12.86 -3.26 3.98
CA ASN A 65 13.71 -2.85 2.88
C ASN A 65 14.57 -1.65 3.28
N LEU A 66 14.23 -1.03 4.40
CA LEU A 66 14.97 0.12 4.90
C LEU A 66 16.27 -0.31 5.56
N LEU A 67 16.20 -1.35 6.38
CA LEU A 67 17.37 -1.87 7.08
C LEU A 67 18.12 -2.88 6.21
N ARG A 68 17.38 -3.51 5.29
CA ARG A 68 17.97 -4.50 4.40
C ARG A 68 18.97 -3.84 3.44
N GLN A 69 20.25 -4.18 3.61
CA GLN A 69 21.29 -3.62 2.76
C GLN A 69 21.18 -4.16 1.34
N GLU A 70 20.90 -3.27 0.39
CA GLU A 70 20.76 -3.66 -1.00
C GLU A 70 22.12 -3.73 -1.69
N ASN A 71 22.27 -4.68 -2.61
CA ASN A 71 23.52 -4.86 -3.33
C ASN A 71 24.07 -3.52 -3.82
N GLY A 72 25.39 -3.43 -3.95
CA GLY A 72 26.02 -2.21 -4.40
C GLY A 72 27.47 -2.40 -4.76
N GLY A 73 28.21 -3.09 -3.90
CA GLY A 73 29.62 -3.33 -4.14
C GLY A 73 30.25 -4.22 -3.10
N VAL A 74 29.85 -5.49 -3.08
CA VAL A 74 30.39 -6.45 -2.12
C VAL A 74 29.86 -7.85 -2.39
N SER A 75 30.78 -8.81 -2.47
CA SER A 75 30.41 -10.20 -2.74
C SER A 75 29.64 -10.78 -1.56
N GLY A 76 28.75 -11.73 -1.87
CA GLY A 76 27.95 -12.35 -0.83
C GLY A 76 26.48 -12.45 -1.20
N PRO A 77 25.61 -12.59 -0.18
CA PRO A 77 24.16 -12.70 -0.39
C PRO A 77 23.55 -11.39 -0.87
N SER A 78 22.90 -11.44 -2.02
CA SER A 78 22.26 -10.26 -2.59
C SER A 78 21.01 -10.64 -3.39
N SER A 79 20.41 -9.66 -4.05
CA SER A 79 19.20 -9.89 -4.84
C SER A 79 19.46 -9.58 -6.31
N GLY A 80 18.64 -10.18 -7.18
CA GLY A 80 18.80 -9.97 -8.60
C GLY A 80 17.74 -9.05 -9.18
N GLY A 1 -18.16 -1.90 12.54
CA GLY A 1 -17.73 -2.21 13.89
C GLY A 1 -16.62 -1.30 14.36
N SER A 2 -16.10 -1.55 15.57
CA SER A 2 -15.03 -0.74 16.13
C SER A 2 -13.67 -1.27 15.69
N SER A 3 -12.61 -0.56 16.09
CA SER A 3 -11.25 -0.95 15.75
C SER A 3 -10.92 -2.33 16.31
N GLY A 4 -10.15 -3.11 15.55
CA GLY A 4 -9.78 -4.44 15.99
C GLY A 4 -9.56 -5.40 14.83
N SER A 5 -9.57 -6.69 15.13
CA SER A 5 -9.37 -7.71 14.11
C SER A 5 -10.68 -8.41 13.77
N SER A 6 -11.17 -8.18 12.55
CA SER A 6 -12.42 -8.80 12.11
C SER A 6 -12.25 -9.48 10.76
N GLY A 7 -12.59 -10.75 10.70
CA GLY A 7 -12.46 -11.50 9.45
C GLY A 7 -11.66 -12.78 9.62
N LYS A 8 -12.05 -13.82 8.89
CA LYS A 8 -11.37 -15.10 8.96
C LYS A 8 -10.67 -15.42 7.65
N ARG A 9 -11.46 -15.51 6.58
CA ARG A 9 -10.91 -15.81 5.26
C ARG A 9 -10.30 -14.56 4.63
N MET A 10 -9.05 -14.68 4.20
CA MET A 10 -8.34 -13.56 3.58
C MET A 10 -7.25 -14.06 2.64
N ARG A 11 -7.14 -13.43 1.48
CA ARG A 11 -6.14 -13.80 0.49
C ARG A 11 -5.62 -12.59 -0.26
N THR A 12 -4.34 -12.59 -0.58
CA THR A 12 -3.72 -11.48 -1.30
C THR A 12 -3.85 -11.66 -2.80
N SER A 13 -4.83 -10.98 -3.40
CA SER A 13 -5.07 -11.06 -4.83
C SER A 13 -5.23 -9.67 -5.43
N PHE A 14 -4.14 -9.13 -5.97
CA PHE A 14 -4.17 -7.80 -6.58
C PHE A 14 -3.56 -7.84 -7.98
N LYS A 15 -4.30 -7.32 -8.95
CA LYS A 15 -3.84 -7.29 -10.34
C LYS A 15 -2.77 -6.23 -10.53
N HIS A 16 -1.91 -6.45 -11.51
CA HIS A 16 -0.82 -5.50 -11.81
C HIS A 16 -1.39 -4.16 -12.28
N HIS A 17 -2.67 -4.15 -12.62
CA HIS A 17 -3.33 -2.94 -13.09
C HIS A 17 -3.77 -2.06 -11.91
N GLN A 18 -4.74 -2.56 -11.15
CA GLN A 18 -5.25 -1.82 -9.99
C GLN A 18 -4.10 -1.31 -9.12
N LEU A 19 -3.19 -2.21 -8.78
CA LEU A 19 -2.04 -1.85 -7.95
C LEU A 19 -1.30 -0.66 -8.54
N ARG A 20 -1.00 -0.73 -9.84
CA ARG A 20 -0.29 0.35 -10.51
C ARG A 20 -0.76 1.70 -10.02
N THR A 21 -2.08 1.88 -9.94
CA THR A 21 -2.66 3.14 -9.48
C THR A 21 -2.42 3.34 -7.99
N MET A 22 -2.53 2.26 -7.23
CA MET A 22 -2.33 2.31 -5.79
C MET A 22 -0.87 2.58 -5.45
N LYS A 23 0.00 1.64 -5.80
CA LYS A 23 1.42 1.76 -5.53
C LYS A 23 1.92 3.16 -5.91
N SER A 24 1.68 3.55 -7.16
CA SER A 24 2.10 4.85 -7.64
C SER A 24 1.72 5.96 -6.64
N TYR A 25 0.60 5.76 -5.97
CA TYR A 25 0.13 6.73 -4.98
C TYR A 25 0.89 6.61 -3.67
N PHE A 26 1.11 5.37 -3.24
CA PHE A 26 1.84 5.10 -2.00
C PHE A 26 3.07 5.98 -1.89
N ALA A 27 3.64 6.34 -3.04
CA ALA A 27 4.83 7.18 -3.08
C ALA A 27 4.46 8.65 -2.97
N ILE A 28 3.28 9.01 -3.47
CA ILE A 28 2.81 10.38 -3.43
C ILE A 28 2.36 10.77 -2.03
N ASN A 29 1.51 9.93 -1.43
CA ASN A 29 1.01 10.19 -0.09
C ASN A 29 0.84 8.89 0.69
N HIS A 30 1.68 8.70 1.70
CA HIS A 30 1.63 7.50 2.53
C HIS A 30 0.30 7.41 3.28
N ASN A 31 -0.08 8.51 3.91
CA ASN A 31 -1.33 8.56 4.67
C ASN A 31 -2.38 9.39 3.94
N PRO A 32 -3.07 8.76 2.98
CA PRO A 32 -4.11 9.42 2.19
C PRO A 32 -5.35 9.72 3.01
N ASP A 33 -6.23 10.55 2.46
CA ASP A 33 -7.47 10.92 3.14
C ASP A 33 -8.63 10.05 2.68
N ALA A 34 -9.77 10.17 3.36
CA ALA A 34 -10.95 9.39 3.02
C ALA A 34 -11.37 9.64 1.57
N LYS A 35 -11.30 10.89 1.14
CA LYS A 35 -11.67 11.26 -0.22
C LYS A 35 -10.85 10.47 -1.24
N ASP A 36 -9.54 10.42 -1.03
CA ASP A 36 -8.65 9.70 -1.93
C ASP A 36 -8.93 8.20 -1.89
N LEU A 37 -9.27 7.70 -0.70
CA LEU A 37 -9.57 6.28 -0.53
C LEU A 37 -10.73 5.86 -1.42
N LYS A 38 -11.84 6.58 -1.32
CA LYS A 38 -13.02 6.29 -2.12
C LYS A 38 -12.73 6.46 -3.61
N GLN A 39 -11.87 7.42 -3.92
CA GLN A 39 -11.50 7.70 -5.31
C GLN A 39 -10.72 6.54 -5.92
N LEU A 40 -9.85 5.93 -5.11
CA LEU A 40 -9.04 4.81 -5.56
C LEU A 40 -9.89 3.56 -5.74
N ALA A 41 -10.73 3.28 -4.75
CA ALA A 41 -11.60 2.11 -4.80
C ALA A 41 -12.26 1.98 -6.17
N GLN A 42 -12.37 3.10 -6.88
CA GLN A 42 -12.98 3.10 -8.21
C GLN A 42 -11.93 2.89 -9.29
N LYS A 43 -10.89 3.72 -9.27
CA LYS A 43 -9.81 3.63 -10.25
C LYS A 43 -9.25 2.22 -10.30
N THR A 44 -9.40 1.48 -9.20
CA THR A 44 -8.90 0.12 -9.11
C THR A 44 -10.04 -0.89 -9.08
N GLY A 45 -11.05 -0.60 -8.27
CA GLY A 45 -12.20 -1.48 -8.15
C GLY A 45 -12.35 -2.07 -6.76
N LEU A 46 -11.26 -2.04 -5.99
CA LEU A 46 -11.26 -2.57 -4.64
C LEU A 46 -12.15 -1.72 -3.72
N THR A 47 -12.35 -2.19 -2.50
CA THR A 47 -13.16 -1.47 -1.53
C THR A 47 -12.30 -0.67 -0.55
N LYS A 48 -12.91 0.27 0.15
CA LYS A 48 -12.20 1.10 1.11
C LYS A 48 -11.34 0.24 2.03
N ARG A 49 -11.93 -0.82 2.57
CA ARG A 49 -11.21 -1.72 3.47
C ARG A 49 -9.90 -2.19 2.83
N VAL A 50 -10.01 -2.85 1.69
CA VAL A 50 -8.84 -3.35 0.98
C VAL A 50 -7.76 -2.28 0.88
N LEU A 51 -8.11 -1.15 0.28
CA LEU A 51 -7.17 -0.05 0.11
C LEU A 51 -6.49 0.29 1.44
N GLN A 52 -7.30 0.46 2.48
CA GLN A 52 -6.78 0.78 3.81
C GLN A 52 -5.78 -0.27 4.27
N VAL A 53 -6.16 -1.54 4.14
CA VAL A 53 -5.29 -2.63 4.55
C VAL A 53 -3.99 -2.63 3.75
N TRP A 54 -4.09 -2.78 2.44
CA TRP A 54 -2.93 -2.80 1.57
C TRP A 54 -1.94 -1.71 1.98
N PHE A 55 -2.36 -0.46 1.84
CA PHE A 55 -1.52 0.68 2.19
C PHE A 55 -0.88 0.48 3.57
N GLN A 56 -1.72 0.24 4.57
CA GLN A 56 -1.24 0.04 5.93
C GLN A 56 -0.20 -1.07 5.99
N ASN A 57 -0.37 -2.08 5.13
CA ASN A 57 0.56 -3.20 5.08
C ASN A 57 1.87 -2.79 4.42
N ALA A 58 1.80 -1.81 3.53
CA ALA A 58 2.98 -1.33 2.83
C ALA A 58 3.98 -0.71 3.80
N ARG A 59 3.53 0.29 4.55
CA ARG A 59 4.39 0.96 5.52
C ARG A 59 5.14 -0.05 6.37
N ALA A 60 4.48 -1.16 6.69
CA ALA A 60 5.09 -2.20 7.50
C ALA A 60 6.28 -2.82 6.79
N LYS A 61 6.07 -3.27 5.56
CA LYS A 61 7.13 -3.88 4.77
C LYS A 61 8.26 -2.89 4.52
N PHE A 62 7.91 -1.66 4.20
CA PHE A 62 8.90 -0.62 3.95
C PHE A 62 9.91 -0.54 5.09
N ARG A 63 9.40 -0.36 6.31
CA ARG A 63 10.26 -0.26 7.49
C ARG A 63 11.45 -1.21 7.37
N ARG A 64 11.20 -2.41 6.86
CA ARG A 64 12.25 -3.41 6.71
C ARG A 64 13.19 -3.03 5.57
N ASN A 65 12.63 -2.84 4.38
CA ASN A 65 13.41 -2.47 3.22
C ASN A 65 14.31 -1.26 3.51
N LEU A 66 13.69 -0.20 4.01
CA LEU A 66 14.43 1.02 4.33
C LEU A 66 15.77 0.69 5.00
N LEU A 67 15.72 -0.19 6.00
CA LEU A 67 16.93 -0.59 6.71
C LEU A 67 17.90 -1.30 5.78
N ARG A 68 17.37 -2.11 4.87
CA ARG A 68 18.20 -2.84 3.92
C ARG A 68 18.62 -1.95 2.76
N GLN A 69 19.78 -2.22 2.20
CA GLN A 69 20.30 -1.43 1.08
C GLN A 69 20.72 -0.04 1.55
N GLU A 70 21.52 0.02 2.59
CA GLU A 70 21.99 1.29 3.13
C GLU A 70 23.51 1.32 3.22
N ASN A 71 24.12 2.24 2.47
CA ASN A 71 25.56 2.38 2.46
C ASN A 71 25.99 3.77 2.93
N GLY A 72 26.03 3.96 4.24
CA GLY A 72 26.42 5.25 4.79
C GLY A 72 25.24 6.04 5.32
N GLY A 73 25.01 7.21 4.75
CA GLY A 73 23.90 8.05 5.18
C GLY A 73 24.06 8.52 6.61
N VAL A 74 24.07 9.84 6.79
CA VAL A 74 24.22 10.42 8.13
C VAL A 74 23.03 11.31 8.47
N SER A 75 21.83 10.85 8.11
CA SER A 75 20.62 11.60 8.38
C SER A 75 20.58 12.09 9.83
N GLY A 76 20.81 11.17 10.75
CA GLY A 76 20.81 11.52 12.17
C GLY A 76 19.42 11.49 12.76
N PRO A 77 19.33 11.10 14.05
CA PRO A 77 18.05 11.02 14.77
C PRO A 77 17.44 12.40 15.02
N SER A 78 18.30 13.40 15.18
CA SER A 78 17.84 14.75 15.45
C SER A 78 16.84 15.20 14.39
N SER A 79 15.83 15.94 14.82
CA SER A 79 14.80 16.43 13.92
C SER A 79 14.36 17.85 14.30
N GLY A 80 14.32 18.74 13.31
CA GLY A 80 13.92 20.11 13.55
C GLY A 80 13.71 20.89 12.27
N GLY A 1 -28.66 2.00 13.69
CA GLY A 1 -28.93 0.89 12.78
C GLY A 1 -27.66 0.27 12.23
N SER A 2 -27.13 0.86 11.17
CA SER A 2 -25.92 0.35 10.54
C SER A 2 -24.87 -0.02 11.60
N SER A 3 -24.25 -1.18 11.44
CA SER A 3 -23.23 -1.64 12.38
C SER A 3 -21.88 -1.00 12.07
N GLY A 4 -21.21 -0.51 13.11
CA GLY A 4 -19.91 0.11 12.93
C GLY A 4 -18.81 -0.60 13.69
N SER A 5 -18.14 -1.52 13.01
CA SER A 5 -17.06 -2.29 13.63
C SER A 5 -16.20 -2.97 12.58
N SER A 6 -14.90 -3.00 12.80
CA SER A 6 -13.97 -3.62 11.86
C SER A 6 -14.25 -5.12 11.74
N GLY A 7 -14.86 -5.51 10.63
CA GLY A 7 -15.18 -6.91 10.39
C GLY A 7 -13.94 -7.76 10.20
N LYS A 8 -13.81 -8.36 9.03
CA LYS A 8 -12.67 -9.20 8.71
C LYS A 8 -11.86 -8.61 7.57
N ARG A 9 -10.73 -9.26 7.25
CA ARG A 9 -9.86 -8.79 6.18
C ARG A 9 -9.65 -9.89 5.15
N MET A 10 -10.54 -9.94 4.16
CA MET A 10 -10.45 -10.94 3.10
C MET A 10 -9.19 -10.75 2.28
N ARG A 11 -8.71 -11.84 1.68
CA ARG A 11 -7.50 -11.79 0.86
C ARG A 11 -7.83 -11.92 -0.62
N THR A 12 -7.04 -11.26 -1.46
CA THR A 12 -7.26 -11.31 -2.91
C THR A 12 -5.99 -10.93 -3.66
N SER A 13 -5.76 -11.61 -4.79
CA SER A 13 -4.57 -11.35 -5.60
C SER A 13 -4.75 -10.06 -6.41
N PHE A 14 -4.08 -9.00 -5.98
CA PHE A 14 -4.15 -7.71 -6.66
C PHE A 14 -3.52 -7.81 -8.05
N LYS A 15 -4.28 -7.37 -9.06
CA LYS A 15 -3.79 -7.40 -10.44
C LYS A 15 -2.58 -6.50 -10.61
N HIS A 16 -2.03 -6.48 -11.82
CA HIS A 16 -0.86 -5.64 -12.11
C HIS A 16 -1.29 -4.25 -12.58
N HIS A 17 -2.57 -4.11 -12.91
CA HIS A 17 -3.10 -2.84 -13.38
C HIS A 17 -3.55 -1.98 -12.21
N GLN A 18 -4.61 -2.42 -11.53
CA GLN A 18 -5.13 -1.68 -10.38
C GLN A 18 -4.01 -1.23 -9.46
N LEU A 19 -3.14 -2.16 -9.09
CA LEU A 19 -2.01 -1.86 -8.21
C LEU A 19 -1.25 -0.63 -8.70
N ARG A 20 -0.89 -0.64 -9.98
CA ARG A 20 -0.15 0.47 -10.57
C ARG A 20 -0.71 1.81 -10.09
N THR A 21 -2.02 1.88 -9.93
CA THR A 21 -2.68 3.09 -9.47
C THR A 21 -2.37 3.37 -8.01
N MET A 22 -2.48 2.34 -7.17
CA MET A 22 -2.21 2.48 -5.75
C MET A 22 -0.73 2.73 -5.50
N LYS A 23 0.10 1.76 -5.86
CA LYS A 23 1.54 1.87 -5.69
C LYS A 23 2.02 3.28 -6.01
N SER A 24 1.78 3.71 -7.25
CA SER A 24 2.19 5.05 -7.69
C SER A 24 1.81 6.09 -6.65
N TYR A 25 0.69 5.88 -5.97
CA TYR A 25 0.23 6.81 -4.95
C TYR A 25 1.09 6.72 -3.69
N PHE A 26 1.44 5.49 -3.32
CA PHE A 26 2.26 5.26 -2.13
C PHE A 26 3.42 6.25 -2.08
N ALA A 27 3.94 6.60 -3.23
CA ALA A 27 5.06 7.54 -3.31
C ALA A 27 4.59 8.96 -3.05
N ILE A 28 3.38 9.28 -3.48
CA ILE A 28 2.81 10.60 -3.29
C ILE A 28 2.37 10.82 -1.85
N ASN A 29 1.58 9.87 -1.33
CA ASN A 29 1.10 9.95 0.03
C ASN A 29 0.89 8.55 0.62
N HIS A 30 1.35 8.36 1.85
CA HIS A 30 1.22 7.07 2.52
C HIS A 30 -0.15 6.96 3.21
N ASN A 31 -0.52 7.99 3.94
CA ASN A 31 -1.80 8.01 4.64
C ASN A 31 -2.78 8.95 3.97
N PRO A 32 -3.42 8.47 2.89
CA PRO A 32 -4.40 9.27 2.13
C PRO A 32 -5.69 9.49 2.91
N ASP A 33 -6.42 10.53 2.53
CA ASP A 33 -7.68 10.86 3.18
C ASP A 33 -8.84 10.10 2.56
N ALA A 34 -9.93 9.94 3.31
CA ALA A 34 -11.10 9.24 2.82
C ALA A 34 -11.42 9.63 1.38
N LYS A 35 -11.30 10.92 1.09
CA LYS A 35 -11.57 11.42 -0.26
C LYS A 35 -10.73 10.67 -1.30
N ASP A 36 -9.43 10.59 -1.06
CA ASP A 36 -8.53 9.90 -1.97
C ASP A 36 -8.82 8.40 -2.00
N LEU A 37 -9.15 7.85 -0.84
CA LEU A 37 -9.46 6.42 -0.73
C LEU A 37 -10.59 6.04 -1.68
N LYS A 38 -11.74 6.69 -1.51
CA LYS A 38 -12.90 6.41 -2.35
C LYS A 38 -12.52 6.46 -3.83
N GLN A 39 -11.65 7.39 -4.18
CA GLN A 39 -11.21 7.54 -5.56
C GLN A 39 -10.46 6.29 -6.03
N LEU A 40 -9.61 5.75 -5.16
CA LEU A 40 -8.84 4.56 -5.49
C LEU A 40 -9.73 3.32 -5.52
N ALA A 41 -10.71 3.28 -4.61
CA ALA A 41 -11.63 2.16 -4.54
C ALA A 41 -12.26 1.86 -5.90
N GLN A 42 -12.57 2.93 -6.64
CA GLN A 42 -13.18 2.78 -7.96
C GLN A 42 -12.11 2.62 -9.03
N LYS A 43 -11.08 3.46 -8.97
CA LYS A 43 -9.99 3.42 -9.94
C LYS A 43 -9.34 2.04 -9.95
N THR A 44 -9.52 1.30 -8.86
CA THR A 44 -8.95 -0.05 -8.75
C THR A 44 -10.04 -1.09 -8.55
N GLY A 45 -11.27 -0.63 -8.34
CA GLY A 45 -12.38 -1.54 -8.13
C GLY A 45 -12.48 -2.02 -6.70
N LEU A 46 -11.35 -2.03 -6.00
CA LEU A 46 -11.31 -2.46 -4.61
C LEU A 46 -12.19 -1.57 -3.74
N THR A 47 -12.38 -1.97 -2.48
CA THR A 47 -13.19 -1.21 -1.54
C THR A 47 -12.31 -0.43 -0.57
N LYS A 48 -12.95 0.45 0.21
CA LYS A 48 -12.22 1.26 1.18
C LYS A 48 -11.33 0.39 2.06
N ARG A 49 -11.95 -0.56 2.76
CA ARG A 49 -11.21 -1.46 3.64
C ARG A 49 -9.95 -1.98 2.96
N VAL A 50 -10.13 -2.79 1.92
CA VAL A 50 -9.01 -3.35 1.17
C VAL A 50 -7.90 -2.32 1.00
N LEU A 51 -8.25 -1.17 0.42
CA LEU A 51 -7.28 -0.10 0.19
C LEU A 51 -6.56 0.26 1.48
N GLN A 52 -7.33 0.54 2.53
CA GLN A 52 -6.77 0.91 3.82
C GLN A 52 -5.75 -0.13 4.28
N VAL A 53 -6.17 -1.39 4.34
CA VAL A 53 -5.30 -2.48 4.77
C VAL A 53 -4.03 -2.52 3.93
N TRP A 54 -4.21 -2.67 2.62
CA TRP A 54 -3.07 -2.73 1.69
C TRP A 54 -2.04 -1.67 2.04
N PHE A 55 -2.43 -0.41 1.94
CA PHE A 55 -1.54 0.71 2.24
C PHE A 55 -0.85 0.50 3.59
N GLN A 56 -1.61 0.00 4.56
CA GLN A 56 -1.08 -0.24 5.89
C GLN A 56 -0.02 -1.33 5.87
N ASN A 57 -0.24 -2.34 5.03
CA ASN A 57 0.70 -3.45 4.91
C ASN A 57 1.97 -3.02 4.18
N ALA A 58 1.82 -2.08 3.24
CA ALA A 58 2.94 -1.58 2.47
C ALA A 58 4.04 -1.05 3.39
N ARG A 59 3.69 -0.06 4.20
CA ARG A 59 4.65 0.55 5.12
C ARG A 59 5.48 -0.53 5.82
N ALA A 60 4.82 -1.62 6.20
CA ALA A 60 5.50 -2.72 6.87
C ALA A 60 6.39 -3.49 5.90
N LYS A 61 5.93 -3.61 4.66
CA LYS A 61 6.69 -4.33 3.64
C LYS A 61 7.93 -3.55 3.23
N PHE A 62 7.73 -2.40 2.58
CA PHE A 62 8.84 -1.56 2.15
C PHE A 62 9.94 -1.53 3.19
N ARG A 63 9.55 -1.31 4.45
CA ARG A 63 10.50 -1.24 5.54
C ARG A 63 11.13 -2.61 5.80
N ARG A 64 10.36 -3.67 5.57
CA ARG A 64 10.84 -5.02 5.77
C ARG A 64 11.87 -5.40 4.72
N ASN A 65 11.53 -5.17 3.46
CA ASN A 65 12.43 -5.48 2.35
C ASN A 65 13.62 -4.53 2.33
N LEU A 66 13.37 -3.26 2.62
CA LEU A 66 14.42 -2.26 2.64
C LEU A 66 15.55 -2.66 3.58
N LEU A 67 15.19 -3.24 4.72
CA LEU A 67 16.16 -3.68 5.71
C LEU A 67 16.71 -5.06 5.35
N ARG A 68 15.88 -5.87 4.70
CA ARG A 68 16.29 -7.22 4.31
C ARG A 68 17.22 -7.17 3.10
N GLN A 69 18.38 -7.79 3.23
CA GLN A 69 19.37 -7.82 2.16
C GLN A 69 18.68 -8.01 0.80
N GLU A 70 18.56 -6.91 0.06
CA GLU A 70 17.92 -6.95 -1.26
C GLU A 70 18.62 -6.02 -2.23
N ASN A 71 18.24 -6.09 -3.50
CA ASN A 71 18.83 -5.25 -4.53
C ASN A 71 17.75 -4.58 -5.38
N GLY A 72 18.12 -3.50 -6.06
CA GLY A 72 17.17 -2.80 -6.90
C GLY A 72 17.85 -1.85 -7.87
N GLY A 73 18.83 -2.37 -8.62
CA GLY A 73 19.54 -1.55 -9.58
C GLY A 73 18.89 -1.57 -10.95
N VAL A 74 17.85 -0.76 -11.13
CA VAL A 74 17.15 -0.70 -12.40
C VAL A 74 17.80 0.32 -13.33
N SER A 75 18.28 -0.17 -14.48
CA SER A 75 18.94 0.69 -15.46
C SER A 75 18.10 1.93 -15.74
N GLY A 76 16.82 1.73 -16.02
CA GLY A 76 15.93 2.85 -16.31
C GLY A 76 15.34 2.78 -17.70
N PRO A 77 14.12 3.30 -17.84
CA PRO A 77 13.41 3.31 -19.13
C PRO A 77 14.05 4.26 -20.14
N SER A 78 14.14 3.82 -21.38
CA SER A 78 14.74 4.63 -22.44
C SER A 78 13.71 4.92 -23.54
N SER A 79 14.04 5.88 -24.41
CA SER A 79 13.15 6.26 -25.50
C SER A 79 13.90 7.09 -26.54
N GLY A 80 13.25 7.34 -27.67
CA GLY A 80 13.86 8.11 -28.73
C GLY A 80 13.67 9.61 -28.54
N GLY A 1 -19.95 3.39 4.25
CA GLY A 1 -20.49 2.04 4.29
C GLY A 1 -19.41 0.99 4.40
N SER A 2 -19.63 0.01 5.27
CA SER A 2 -18.67 -1.07 5.46
C SER A 2 -19.36 -2.35 5.92
N SER A 3 -19.36 -3.35 5.05
CA SER A 3 -20.00 -4.63 5.37
C SER A 3 -18.97 -5.64 5.87
N GLY A 4 -17.94 -5.87 5.07
CA GLY A 4 -16.91 -6.81 5.45
C GLY A 4 -16.52 -7.74 4.32
N SER A 5 -16.00 -8.91 4.67
CA SER A 5 -15.59 -9.89 3.66
C SER A 5 -15.25 -11.23 4.33
N SER A 6 -15.09 -12.26 3.51
CA SER A 6 -14.77 -13.60 4.01
C SER A 6 -13.35 -14.00 3.61
N GLY A 7 -12.42 -13.87 4.55
CA GLY A 7 -11.04 -14.23 4.27
C GLY A 7 -10.19 -14.24 5.53
N LYS A 8 -10.48 -15.18 6.43
CA LYS A 8 -9.73 -15.29 7.68
C LYS A 8 -8.28 -15.71 7.41
N ARG A 9 -7.35 -14.79 7.64
CA ARG A 9 -5.93 -15.06 7.43
C ARG A 9 -5.73 -15.91 6.17
N MET A 10 -6.41 -15.53 5.09
CA MET A 10 -6.30 -16.25 3.83
C MET A 10 -5.37 -15.52 2.86
N ARG A 11 -5.08 -16.16 1.74
CA ARG A 11 -4.20 -15.57 0.74
C ARG A 11 -4.97 -14.63 -0.18
N THR A 12 -4.26 -13.67 -0.78
CA THR A 12 -4.87 -12.70 -1.68
C THR A 12 -3.95 -12.36 -2.83
N SER A 13 -4.53 -11.99 -3.97
CA SER A 13 -3.75 -11.63 -5.15
C SER A 13 -4.34 -10.41 -5.84
N PHE A 14 -3.48 -9.44 -6.14
CA PHE A 14 -3.90 -8.21 -6.79
C PHE A 14 -3.36 -8.13 -8.21
N LYS A 15 -4.10 -7.44 -9.09
CA LYS A 15 -3.69 -7.30 -10.48
C LYS A 15 -2.62 -6.24 -10.62
N HIS A 16 -1.90 -6.27 -11.75
CA HIS A 16 -0.83 -5.30 -12.00
C HIS A 16 -1.41 -3.96 -12.42
N HIS A 17 -2.66 -3.97 -12.87
CA HIS A 17 -3.33 -2.74 -13.30
C HIS A 17 -3.72 -1.88 -12.10
N GLN A 18 -4.67 -2.39 -11.31
CA GLN A 18 -5.14 -1.66 -10.13
C GLN A 18 -3.97 -1.22 -9.26
N LEU A 19 -3.08 -2.16 -8.95
CA LEU A 19 -1.92 -1.86 -8.12
C LEU A 19 -1.13 -0.68 -8.69
N ARG A 20 -0.93 -0.68 -10.01
CA ARG A 20 -0.20 0.38 -10.68
C ARG A 20 -0.68 1.75 -10.19
N THR A 21 -1.98 1.88 -9.98
CA THR A 21 -2.57 3.13 -9.52
C THR A 21 -2.31 3.34 -8.03
N MET A 22 -2.38 2.26 -7.26
CA MET A 22 -2.16 2.33 -5.83
C MET A 22 -0.68 2.54 -5.51
N LYS A 23 0.14 1.56 -5.88
CA LYS A 23 1.58 1.64 -5.63
C LYS A 23 2.11 3.04 -5.93
N SER A 24 1.83 3.52 -7.14
CA SER A 24 2.28 4.86 -7.54
C SER A 24 1.86 5.90 -6.52
N TYR A 25 0.62 5.82 -6.06
CA TYR A 25 0.09 6.75 -5.08
C TYR A 25 0.90 6.70 -3.79
N PHE A 26 1.23 5.48 -3.36
CA PHE A 26 2.00 5.29 -2.13
C PHE A 26 3.18 6.26 -2.07
N ALA A 27 3.74 6.58 -3.23
CA ALA A 27 4.87 7.50 -3.30
C ALA A 27 4.41 8.95 -3.12
N ILE A 28 3.27 9.27 -3.71
CA ILE A 28 2.72 10.62 -3.61
C ILE A 28 2.27 10.93 -2.19
N ASN A 29 1.45 10.05 -1.62
CA ASN A 29 0.95 10.23 -0.27
C ASN A 29 0.88 8.89 0.46
N HIS A 30 1.70 8.76 1.51
CA HIS A 30 1.74 7.54 2.30
C HIS A 30 0.46 7.38 3.12
N ASN A 31 0.03 8.48 3.75
CA ASN A 31 -1.17 8.46 4.57
C ASN A 31 -2.31 9.20 3.88
N PRO A 32 -2.98 8.52 2.93
CA PRO A 32 -4.10 9.10 2.19
C PRO A 32 -5.33 9.31 3.06
N ASP A 33 -6.20 10.23 2.63
CA ASP A 33 -7.42 10.52 3.37
C ASP A 33 -8.62 9.83 2.74
N ALA A 34 -9.77 9.93 3.40
CA ALA A 34 -11.00 9.31 2.89
C ALA A 34 -11.19 9.60 1.41
N LYS A 35 -11.27 10.89 1.07
CA LYS A 35 -11.46 11.30 -0.32
C LYS A 35 -10.63 10.43 -1.25
N ASP A 36 -9.34 10.30 -0.95
CA ASP A 36 -8.44 9.49 -1.78
C ASP A 36 -8.84 8.03 -1.73
N LEU A 37 -9.17 7.54 -0.53
CA LEU A 37 -9.55 6.15 -0.35
C LEU A 37 -10.72 5.79 -1.27
N LYS A 38 -11.82 6.54 -1.13
CA LYS A 38 -13.01 6.31 -1.95
C LYS A 38 -12.71 6.51 -3.42
N GLN A 39 -11.83 7.47 -3.72
CA GLN A 39 -11.45 7.77 -5.10
C GLN A 39 -10.66 6.62 -5.71
N LEU A 40 -9.90 5.92 -4.87
CA LEU A 40 -9.09 4.80 -5.32
C LEU A 40 -9.96 3.57 -5.58
N ALA A 41 -10.87 3.29 -4.64
CA ALA A 41 -11.77 2.15 -4.78
C ALA A 41 -12.31 2.03 -6.19
N GLN A 42 -12.34 3.15 -6.90
CA GLN A 42 -12.84 3.19 -8.27
C GLN A 42 -11.71 2.95 -9.27
N LYS A 43 -10.64 3.71 -9.14
CA LYS A 43 -9.49 3.59 -10.03
C LYS A 43 -8.96 2.16 -10.04
N THR A 44 -9.29 1.40 -8.99
CA THR A 44 -8.86 0.01 -8.88
C THR A 44 -10.06 -0.94 -8.87
N GLY A 45 -11.16 -0.48 -8.28
CA GLY A 45 -12.36 -1.31 -8.22
C GLY A 45 -12.52 -1.97 -6.87
N LEU A 46 -11.43 -2.08 -6.13
CA LEU A 46 -11.46 -2.70 -4.80
C LEU A 46 -12.33 -1.91 -3.84
N THR A 47 -12.50 -2.44 -2.65
CA THR A 47 -13.32 -1.77 -1.63
C THR A 47 -12.47 -0.84 -0.77
N LYS A 48 -13.13 0.05 -0.04
CA LYS A 48 -12.45 1.00 0.83
C LYS A 48 -11.56 0.27 1.82
N ARG A 49 -12.11 -0.74 2.48
CA ARG A 49 -11.37 -1.53 3.46
C ARG A 49 -10.10 -2.10 2.85
N VAL A 50 -10.26 -2.85 1.76
CA VAL A 50 -9.12 -3.46 1.09
C VAL A 50 -7.98 -2.47 0.92
N LEU A 51 -8.31 -1.26 0.49
CA LEU A 51 -7.31 -0.22 0.29
C LEU A 51 -6.64 0.16 1.62
N GLN A 52 -7.46 0.51 2.61
CA GLN A 52 -6.95 0.88 3.92
C GLN A 52 -5.89 -0.11 4.40
N VAL A 53 -6.25 -1.39 4.40
CA VAL A 53 -5.32 -2.43 4.84
C VAL A 53 -4.08 -2.47 3.96
N TRP A 54 -4.27 -2.75 2.67
CA TRP A 54 -3.17 -2.81 1.73
C TRP A 54 -2.16 -1.70 2.00
N PHE A 55 -2.63 -0.46 1.97
CA PHE A 55 -1.77 0.69 2.22
C PHE A 55 -1.06 0.57 3.56
N GLN A 56 -1.83 0.31 4.61
CA GLN A 56 -1.29 0.18 5.96
C GLN A 56 -0.17 -0.87 5.98
N ASN A 57 -0.37 -1.95 5.23
CA ASN A 57 0.62 -3.02 5.16
C ASN A 57 1.92 -2.53 4.53
N ALA A 58 1.79 -1.66 3.53
CA ALA A 58 2.95 -1.11 2.83
C ALA A 58 3.91 -0.45 3.81
N ARG A 59 3.38 0.48 4.61
CA ARG A 59 4.19 1.20 5.59
C ARG A 59 5.05 0.23 6.40
N ALA A 60 4.44 -0.87 6.84
CA ALA A 60 5.15 -1.88 7.61
C ALA A 60 6.42 -2.32 6.91
N LYS A 61 6.33 -2.51 5.60
CA LYS A 61 7.48 -2.93 4.80
C LYS A 61 8.57 -1.87 4.79
N PHE A 62 8.20 -0.65 4.42
CA PHE A 62 9.14 0.45 4.37
C PHE A 62 9.86 0.62 5.71
N ARG A 63 9.09 0.55 6.79
CA ARG A 63 9.64 0.68 8.13
C ARG A 63 11.00 0.00 8.23
N ARG A 64 11.07 -1.24 7.75
CA ARG A 64 12.31 -2.00 7.79
C ARG A 64 13.50 -1.13 7.38
N ASN A 65 13.49 -0.66 6.14
CA ASN A 65 14.56 0.18 5.63
C ASN A 65 14.82 1.36 6.56
N LEU A 66 13.75 2.06 6.93
CA LEU A 66 13.85 3.22 7.81
C LEU A 66 14.78 2.92 8.98
N LEU A 67 14.65 1.72 9.55
CA LEU A 67 15.49 1.32 10.68
C LEU A 67 16.95 1.24 10.27
N ARG A 68 17.20 0.79 9.05
CA ARG A 68 18.57 0.67 8.54
C ARG A 68 19.27 2.02 8.55
N GLN A 69 20.60 1.99 8.57
CA GLN A 69 21.38 3.22 8.58
C GLN A 69 21.60 3.75 7.17
N GLU A 70 20.51 4.12 6.51
CA GLU A 70 20.59 4.65 5.15
C GLU A 70 20.62 6.17 5.15
N ASN A 71 21.44 6.74 6.02
CA ASN A 71 21.57 8.18 6.13
C ASN A 71 22.70 8.56 7.09
N GLY A 72 23.04 9.85 7.12
CA GLY A 72 24.10 10.33 7.99
C GLY A 72 23.56 11.18 9.13
N GLY A 73 23.30 10.56 10.27
CA GLY A 73 22.79 11.29 11.42
C GLY A 73 21.49 10.73 11.94
N VAL A 74 20.52 10.59 11.03
CA VAL A 74 19.21 10.06 11.40
C VAL A 74 18.82 10.48 12.81
N SER A 75 19.21 11.70 13.19
CA SER A 75 18.90 12.23 14.50
C SER A 75 17.41 12.13 14.80
N GLY A 76 17.07 11.82 16.05
CA GLY A 76 15.68 11.70 16.43
C GLY A 76 15.50 10.84 17.67
N PRO A 77 15.84 11.38 18.84
CA PRO A 77 15.72 10.68 20.12
C PRO A 77 14.26 10.46 20.53
N SER A 78 14.03 9.46 21.37
CA SER A 78 12.69 9.16 21.85
C SER A 78 12.69 8.78 23.32
N SER A 79 11.51 8.69 23.92
CA SER A 79 11.39 8.33 25.33
C SER A 79 11.29 6.82 25.49
N GLY A 80 11.38 6.37 26.74
CA GLY A 80 11.30 4.94 27.03
C GLY A 80 10.52 4.65 28.29
N GLY A 1 -10.83 -6.83 22.52
CA GLY A 1 -11.16 -7.65 21.37
C GLY A 1 -10.35 -8.92 21.31
N SER A 2 -10.83 -9.89 20.53
CA SER A 2 -10.15 -11.18 20.41
C SER A 2 -9.00 -11.07 19.41
N SER A 3 -9.31 -10.66 18.18
CA SER A 3 -8.31 -10.53 17.14
C SER A 3 -7.81 -11.89 16.68
N GLY A 4 -8.75 -12.83 16.52
CA GLY A 4 -8.39 -14.16 16.08
C GLY A 4 -8.77 -14.43 14.64
N SER A 5 -9.35 -15.59 14.38
CA SER A 5 -9.76 -15.96 13.04
C SER A 5 -8.69 -15.60 12.02
N SER A 6 -7.43 -15.87 12.38
CA SER A 6 -6.31 -15.56 11.50
C SER A 6 -6.20 -16.59 10.37
N GLY A 7 -6.06 -16.10 9.15
CA GLY A 7 -5.95 -16.99 8.00
C GLY A 7 -7.01 -16.72 6.95
N LYS A 8 -7.25 -15.44 6.67
CA LYS A 8 -8.25 -15.05 5.68
C LYS A 8 -7.73 -13.93 4.79
N ARG A 9 -7.74 -14.17 3.48
CA ARG A 9 -7.27 -13.17 2.52
C ARG A 9 -5.99 -12.52 3.01
N MET A 10 -5.12 -13.31 3.64
CA MET A 10 -3.86 -12.81 4.16
C MET A 10 -2.90 -12.46 3.02
N ARG A 11 -2.49 -13.47 2.27
CA ARG A 11 -1.58 -13.27 1.14
C ARG A 11 -2.09 -12.17 0.22
N THR A 12 -1.22 -11.68 -0.65
CA THR A 12 -1.58 -10.63 -1.59
C THR A 12 -1.61 -11.15 -3.02
N SER A 13 -2.82 -11.29 -3.56
CA SER A 13 -2.99 -11.79 -4.92
C SER A 13 -3.73 -10.77 -5.78
N PHE A 14 -3.27 -9.52 -5.73
CA PHE A 14 -3.89 -8.45 -6.51
C PHE A 14 -3.36 -8.44 -7.93
N LYS A 15 -3.99 -7.64 -8.79
CA LYS A 15 -3.58 -7.54 -10.18
C LYS A 15 -2.47 -6.52 -10.35
N HIS A 16 -1.85 -6.51 -11.53
CA HIS A 16 -0.76 -5.57 -11.81
C HIS A 16 -1.31 -4.24 -12.33
N HIS A 17 -2.56 -4.26 -12.76
CA HIS A 17 -3.21 -3.06 -13.27
C HIS A 17 -3.65 -2.14 -12.13
N GLN A 18 -4.63 -2.61 -11.36
CA GLN A 18 -5.15 -1.84 -10.23
C GLN A 18 -4.01 -1.35 -9.33
N LEU A 19 -3.15 -2.28 -8.94
CA LEU A 19 -2.02 -1.95 -8.07
C LEU A 19 -1.21 -0.79 -8.66
N ARG A 20 -0.91 -0.88 -9.96
CA ARG A 20 -0.14 0.16 -10.63
C ARG A 20 -0.61 1.55 -10.22
N THR A 21 -1.92 1.68 -10.01
CA THR A 21 -2.49 2.96 -9.60
C THR A 21 -2.21 3.26 -8.14
N MET A 22 -2.30 2.23 -7.30
CA MET A 22 -2.05 2.38 -5.88
C MET A 22 -0.56 2.63 -5.61
N LYS A 23 0.26 1.65 -5.95
CA LYS A 23 1.70 1.75 -5.75
C LYS A 23 2.19 3.17 -6.07
N SER A 24 1.92 3.62 -7.28
CA SER A 24 2.33 4.94 -7.72
C SER A 24 1.93 6.00 -6.70
N TYR A 25 0.75 5.82 -6.11
CA TYR A 25 0.24 6.76 -5.11
C TYR A 25 1.09 6.71 -3.84
N PHE A 26 1.41 5.50 -3.39
CA PHE A 26 2.21 5.32 -2.18
C PHE A 26 3.38 6.30 -2.16
N ALA A 27 3.92 6.61 -3.33
CA ALA A 27 5.04 7.54 -3.44
C ALA A 27 4.57 8.98 -3.27
N ILE A 28 3.38 9.27 -3.79
CA ILE A 28 2.82 10.61 -3.69
C ILE A 28 2.38 10.93 -2.27
N ASN A 29 1.59 10.04 -1.69
CA ASN A 29 1.10 10.23 -0.32
C ASN A 29 1.07 8.90 0.43
N HIS A 30 1.55 8.91 1.67
CA HIS A 30 1.57 7.71 2.50
C HIS A 30 0.28 7.57 3.28
N ASN A 31 -0.19 8.68 3.86
CA ASN A 31 -1.41 8.67 4.64
C ASN A 31 -2.54 9.37 3.89
N PRO A 32 -3.17 8.63 2.95
CA PRO A 32 -4.28 9.16 2.15
C PRO A 32 -5.54 9.38 2.98
N ASP A 33 -6.27 10.45 2.66
CA ASP A 33 -7.50 10.77 3.38
C ASP A 33 -8.68 10.01 2.79
N ALA A 34 -9.82 10.08 3.47
CA ALA A 34 -11.02 9.40 3.01
C ALA A 34 -11.23 9.59 1.51
N LYS A 35 -11.37 10.85 1.09
CA LYS A 35 -11.58 11.17 -0.32
C LYS A 35 -10.69 10.29 -1.20
N ASP A 36 -9.39 10.29 -0.91
CA ASP A 36 -8.44 9.50 -1.68
C ASP A 36 -8.80 8.02 -1.62
N LEU A 37 -9.15 7.55 -0.44
CA LEU A 37 -9.51 6.14 -0.25
C LEU A 37 -10.72 5.77 -1.12
N LYS A 38 -11.79 6.54 -0.98
CA LYS A 38 -13.01 6.29 -1.76
C LYS A 38 -12.75 6.49 -3.26
N GLN A 39 -11.87 7.44 -3.57
CA GLN A 39 -11.54 7.72 -4.96
C GLN A 39 -10.78 6.57 -5.60
N LEU A 40 -9.83 6.01 -4.84
CA LEU A 40 -9.02 4.89 -5.33
C LEU A 40 -9.88 3.66 -5.56
N ALA A 41 -10.71 3.33 -4.57
CA ALA A 41 -11.60 2.17 -4.67
C ALA A 41 -12.20 2.06 -6.06
N GLN A 42 -12.30 3.19 -6.75
CA GLN A 42 -12.87 3.21 -8.09
C GLN A 42 -11.78 2.98 -9.14
N LYS A 43 -10.67 3.71 -9.02
CA LYS A 43 -9.56 3.58 -9.95
C LYS A 43 -9.07 2.13 -10.02
N THR A 44 -9.24 1.41 -8.91
CA THR A 44 -8.81 0.02 -8.85
C THR A 44 -10.00 -0.92 -8.87
N GLY A 45 -11.12 -0.48 -8.31
CA GLY A 45 -12.32 -1.29 -8.28
C GLY A 45 -12.52 -1.98 -6.94
N LEU A 46 -11.47 -2.00 -6.13
CA LEU A 46 -11.53 -2.63 -4.81
C LEU A 46 -12.40 -1.83 -3.86
N THR A 47 -12.55 -2.32 -2.64
CA THR A 47 -13.35 -1.65 -1.63
C THR A 47 -12.48 -0.83 -0.68
N LYS A 48 -13.04 0.25 -0.14
CA LYS A 48 -12.32 1.11 0.77
C LYS A 48 -11.47 0.28 1.74
N ARG A 49 -12.11 -0.68 2.39
CA ARG A 49 -11.42 -1.55 3.35
C ARG A 49 -10.18 -2.16 2.72
N VAL A 50 -10.38 -2.97 1.68
CA VAL A 50 -9.28 -3.63 0.99
C VAL A 50 -8.12 -2.66 0.78
N LEU A 51 -8.45 -1.41 0.46
CA LEU A 51 -7.43 -0.39 0.22
C LEU A 51 -6.77 0.03 1.53
N GLN A 52 -7.60 0.28 2.55
CA GLN A 52 -7.10 0.70 3.86
C GLN A 52 -5.99 -0.24 4.33
N VAL A 53 -6.29 -1.54 4.39
CA VAL A 53 -5.32 -2.52 4.83
C VAL A 53 -4.06 -2.47 3.97
N TRP A 54 -4.22 -2.78 2.69
CA TRP A 54 -3.09 -2.77 1.76
C TRP A 54 -2.13 -1.62 2.07
N PHE A 55 -2.65 -0.40 2.00
CA PHE A 55 -1.84 0.78 2.27
C PHE A 55 -1.15 0.67 3.62
N GLN A 56 -1.89 0.21 4.62
CA GLN A 56 -1.34 0.05 5.96
C GLN A 56 -0.19 -0.95 5.97
N ASN A 57 -0.35 -2.04 5.22
CA ASN A 57 0.67 -3.08 5.15
C ASN A 57 1.91 -2.57 4.41
N ALA A 58 1.68 -1.67 3.46
CA ALA A 58 2.79 -1.10 2.69
C ALA A 58 3.86 -0.51 3.60
N ARG A 59 3.48 0.49 4.39
CA ARG A 59 4.42 1.13 5.31
C ARG A 59 5.29 0.09 6.00
N ALA A 60 4.68 -1.00 6.43
CA ALA A 60 5.41 -2.07 7.11
C ALA A 60 6.38 -2.76 6.16
N LYS A 61 6.00 -2.84 4.89
CA LYS A 61 6.85 -3.47 3.88
C LYS A 61 8.04 -2.58 3.53
N PHE A 62 7.74 -1.35 3.14
CA PHE A 62 8.78 -0.39 2.76
C PHE A 62 9.70 -0.11 3.95
N ARG A 63 9.20 -0.34 5.16
CA ARG A 63 9.97 -0.11 6.37
C ARG A 63 11.10 -1.12 6.50
N ARG A 64 11.11 -2.11 5.61
CA ARG A 64 12.13 -3.15 5.62
C ARG A 64 13.32 -2.73 4.75
N ASN A 65 13.09 -1.80 3.83
CA ASN A 65 14.13 -1.33 2.94
C ASN A 65 15.05 -0.35 3.65
N LEU A 66 14.54 0.28 4.70
CA LEU A 66 15.33 1.25 5.47
C LEU A 66 15.96 0.58 6.68
N LEU A 67 15.37 -0.52 7.13
CA LEU A 67 15.88 -1.26 8.28
C LEU A 67 16.99 -2.22 7.86
N ARG A 68 16.86 -2.79 6.67
CA ARG A 68 17.85 -3.73 6.15
C ARG A 68 19.26 -3.29 6.52
N GLN A 69 20.12 -4.26 6.81
CA GLN A 69 21.50 -3.96 7.19
C GLN A 69 22.19 -3.13 6.11
N GLU A 70 22.08 -3.57 4.86
CA GLU A 70 22.69 -2.86 3.74
C GLU A 70 24.15 -2.53 4.04
N ASN A 71 24.76 -3.34 4.89
CA ASN A 71 26.16 -3.13 5.27
C ASN A 71 26.98 -2.61 4.08
N GLY A 72 27.47 -1.38 4.22
CA GLY A 72 28.26 -0.78 3.15
C GLY A 72 29.43 0.01 3.67
N GLY A 73 29.15 1.03 4.47
CA GLY A 73 30.22 1.85 5.03
C GLY A 73 30.62 1.41 6.42
N VAL A 74 29.84 1.80 7.41
CA VAL A 74 30.12 1.45 8.80
C VAL A 74 30.73 0.05 8.89
N SER A 75 31.64 -0.12 9.84
CA SER A 75 32.31 -1.40 10.03
C SER A 75 31.29 -2.54 10.10
N GLY A 76 30.28 -2.36 10.96
CA GLY A 76 29.26 -3.39 11.10
C GLY A 76 29.45 -4.23 12.34
N PRO A 77 28.98 -3.72 13.49
CA PRO A 77 29.09 -4.42 14.77
C PRO A 77 28.21 -5.66 14.83
N SER A 78 28.40 -6.46 15.88
CA SER A 78 27.62 -7.68 16.06
C SER A 78 26.13 -7.37 16.14
N SER A 79 25.35 -7.95 15.23
CA SER A 79 23.91 -7.74 15.21
C SER A 79 23.28 -8.02 16.57
N GLY A 80 23.59 -9.20 17.11
CA GLY A 80 23.04 -9.57 18.40
C GLY A 80 24.01 -10.43 19.20
N GLY A 1 -27.89 6.78 -2.07
CA GLY A 1 -28.23 5.85 -1.01
C GLY A 1 -27.01 5.10 -0.49
N SER A 2 -27.26 4.10 0.34
CA SER A 2 -26.19 3.30 0.92
C SER A 2 -26.14 1.90 0.30
N SER A 3 -26.32 1.85 -1.02
CA SER A 3 -26.31 0.58 -1.74
C SER A 3 -24.88 0.05 -1.89
N GLY A 4 -24.52 -0.89 -1.01
CA GLY A 4 -23.19 -1.47 -1.06
C GLY A 4 -23.12 -2.83 -0.41
N SER A 5 -22.72 -3.83 -1.19
CA SER A 5 -22.62 -5.20 -0.68
C SER A 5 -21.84 -5.23 0.64
N SER A 6 -21.76 -6.41 1.24
CA SER A 6 -21.05 -6.58 2.51
C SER A 6 -19.58 -6.89 2.26
N GLY A 7 -19.31 -7.85 1.38
CA GLY A 7 -17.94 -8.22 1.09
C GLY A 7 -17.60 -9.61 1.58
N LYS A 8 -16.31 -9.90 1.69
CA LYS A 8 -15.85 -11.20 2.16
C LYS A 8 -14.48 -11.08 2.83
N ARG A 9 -14.42 -11.40 4.12
CA ARG A 9 -13.17 -11.34 4.87
C ARG A 9 -12.26 -12.50 4.51
N MET A 10 -11.28 -12.22 3.65
CA MET A 10 -10.34 -13.25 3.21
C MET A 10 -9.24 -12.64 2.33
N ARG A 11 -8.00 -12.96 2.65
CA ARG A 11 -6.86 -12.45 1.90
C ARG A 11 -6.82 -13.04 0.49
N THR A 12 -6.14 -12.35 -0.41
CA THR A 12 -6.03 -12.80 -1.80
C THR A 12 -5.09 -11.92 -2.59
N SER A 13 -4.37 -12.52 -3.54
CA SER A 13 -3.41 -11.79 -4.37
C SER A 13 -4.09 -10.60 -5.04
N PHE A 14 -3.30 -9.84 -5.80
CA PHE A 14 -3.83 -8.67 -6.49
C PHE A 14 -3.37 -8.66 -7.95
N LYS A 15 -3.82 -7.65 -8.70
CA LYS A 15 -3.46 -7.53 -10.11
C LYS A 15 -2.50 -6.37 -10.32
N HIS A 16 -1.64 -6.49 -11.34
CA HIS A 16 -0.67 -5.45 -11.65
C HIS A 16 -1.37 -4.19 -12.16
N HIS A 17 -2.68 -4.30 -12.38
CA HIS A 17 -3.46 -3.17 -12.87
C HIS A 17 -3.93 -2.28 -11.71
N GLN A 18 -4.80 -2.83 -10.88
CA GLN A 18 -5.32 -2.10 -9.73
C GLN A 18 -4.19 -1.53 -8.89
N LEU A 19 -3.17 -2.35 -8.66
CA LEU A 19 -2.02 -1.92 -7.86
C LEU A 19 -1.28 -0.78 -8.54
N ARG A 20 -1.17 -0.84 -9.87
CA ARG A 20 -0.49 0.19 -10.63
C ARG A 20 -0.95 1.58 -10.19
N THR A 21 -2.23 1.70 -9.87
CA THR A 21 -2.79 2.98 -9.42
C THR A 21 -2.47 3.24 -7.96
N MET A 22 -2.49 2.19 -7.16
CA MET A 22 -2.21 2.31 -5.73
C MET A 22 -0.73 2.64 -5.49
N LYS A 23 0.15 1.74 -5.93
CA LYS A 23 1.58 1.94 -5.77
C LYS A 23 1.99 3.36 -6.14
N SER A 24 1.62 3.77 -7.35
CA SER A 24 1.95 5.11 -7.82
C SER A 24 1.61 6.16 -6.77
N TYR A 25 0.51 5.94 -6.06
CA TYR A 25 0.07 6.86 -5.01
C TYR A 25 0.94 6.73 -3.77
N PHE A 26 1.27 5.50 -3.41
CA PHE A 26 2.09 5.23 -2.23
C PHE A 26 3.30 6.17 -2.21
N ALA A 27 3.76 6.57 -3.38
CA ALA A 27 4.90 7.47 -3.48
C ALA A 27 4.49 8.91 -3.24
N ILE A 28 3.27 9.26 -3.65
CA ILE A 28 2.76 10.62 -3.47
C ILE A 28 2.40 10.88 -2.01
N ASN A 29 1.59 9.99 -1.45
CA ASN A 29 1.16 10.12 -0.05
C ASN A 29 1.12 8.76 0.64
N HIS A 30 1.56 8.74 1.89
CA HIS A 30 1.58 7.51 2.67
C HIS A 30 0.27 7.32 3.42
N ASN A 31 -0.19 8.38 4.09
CA ASN A 31 -1.44 8.33 4.84
C ASN A 31 -2.53 9.11 4.14
N PRO A 32 -3.17 8.48 3.15
CA PRO A 32 -4.26 9.10 2.38
C PRO A 32 -5.52 9.30 3.21
N ASP A 33 -6.43 10.14 2.71
CA ASP A 33 -7.68 10.41 3.41
C ASP A 33 -8.84 9.70 2.73
N ALA A 34 -9.97 9.62 3.42
CA ALA A 34 -11.16 8.98 2.89
C ALA A 34 -11.39 9.38 1.44
N LYS A 35 -11.18 10.66 1.14
CA LYS A 35 -11.37 11.16 -0.22
C LYS A 35 -10.51 10.39 -1.21
N ASP A 36 -9.22 10.23 -0.89
CA ASP A 36 -8.30 9.51 -1.76
C ASP A 36 -8.68 8.03 -1.85
N LEU A 37 -9.21 7.50 -0.75
CA LEU A 37 -9.60 6.10 -0.70
C LEU A 37 -10.81 5.85 -1.61
N LYS A 38 -11.87 6.63 -1.41
CA LYS A 38 -13.08 6.50 -2.21
C LYS A 38 -12.77 6.65 -3.70
N GLN A 39 -11.80 7.50 -4.01
CA GLN A 39 -11.41 7.74 -5.39
C GLN A 39 -10.64 6.56 -5.95
N LEU A 40 -9.73 6.02 -5.15
CA LEU A 40 -8.92 4.88 -5.56
C LEU A 40 -9.78 3.63 -5.74
N ALA A 41 -10.73 3.45 -4.84
CA ALA A 41 -11.63 2.29 -4.91
C ALA A 41 -12.23 2.15 -6.30
N GLN A 42 -12.29 3.26 -7.03
CA GLN A 42 -12.84 3.25 -8.38
C GLN A 42 -11.76 2.98 -9.42
N LYS A 43 -10.66 3.72 -9.33
CA LYS A 43 -9.55 3.54 -10.26
C LYS A 43 -9.02 2.12 -10.22
N THR A 44 -9.29 1.42 -9.12
CA THR A 44 -8.83 0.05 -8.95
C THR A 44 -10.01 -0.92 -8.89
N GLY A 45 -11.07 -0.50 -8.20
CA GLY A 45 -12.25 -1.34 -8.09
C GLY A 45 -12.38 -1.96 -6.71
N LEU A 46 -11.31 -1.92 -5.93
CA LEU A 46 -11.30 -2.48 -4.59
C LEU A 46 -12.19 -1.66 -3.66
N THR A 47 -12.40 -2.18 -2.45
CA THR A 47 -13.24 -1.49 -1.47
C THR A 47 -12.38 -0.67 -0.50
N LYS A 48 -13.00 0.31 0.14
CA LYS A 48 -12.31 1.17 1.09
C LYS A 48 -11.44 0.35 2.03
N ARG A 49 -12.03 -0.70 2.59
CA ARG A 49 -11.31 -1.58 3.52
C ARG A 49 -10.03 -2.11 2.88
N VAL A 50 -10.17 -2.80 1.75
CA VAL A 50 -9.02 -3.35 1.05
C VAL A 50 -7.91 -2.31 0.89
N LEU A 51 -8.26 -1.19 0.28
CA LEU A 51 -7.29 -0.11 0.07
C LEU A 51 -6.58 0.25 1.36
N GLN A 52 -7.36 0.63 2.38
CA GLN A 52 -6.79 1.00 3.68
C GLN A 52 -5.76 -0.03 4.13
N VAL A 53 -6.21 -1.28 4.26
CA VAL A 53 -5.33 -2.35 4.69
C VAL A 53 -4.04 -2.38 3.87
N TRP A 54 -4.18 -2.64 2.58
CA TRP A 54 -3.03 -2.68 1.68
C TRP A 54 -2.02 -1.61 2.04
N PHE A 55 -2.45 -0.35 1.98
CA PHE A 55 -1.58 0.78 2.29
C PHE A 55 -0.89 0.57 3.63
N GLN A 56 -1.65 0.20 4.64
CA GLN A 56 -1.11 -0.03 5.98
C GLN A 56 -0.05 -1.11 5.94
N ASN A 57 -0.29 -2.16 5.15
CA ASN A 57 0.66 -3.26 5.04
C ASN A 57 1.96 -2.80 4.42
N ALA A 58 1.87 -1.84 3.49
CA ALA A 58 3.07 -1.32 2.84
C ALA A 58 4.05 -0.75 3.84
N ARG A 59 3.62 0.25 4.59
CA ARG A 59 4.47 0.88 5.59
C ARG A 59 5.31 -0.16 6.32
N ALA A 60 4.68 -1.26 6.72
CA ALA A 60 5.36 -2.33 7.42
C ALA A 60 6.53 -2.87 6.60
N LYS A 61 6.24 -3.26 5.37
CA LYS A 61 7.28 -3.79 4.47
C LYS A 61 8.34 -2.75 4.18
N PHE A 62 7.92 -1.64 3.57
CA PHE A 62 8.83 -0.56 3.23
C PHE A 62 9.81 -0.30 4.38
N ARG A 63 9.27 -0.03 5.56
CA ARG A 63 10.10 0.23 6.74
C ARG A 63 11.28 -0.74 6.80
N ARG A 64 10.99 -2.02 6.63
CA ARG A 64 12.03 -3.04 6.67
C ARG A 64 12.99 -2.90 5.49
N ASN A 65 12.43 -2.69 4.30
CA ASN A 65 13.24 -2.53 3.10
C ASN A 65 14.09 -1.26 3.17
N LEU A 66 13.72 -0.37 4.08
CA LEU A 66 14.46 0.88 4.26
C LEU A 66 15.57 0.72 5.27
N LEU A 67 15.27 0.04 6.37
CA LEU A 67 16.25 -0.19 7.43
C LEU A 67 17.24 -1.27 7.02
N ARG A 68 16.80 -2.18 6.16
CA ARG A 68 17.65 -3.27 5.69
C ARG A 68 19.08 -2.80 5.47
N GLN A 69 20.05 -3.66 5.78
CA GLN A 69 21.45 -3.32 5.61
C GLN A 69 21.69 -2.67 4.25
N GLU A 70 22.25 -1.46 4.27
CA GLU A 70 22.54 -0.73 3.04
C GLU A 70 24.03 -0.76 2.72
N ASN A 71 24.35 -0.75 1.44
CA ASN A 71 25.75 -0.79 1.00
C ASN A 71 26.36 0.61 1.05
N GLY A 72 26.82 1.01 2.23
CA GLY A 72 27.42 2.32 2.39
C GLY A 72 26.43 3.37 2.86
N GLY A 73 25.93 3.21 4.07
CA GLY A 73 24.96 4.15 4.61
C GLY A 73 25.56 5.05 5.68
N VAL A 74 25.21 6.33 5.65
CA VAL A 74 25.72 7.29 6.62
C VAL A 74 24.59 7.81 7.50
N SER A 75 23.38 7.81 6.98
CA SER A 75 22.21 8.29 7.72
C SER A 75 21.62 7.19 8.58
N GLY A 76 21.65 7.39 9.90
CA GLY A 76 21.12 6.40 10.82
C GLY A 76 20.90 6.96 12.20
N PRO A 77 19.75 7.62 12.39
CA PRO A 77 19.38 8.23 13.69
C PRO A 77 19.07 7.18 14.75
N SER A 78 19.05 7.60 16.01
CA SER A 78 18.76 6.70 17.12
C SER A 78 17.29 6.74 17.50
N SER A 79 16.78 5.62 17.99
CA SER A 79 15.38 5.52 18.39
C SER A 79 15.03 6.62 19.39
N GLY A 80 13.85 7.22 19.22
CA GLY A 80 13.42 8.28 20.12
C GLY A 80 12.66 9.38 19.38
N GLY A 1 -30.38 -13.82 -8.91
CA GLY A 1 -30.23 -14.39 -7.59
C GLY A 1 -29.46 -13.49 -6.64
N SER A 2 -28.89 -14.07 -5.59
CA SER A 2 -28.13 -13.30 -4.60
C SER A 2 -27.02 -14.15 -4.00
N SER A 3 -25.91 -13.50 -3.67
CA SER A 3 -24.76 -14.19 -3.08
C SER A 3 -24.46 -13.64 -1.70
N GLY A 4 -23.88 -14.49 -0.85
CA GLY A 4 -23.54 -14.07 0.50
C GLY A 4 -22.53 -12.94 0.52
N SER A 5 -21.50 -13.08 1.35
CA SER A 5 -20.47 -12.05 1.45
C SER A 5 -19.93 -11.68 0.08
N SER A 6 -19.38 -10.47 -0.02
CA SER A 6 -18.83 -9.97 -1.28
C SER A 6 -17.31 -10.08 -1.29
N GLY A 7 -16.69 -9.66 -0.20
CA GLY A 7 -15.24 -9.71 -0.10
C GLY A 7 -14.77 -10.00 1.32
N LYS A 8 -14.70 -11.28 1.67
CA LYS A 8 -14.26 -11.69 2.99
C LYS A 8 -12.82 -11.26 3.25
N ARG A 9 -12.48 -11.09 4.52
CA ARG A 9 -11.12 -10.69 4.89
C ARG A 9 -10.15 -11.84 4.75
N MET A 10 -9.51 -11.94 3.59
CA MET A 10 -8.54 -13.00 3.34
C MET A 10 -7.43 -12.52 2.41
N ARG A 11 -6.32 -13.23 2.41
CA ARG A 11 -5.17 -12.87 1.57
C ARG A 11 -5.45 -13.19 0.11
N THR A 12 -5.91 -12.19 -0.62
CA THR A 12 -6.23 -12.35 -2.04
C THR A 12 -5.22 -11.62 -2.92
N SER A 13 -4.84 -12.24 -4.03
CA SER A 13 -3.89 -11.63 -4.95
C SER A 13 -4.44 -10.34 -5.54
N PHE A 14 -3.56 -9.55 -6.14
CA PHE A 14 -3.97 -8.28 -6.75
C PHE A 14 -3.47 -8.18 -8.19
N LYS A 15 -4.18 -7.43 -9.00
CA LYS A 15 -3.81 -7.25 -10.41
C LYS A 15 -2.72 -6.19 -10.55
N HIS A 16 -2.31 -5.93 -11.79
CA HIS A 16 -1.28 -4.94 -12.07
C HIS A 16 -1.90 -3.57 -12.31
N HIS A 17 -2.98 -3.54 -13.08
CA HIS A 17 -3.67 -2.30 -13.39
C HIS A 17 -4.05 -1.55 -12.12
N GLN A 18 -4.77 -2.23 -11.23
CA GLN A 18 -5.20 -1.63 -9.98
C GLN A 18 -4.00 -1.27 -9.11
N LEU A 19 -3.09 -2.21 -8.94
CA LEU A 19 -1.89 -1.99 -8.14
C LEU A 19 -1.07 -0.83 -8.69
N ARG A 20 -1.10 -0.66 -10.01
CA ARG A 20 -0.36 0.41 -10.66
C ARG A 20 -0.79 1.77 -10.13
N THR A 21 -2.10 1.93 -9.94
CA THR A 21 -2.63 3.19 -9.43
C THR A 21 -2.38 3.34 -7.93
N MET A 22 -2.37 2.22 -7.22
CA MET A 22 -2.14 2.22 -5.78
C MET A 22 -0.66 2.42 -5.47
N LYS A 23 0.16 1.45 -5.86
CA LYS A 23 1.59 1.53 -5.62
C LYS A 23 2.13 2.92 -5.94
N SER A 24 1.82 3.40 -7.14
CA SER A 24 2.26 4.72 -7.56
C SER A 24 1.80 5.80 -6.59
N TYR A 25 0.59 5.64 -6.07
CA TYR A 25 0.02 6.59 -5.13
C TYR A 25 0.78 6.57 -3.80
N PHE A 26 1.09 5.37 -3.34
CA PHE A 26 1.82 5.20 -2.08
C PHE A 26 2.97 6.21 -1.98
N ALA A 27 3.65 6.43 -3.09
CA ALA A 27 4.77 7.36 -3.13
C ALA A 27 4.28 8.80 -3.03
N ILE A 28 3.14 9.08 -3.66
CA ILE A 28 2.57 10.42 -3.64
C ILE A 28 2.07 10.79 -2.24
N ASN A 29 1.26 9.92 -1.66
CA ASN A 29 0.72 10.15 -0.34
C ASN A 29 0.65 8.85 0.47
N HIS A 30 1.50 8.74 1.47
CA HIS A 30 1.55 7.54 2.32
C HIS A 30 0.26 7.40 3.13
N ASN A 31 -0.19 8.52 3.71
CA ASN A 31 -1.41 8.52 4.51
C ASN A 31 -2.54 9.23 3.78
N PRO A 32 -3.19 8.51 2.85
CA PRO A 32 -4.30 9.05 2.07
C PRO A 32 -5.55 9.28 2.91
N ASP A 33 -6.27 10.36 2.61
CA ASP A 33 -7.49 10.69 3.34
C ASP A 33 -8.69 9.92 2.79
N ALA A 34 -9.84 10.10 3.42
CA ALA A 34 -11.06 9.42 2.97
C ALA A 34 -11.36 9.72 1.52
N LYS A 35 -11.27 10.99 1.14
CA LYS A 35 -11.53 11.41 -0.23
C LYS A 35 -10.68 10.60 -1.21
N ASP A 36 -9.40 10.47 -0.90
CA ASP A 36 -8.49 9.71 -1.75
C ASP A 36 -8.82 8.22 -1.75
N LEU A 37 -9.19 7.72 -0.58
CA LEU A 37 -9.54 6.31 -0.44
C LEU A 37 -10.69 5.93 -1.37
N LYS A 38 -11.81 6.63 -1.24
CA LYS A 38 -12.97 6.38 -2.08
C LYS A 38 -12.61 6.46 -3.55
N GLN A 39 -11.74 7.41 -3.90
CA GLN A 39 -11.31 7.59 -5.28
C GLN A 39 -10.57 6.35 -5.78
N LEU A 40 -9.61 5.89 -4.98
CA LEU A 40 -8.82 4.71 -5.35
C LEU A 40 -9.71 3.49 -5.53
N ALA A 41 -10.67 3.32 -4.63
CA ALA A 41 -11.60 2.19 -4.71
C ALA A 41 -12.23 2.09 -6.09
N GLN A 42 -12.36 3.22 -6.76
CA GLN A 42 -12.95 3.26 -8.09
C GLN A 42 -11.88 3.08 -9.16
N LYS A 43 -10.83 3.88 -9.08
CA LYS A 43 -9.74 3.82 -10.03
C LYS A 43 -9.21 2.39 -10.17
N THR A 44 -9.34 1.62 -9.09
CA THR A 44 -8.88 0.23 -9.08
C THR A 44 -10.06 -0.73 -9.07
N GLY A 45 -11.10 -0.39 -8.32
CA GLY A 45 -12.27 -1.24 -8.22
C GLY A 45 -12.41 -1.89 -6.87
N LEU A 46 -11.30 -2.02 -6.15
CA LEU A 46 -11.31 -2.63 -4.83
C LEU A 46 -12.16 -1.83 -3.86
N THR A 47 -12.40 -2.38 -2.68
CA THR A 47 -13.19 -1.71 -1.66
C THR A 47 -12.35 -0.75 -0.84
N LYS A 48 -13.02 0.07 -0.03
CA LYS A 48 -12.32 1.03 0.81
C LYS A 48 -11.41 0.33 1.81
N ARG A 49 -11.92 -0.73 2.42
CA ARG A 49 -11.16 -1.50 3.41
C ARG A 49 -9.91 -2.10 2.76
N VAL A 50 -10.11 -2.85 1.69
CA VAL A 50 -9.00 -3.49 0.97
C VAL A 50 -7.85 -2.52 0.77
N LEU A 51 -8.19 -1.26 0.49
CA LEU A 51 -7.18 -0.23 0.27
C LEU A 51 -6.51 0.18 1.58
N GLN A 52 -7.34 0.47 2.59
CA GLN A 52 -6.83 0.87 3.89
C GLN A 52 -5.78 -0.12 4.40
N VAL A 53 -6.16 -1.39 4.44
CA VAL A 53 -5.26 -2.45 4.91
C VAL A 53 -3.99 -2.50 4.04
N TRP A 54 -4.17 -2.82 2.77
CA TRP A 54 -3.04 -2.91 1.85
C TRP A 54 -2.04 -1.79 2.10
N PHE A 55 -2.50 -0.55 2.02
CA PHE A 55 -1.63 0.60 2.25
C PHE A 55 -0.94 0.50 3.59
N GLN A 56 -1.71 0.22 4.64
CA GLN A 56 -1.18 0.09 5.98
C GLN A 56 -0.05 -0.94 6.03
N ASN A 57 -0.24 -2.04 5.31
CA ASN A 57 0.76 -3.11 5.27
C ASN A 57 2.06 -2.61 4.64
N ALA A 58 1.92 -1.81 3.59
CA ALA A 58 3.09 -1.27 2.89
C ALA A 58 3.99 -0.51 3.86
N ARG A 59 3.42 0.46 4.56
CA ARG A 59 4.18 1.26 5.52
C ARG A 59 5.09 0.38 6.36
N ALA A 60 4.54 -0.72 6.87
CA ALA A 60 5.31 -1.64 7.69
C ALA A 60 6.59 -2.06 6.99
N LYS A 61 6.49 -2.37 5.70
CA LYS A 61 7.64 -2.80 4.92
C LYS A 61 8.69 -1.68 4.84
N PHE A 62 8.23 -0.47 4.52
CA PHE A 62 9.12 0.67 4.41
C PHE A 62 10.07 0.73 5.61
N ARG A 63 9.51 0.69 6.81
CA ARG A 63 10.30 0.76 8.03
C ARG A 63 11.10 -0.54 8.21
N ARG A 64 10.42 -1.67 8.09
CA ARG A 64 11.07 -2.96 8.24
C ARG A 64 12.41 -3.00 7.52
N ASN A 65 12.41 -2.60 6.26
CA ASN A 65 13.62 -2.58 5.46
C ASN A 65 14.70 -1.72 6.12
N LEU A 66 14.28 -0.61 6.71
CA LEU A 66 15.21 0.30 7.37
C LEU A 66 15.80 -0.35 8.62
N LEU A 67 14.94 -1.00 9.41
CA LEU A 67 15.37 -1.66 10.63
C LEU A 67 16.43 -2.72 10.32
N ARG A 68 16.28 -3.39 9.19
CA ARG A 68 17.21 -4.43 8.78
C ARG A 68 18.29 -3.85 7.86
N GLN A 69 19.38 -4.60 7.69
CA GLN A 69 20.48 -4.17 6.84
C GLN A 69 20.31 -4.69 5.41
N GLU A 70 20.95 -4.02 4.46
CA GLU A 70 20.86 -4.41 3.06
C GLU A 70 22.19 -4.17 2.35
N ASN A 71 22.71 -5.23 1.72
CA ASN A 71 23.97 -5.13 1.01
C ASN A 71 23.81 -4.30 -0.27
N GLY A 72 24.33 -3.08 -0.25
CA GLY A 72 24.23 -2.21 -1.42
C GLY A 72 24.30 -0.74 -1.04
N GLY A 73 23.25 -0.01 -1.39
CA GLY A 73 23.22 1.41 -1.08
C GLY A 73 23.61 2.28 -2.27
N VAL A 74 24.00 3.52 -2.00
CA VAL A 74 24.41 4.44 -3.06
C VAL A 74 25.73 4.01 -3.68
N SER A 75 25.70 3.73 -4.98
CA SER A 75 26.89 3.30 -5.70
C SER A 75 27.33 4.38 -6.70
N GLY A 76 28.62 4.72 -6.66
CA GLY A 76 29.15 5.73 -7.56
C GLY A 76 30.58 6.08 -7.25
N PRO A 77 31.36 6.40 -8.30
CA PRO A 77 32.77 6.76 -8.17
C PRO A 77 32.95 8.12 -7.50
N SER A 78 33.22 8.10 -6.20
CA SER A 78 33.42 9.33 -5.43
C SER A 78 34.86 9.79 -5.51
N SER A 79 35.08 11.09 -5.28
CA SER A 79 36.43 11.66 -5.33
C SER A 79 37.12 11.53 -3.98
N GLY A 80 38.44 11.67 -3.97
CA GLY A 80 39.20 11.58 -2.74
C GLY A 80 38.83 12.67 -1.76
#